data_9MEZ
#
_entry.id   9MEZ
#
_cell.length_a   70.764
_cell.length_b   110.788
_cell.length_c   223.253
_cell.angle_alpha   90.00
_cell.angle_beta   94.53
_cell.angle_gamma   90.00
#
_symmetry.space_group_name_H-M   'P 1 21 1'
#
loop_
_entity.id
_entity.type
_entity.pdbx_description
1 polymer 'Ras-related protein M-Ras'
2 polymer 'Leucine-zipper-like transcriptional regulator 1'
3 non-polymer "GUANOSINE-5'-DIPHOSPHATE"
4 non-polymer 'MAGNESIUM ION'
5 non-polymer 'FORMIC ACID'
6 non-polymer 'MALONIC ACID'
7 non-polymer 'ACETATE ION'
8 water water
#
loop_
_entity_poly.entity_id
_entity_poly.type
_entity_poly.pdbx_seq_one_letter_code
_entity_poly.pdbx_strand_id
1 'polypeptide(L)'
;GMATSAVPSDNLPTYKLVVVGDGGVGKSALTIQFFQKIFVPDYDPTIEDSYLKHTEIDNQWAILDVLDTAGQEEFSAMRE
QYMRTGDGFLIVYSVTDKASFEHVDRFHQLILRVKDRESFPMILVANKVDLMHLRKITREQGKEMATKHNIPYIETSAKD
PPLNVDKAFHDLVRVIRQQIPE
;
A,C,E,G,I
2 'polypeptide(L)'
;GTVHRWRRLPPCDEFVGARRSKHTVVAYKDAIYVFGGDNGKTMLNDLLRFDVKDCSWCRAFTTGTPPAPRYHHSAVVYGS
SMFVFGGYTGDIYSNSNLKNKNDLFEYKFATGQWTEWKIEGRLPVARSAHGATVYSDKLWIFAGYDGNARLNDMWTIGLQ
DRELTCWEEVAQSGEIPPSCCNFPVAVCRDKMFVFSGQSGAKITNNLFQFEFKDKTWTRIPTEHLLRGSPPPPQRRYGHT
MVAFDRHLYVFGGAADNTLPNELHCYDVDFQTWEVVQPSSDSELPSGRLFHAAAVISDAMYIFGGTVDNNIRSGEMYRFQ
FS
;
B,D,F,H,J
#
loop_
_chem_comp.id
_chem_comp.type
_chem_comp.name
_chem_comp.formula
ACT non-polymer 'ACETATE ION' 'C2 H3 O2 -1'
FMT non-polymer 'FORMIC ACID' 'C H2 O2'
GDP RNA linking GUANOSINE-5'-DIPHOSPHATE 'C10 H15 N5 O11 P2'
MG non-polymer 'MAGNESIUM ION' 'Mg 2'
MLA non-polymer 'MALONIC ACID' 'C3 H4 O4'
#
# COMPACT_ATOMS: atom_id res chain seq x y z
N ASN A 11 -96.74 29.48 1.45
CA ASN A 11 -95.77 28.40 1.43
C ASN A 11 -96.37 27.11 0.90
N LEU A 12 -96.56 27.05 -0.41
CA LEU A 12 -97.10 25.84 -1.02
C LEU A 12 -95.97 25.02 -1.62
N PRO A 13 -95.98 23.69 -1.46
CA PRO A 13 -94.88 22.89 -2.00
C PRO A 13 -95.08 22.64 -3.49
N THR A 14 -93.97 22.64 -4.22
CA THR A 14 -93.96 22.43 -5.66
C THR A 14 -93.21 21.14 -5.99
N TYR A 15 -93.83 20.30 -6.82
CA TYR A 15 -93.26 19.01 -7.20
C TYR A 15 -93.02 19.03 -8.71
N LYS A 16 -91.75 18.96 -9.10
CA LYS A 16 -91.36 18.93 -10.50
C LYS A 16 -91.34 17.48 -10.97
N LEU A 17 -92.29 17.11 -11.83
CA LEU A 17 -92.43 15.76 -12.32
C LEU A 17 -92.10 15.73 -13.81
N VAL A 18 -91.42 14.68 -14.25
CA VAL A 18 -91.00 14.54 -15.64
C VAL A 18 -91.55 13.24 -16.19
N VAL A 19 -92.21 13.32 -17.35
CA VAL A 19 -92.80 12.17 -18.01
C VAL A 19 -91.86 11.76 -19.13
N VAL A 20 -91.23 10.60 -19.00
CA VAL A 20 -90.26 10.11 -19.98
C VAL A 20 -90.73 8.78 -20.53
N GLY A 21 -90.21 8.44 -21.71
CA GLY A 21 -90.61 7.21 -22.36
C GLY A 21 -90.37 7.29 -23.85
N ASP A 22 -90.51 6.13 -24.49
CA ASP A 22 -90.31 6.05 -25.94
C ASP A 22 -91.35 6.89 -26.66
N GLY A 23 -91.10 7.14 -27.94
CA GLY A 23 -92.05 7.87 -28.76
C GLY A 23 -93.29 7.04 -29.01
N GLY A 24 -94.46 7.65 -28.81
CA GLY A 24 -95.72 7.00 -29.07
C GLY A 24 -96.31 6.23 -27.92
N VAL A 25 -95.62 6.12 -26.78
CA VAL A 25 -96.16 5.37 -25.66
C VAL A 25 -97.39 6.07 -25.07
N GLY A 26 -97.46 7.39 -25.20
CA GLY A 26 -98.60 8.14 -24.73
C GLY A 26 -98.30 9.15 -23.65
N LYS A 27 -97.09 9.71 -23.67
CA LYS A 27 -96.72 10.71 -22.67
C LYS A 27 -97.60 11.95 -22.81
N SER A 28 -97.78 12.43 -24.04
CA SER A 28 -98.59 13.62 -24.26
C SER A 28 -100.05 13.35 -23.92
N ALA A 29 -100.57 12.20 -24.35
CA ALA A 29 -101.95 11.85 -24.04
C ALA A 29 -102.20 11.85 -22.54
N LEU A 30 -101.31 11.22 -21.76
CA LEU A 30 -101.49 11.14 -20.31
C LEU A 30 -101.43 12.52 -19.68
N THR A 31 -100.41 13.31 -20.01
CA THR A 31 -100.28 14.64 -19.43
C THR A 31 -101.50 15.50 -19.74
N ILE A 32 -101.93 15.52 -21.01
CA ILE A 32 -103.07 16.34 -21.38
C ILE A 32 -104.34 15.82 -20.72
N GLN A 33 -104.49 14.49 -20.64
CA GLN A 33 -105.61 13.91 -19.90
C GLN A 33 -105.58 14.33 -18.44
N PHE A 34 -104.39 14.30 -17.82
CA PHE A 34 -104.28 14.62 -16.41
C PHE A 34 -104.60 16.08 -16.13
N PHE A 35 -104.11 16.98 -16.99
CA PHE A 35 -104.24 18.41 -16.75
C PHE A 35 -105.51 19.01 -17.35
N GLN A 36 -105.90 18.57 -18.54
CA GLN A 36 -106.98 19.21 -19.28
C GLN A 36 -108.24 18.35 -19.38
N LYS A 37 -108.23 17.15 -18.79
CA LYS A 37 -109.42 16.30 -18.68
C LYS A 37 -110.03 16.00 -20.05
N ILE A 38 -109.17 15.67 -21.02
CA ILE A 38 -109.61 15.33 -22.37
C ILE A 38 -108.54 14.46 -22.99
N PHE A 39 -108.98 13.46 -23.76
CA PHE A 39 -108.07 12.63 -24.54
C PHE A 39 -107.84 13.29 -25.89
N VAL A 40 -106.59 13.64 -26.18
CA VAL A 40 -106.21 14.26 -27.44
C VAL A 40 -105.40 13.23 -28.23
N PRO A 41 -105.97 12.65 -29.28
CA PRO A 41 -105.22 11.67 -30.08
C PRO A 41 -104.28 12.33 -31.06
N ASP A 42 -103.10 11.73 -31.22
CA ASP A 42 -102.10 12.15 -32.20
C ASP A 42 -101.63 13.59 -31.95
N TYR A 43 -101.27 13.87 -30.71
CA TYR A 43 -100.63 15.14 -30.39
C TYR A 43 -99.24 15.18 -31.03
N ASP A 44 -98.83 16.38 -31.44
CA ASP A 44 -97.57 16.60 -32.17
C ASP A 44 -96.42 15.86 -31.50
N PRO A 45 -95.86 14.85 -32.16
CA PRO A 45 -94.83 14.01 -31.51
C PRO A 45 -93.58 14.76 -31.09
N THR A 46 -93.29 15.92 -31.66
CA THR A 46 -92.05 16.63 -31.34
C THR A 46 -92.25 17.72 -30.29
N ILE A 47 -93.49 18.13 -30.03
CA ILE A 47 -93.73 19.19 -29.06
C ILE A 47 -93.36 18.72 -27.67
N GLU A 48 -92.56 19.53 -26.98
CA GLU A 48 -92.09 19.25 -25.63
C GLU A 48 -92.33 20.49 -24.79
N ASP A 49 -93.34 20.45 -23.91
CA ASP A 49 -93.70 21.60 -23.11
C ASP A 49 -94.14 21.15 -21.73
N SER A 50 -94.36 22.12 -20.85
CA SER A 50 -94.67 21.87 -19.45
C SER A 50 -96.09 22.30 -19.12
N TYR A 51 -96.62 21.69 -18.04
CA TYR A 51 -97.97 21.93 -17.57
C TYR A 51 -97.94 22.24 -16.07
N LEU A 52 -98.95 23.00 -15.62
CA LEU A 52 -99.02 23.47 -14.24
C LEU A 52 -100.44 23.38 -13.72
N LYS A 53 -100.60 22.79 -12.53
CA LYS A 53 -101.86 22.80 -11.81
C LYS A 53 -101.59 22.93 -10.32
N HIS A 54 -102.64 23.32 -9.59
CA HIS A 54 -102.65 23.26 -8.13
C HIS A 54 -103.65 22.16 -7.74
N THR A 55 -103.15 21.06 -7.19
CA THR A 55 -104.00 19.96 -6.80
C THR A 55 -103.73 19.59 -5.34
N GLU A 56 -104.73 18.99 -4.70
CA GLU A 56 -104.66 18.57 -3.31
C GLU A 56 -104.51 17.05 -3.26
N ILE A 57 -103.36 16.58 -2.79
CA ILE A 57 -103.07 15.16 -2.67
C ILE A 57 -103.01 14.81 -1.19
N ASP A 58 -103.81 13.81 -0.78
CA ASP A 58 -103.91 13.39 0.61
C ASP A 58 -104.21 14.58 1.51
N ASN A 59 -105.24 15.34 1.12
CA ASN A 59 -105.72 16.52 1.84
C ASN A 59 -104.63 17.57 2.03
N GLN A 60 -103.59 17.56 1.18
CA GLN A 60 -102.51 18.53 1.25
C GLN A 60 -102.34 19.17 -0.11
N TRP A 61 -102.47 20.49 -0.16
CA TRP A 61 -102.33 21.21 -1.42
C TRP A 61 -100.90 21.18 -1.92
N ALA A 62 -100.75 21.13 -3.24
CA ALA A 62 -99.44 21.02 -3.87
C ALA A 62 -99.51 21.62 -5.26
N ILE A 63 -98.37 22.15 -5.71
CA ILE A 63 -98.20 22.64 -7.08
C ILE A 63 -97.52 21.54 -7.88
N LEU A 64 -98.08 21.21 -9.04
CA LEU A 64 -97.54 20.16 -9.89
C LEU A 64 -96.96 20.78 -11.16
N ASP A 65 -95.66 20.59 -11.38
CA ASP A 65 -94.94 21.11 -12.55
C ASP A 65 -94.49 19.92 -13.38
N VAL A 66 -95.25 19.58 -14.42
CA VAL A 66 -95.01 18.39 -15.22
C VAL A 66 -94.50 18.80 -16.58
N LEU A 67 -93.48 18.09 -17.09
CA LEU A 67 -92.94 18.33 -18.42
C LEU A 67 -93.15 17.08 -19.26
N ASP A 68 -93.85 17.24 -20.38
CA ASP A 68 -94.03 16.18 -21.37
C ASP A 68 -92.80 16.13 -22.26
N THR A 69 -91.95 15.12 -22.08
CA THR A 69 -90.73 15.03 -22.85
C THR A 69 -91.01 14.57 -24.27
N ALA A 70 -90.11 14.93 -25.17
CA ALA A 70 -90.20 14.54 -26.57
C ALA A 70 -88.81 14.60 -27.18
N GLY A 71 -88.58 13.75 -28.18
CA GLY A 71 -87.29 13.70 -28.84
C GLY A 71 -86.24 12.94 -28.06
N GLN A 72 -85.33 12.27 -28.76
CA GLN A 72 -84.28 11.50 -28.12
C GLN A 72 -82.89 12.09 -28.28
N GLU A 73 -82.76 13.18 -29.04
CA GLU A 73 -81.46 13.84 -29.20
C GLU A 73 -81.10 14.59 -27.92
N GLU A 74 -80.03 15.37 -27.99
CA GLU A 74 -79.54 16.07 -26.81
C GLU A 74 -80.59 17.00 -26.23
N PHE A 75 -80.54 17.20 -24.92
CA PHE A 75 -81.60 17.90 -24.21
C PHE A 75 -81.54 19.39 -24.52
N SER A 76 -82.71 19.97 -24.79
CA SER A 76 -82.81 21.42 -24.81
C SER A 76 -82.49 21.96 -23.42
N ALA A 77 -82.19 23.27 -23.36
CA ALA A 77 -81.92 23.88 -22.06
C ALA A 77 -83.08 23.67 -21.10
N MET A 78 -84.31 23.67 -21.61
CA MET A 78 -85.47 23.42 -20.75
C MET A 78 -85.52 21.96 -20.32
N ARG A 79 -85.38 21.04 -21.28
CA ARG A 79 -85.43 19.61 -20.96
C ARG A 79 -84.37 19.24 -19.95
N GLU A 80 -83.14 19.69 -20.17
CA GLU A 80 -82.04 19.32 -19.27
C GLU A 80 -82.32 19.75 -17.84
N GLN A 81 -82.62 21.03 -17.62
CA GLN A 81 -82.79 21.52 -16.25
C GLN A 81 -83.97 20.85 -15.58
N TYR A 82 -84.99 20.44 -16.36
CA TYR A 82 -86.07 19.64 -15.79
C TYR A 82 -85.58 18.25 -15.41
N MET A 83 -84.75 17.64 -16.26
CA MET A 83 -84.25 16.30 -15.97
C MET A 83 -83.29 16.30 -14.80
N ARG A 84 -82.63 17.42 -14.54
CA ARG A 84 -81.66 17.50 -13.46
C ARG A 84 -82.28 17.90 -12.12
N THR A 85 -83.34 18.71 -12.15
CA THR A 85 -83.98 19.20 -10.93
C THR A 85 -85.32 18.54 -10.66
N GLY A 86 -85.75 17.61 -11.51
CA GLY A 86 -87.05 16.99 -11.30
C GLY A 86 -87.08 16.20 -10.00
N ASP A 87 -88.22 16.32 -9.30
CA ASP A 87 -88.40 15.61 -8.04
C ASP A 87 -88.81 14.16 -8.24
N GLY A 88 -89.39 13.83 -9.40
CA GLY A 88 -89.80 12.47 -9.68
C GLY A 88 -89.98 12.29 -11.17
N PHE A 89 -90.02 11.02 -11.58
CA PHE A 89 -90.09 10.67 -13.00
C PHE A 89 -91.13 9.60 -13.22
N LEU A 90 -91.85 9.72 -14.34
CA LEU A 90 -92.81 8.71 -14.79
C LEU A 90 -92.20 8.06 -16.04
N ILE A 91 -91.69 6.84 -15.87
CA ILE A 91 -91.15 6.07 -16.99
C ILE A 91 -92.32 5.34 -17.63
N VAL A 92 -92.65 5.69 -18.86
CA VAL A 92 -93.86 5.23 -19.52
C VAL A 92 -93.47 4.37 -20.71
N TYR A 93 -94.09 3.20 -20.82
CA TYR A 93 -93.99 2.36 -22.00
C TYR A 93 -95.39 1.98 -22.46
N SER A 94 -95.47 1.53 -23.71
CA SER A 94 -96.73 1.08 -24.30
C SER A 94 -96.76 -0.43 -24.28
N VAL A 95 -97.90 -0.99 -23.84
CA VAL A 95 -98.05 -2.44 -23.75
C VAL A 95 -98.25 -3.02 -25.15
N THR A 96 -98.27 -2.15 -26.16
CA THR A 96 -98.35 -2.57 -27.55
C THR A 96 -97.05 -2.40 -28.30
N ASP A 97 -96.03 -1.80 -27.68
CA ASP A 97 -94.73 -1.59 -28.30
C ASP A 97 -93.67 -2.27 -27.45
N LYS A 98 -93.27 -3.48 -27.85
CA LYS A 98 -92.27 -4.23 -27.09
C LYS A 98 -90.95 -3.49 -27.00
N ALA A 99 -90.64 -2.68 -28.01
CA ALA A 99 -89.39 -1.91 -27.96
C ALA A 99 -89.40 -0.91 -26.81
N SER A 100 -90.53 -0.25 -26.58
CA SER A 100 -90.62 0.70 -25.47
C SER A 100 -90.39 0.00 -24.14
N PHE A 101 -90.83 -1.25 -24.01
CA PHE A 101 -90.62 -1.98 -22.77
C PHE A 101 -89.15 -2.31 -22.58
N GLU A 102 -88.47 -2.75 -23.64
CA GLU A 102 -87.05 -3.05 -23.54
C GLU A 102 -86.22 -1.81 -23.24
N HIS A 103 -86.76 -0.62 -23.50
CA HIS A 103 -86.06 0.63 -23.26
C HIS A 103 -86.33 1.20 -21.86
N VAL A 104 -87.19 0.57 -21.08
CA VAL A 104 -87.41 1.01 -19.71
C VAL A 104 -86.08 1.02 -18.95
N ASP A 105 -85.27 -0.01 -19.17
CA ASP A 105 -83.95 -0.06 -18.56
C ASP A 105 -83.10 1.13 -18.98
N ARG A 106 -83.16 1.49 -20.28
CA ARG A 106 -82.39 2.63 -20.77
C ARG A 106 -82.78 3.93 -20.08
N PHE A 107 -84.09 4.16 -19.93
CA PHE A 107 -84.55 5.37 -19.25
C PHE A 107 -84.22 5.33 -17.77
N HIS A 108 -84.35 4.15 -17.15
CA HIS A 108 -83.98 3.99 -15.74
C HIS A 108 -82.54 4.42 -15.50
N GLN A 109 -81.60 3.86 -16.27
CA GLN A 109 -80.19 4.23 -16.12
C GLN A 109 -79.97 5.71 -16.39
N LEU A 110 -80.71 6.28 -17.35
CA LEU A 110 -80.54 7.69 -17.68
C LEU A 110 -80.84 8.59 -16.50
N ILE A 111 -81.92 8.32 -15.77
CA ILE A 111 -82.30 9.18 -14.65
C ILE A 111 -81.25 9.12 -13.55
N LEU A 112 -80.83 7.91 -13.18
CA LEU A 112 -79.83 7.77 -12.12
C LEU A 112 -78.49 8.38 -12.54
N ARG A 113 -78.08 8.17 -13.79
CA ARG A 113 -76.84 8.78 -14.27
C ARG A 113 -76.89 10.30 -14.18
N VAL A 114 -78.00 10.89 -14.63
CA VAL A 114 -78.16 12.34 -14.53
C VAL A 114 -78.17 12.77 -13.07
N LYS A 115 -79.03 12.13 -12.27
CA LYS A 115 -79.16 12.51 -10.87
C LYS A 115 -77.95 12.13 -10.04
N ASP A 116 -77.08 11.25 -10.55
CA ASP A 116 -75.93 10.75 -9.80
C ASP A 116 -76.37 10.17 -8.46
N ARG A 117 -77.35 9.27 -8.53
CA ARG A 117 -77.91 8.68 -7.33
C ARG A 117 -78.09 7.18 -7.55
N GLU A 118 -78.13 6.44 -6.45
CA GLU A 118 -78.39 5.00 -6.53
C GLU A 118 -79.87 4.69 -6.70
N SER A 119 -80.75 5.61 -6.32
CA SER A 119 -82.19 5.44 -6.47
C SER A 119 -82.85 6.81 -6.49
N PHE A 120 -83.95 6.92 -7.22
CA PHE A 120 -84.66 8.19 -7.30
C PHE A 120 -86.15 7.90 -7.46
N PRO A 121 -87.01 8.80 -6.96
CA PRO A 121 -88.47 8.62 -7.14
C PRO A 121 -88.89 8.38 -8.58
N MET A 122 -89.42 7.19 -8.84
CA MET A 122 -89.84 6.78 -10.17
C MET A 122 -91.02 5.83 -10.05
N ILE A 123 -91.85 5.82 -11.08
CA ILE A 123 -93.00 4.92 -11.16
C ILE A 123 -93.06 4.38 -12.59
N LEU A 124 -93.10 3.06 -12.72
CA LEU A 124 -93.27 2.46 -14.04
C LEU A 124 -94.74 2.55 -14.46
N VAL A 125 -94.96 3.00 -15.68
CA VAL A 125 -96.31 3.25 -16.19
C VAL A 125 -96.50 2.47 -17.48
N ALA A 126 -97.44 1.52 -17.46
CA ALA A 126 -97.82 0.76 -18.64
C ALA A 126 -99.07 1.40 -19.22
N ASN A 127 -98.95 1.98 -20.41
CA ASN A 127 -100.03 2.76 -21.00
C ASN A 127 -100.65 2.01 -22.17
N LYS A 128 -101.77 2.54 -22.66
CA LYS A 128 -102.56 1.95 -23.76
C LYS A 128 -103.12 0.60 -23.37
N VAL A 129 -103.40 0.41 -22.09
CA VAL A 129 -103.98 -0.84 -21.61
C VAL A 129 -105.35 -1.08 -22.22
N ASP A 130 -106.03 -0.02 -22.65
CA ASP A 130 -107.33 -0.18 -23.30
C ASP A 130 -107.22 -1.04 -24.55
N LEU A 131 -106.11 -0.94 -25.28
CA LEU A 131 -105.87 -1.73 -26.48
C LEU A 131 -105.52 -3.15 -26.04
N MET A 132 -106.57 -3.94 -25.77
CA MET A 132 -106.38 -5.29 -25.25
C MET A 132 -106.02 -6.27 -26.35
N HIS A 133 -106.74 -6.21 -27.48
CA HIS A 133 -106.50 -7.16 -28.57
C HIS A 133 -105.09 -7.07 -29.11
N LEU A 134 -104.47 -5.90 -29.01
CA LEU A 134 -103.11 -5.68 -29.49
C LEU A 134 -102.09 -5.61 -28.36
N ARG A 135 -102.46 -6.03 -27.16
CA ARG A 135 -101.54 -5.97 -26.03
C ARG A 135 -100.43 -6.99 -26.21
N LYS A 136 -99.19 -6.57 -25.98
CA LYS A 136 -98.02 -7.41 -26.18
C LYS A 136 -97.30 -7.75 -24.88
N ILE A 137 -97.25 -6.79 -23.95
CA ILE A 137 -96.61 -6.98 -22.64
C ILE A 137 -97.69 -7.22 -21.61
N THR A 138 -97.56 -8.32 -20.87
CA THR A 138 -98.58 -8.70 -19.90
C THR A 138 -98.42 -7.87 -18.61
N ARG A 139 -99.25 -8.19 -17.61
CA ARG A 139 -99.12 -7.51 -16.32
C ARG A 139 -97.93 -8.04 -15.54
N GLU A 140 -97.73 -9.37 -15.55
CA GLU A 140 -96.61 -9.95 -14.82
C GLU A 140 -95.28 -9.47 -15.41
N GLN A 141 -95.22 -9.31 -16.73
CA GLN A 141 -94.03 -8.79 -17.38
C GLN A 141 -93.68 -7.41 -16.84
N GLY A 142 -94.67 -6.50 -16.85
CA GLY A 142 -94.43 -5.16 -16.34
C GLY A 142 -94.20 -5.13 -14.84
N LYS A 143 -94.99 -5.91 -14.10
CA LYS A 143 -94.82 -5.94 -12.65
C LYS A 143 -93.45 -6.48 -12.27
N GLU A 144 -92.95 -7.46 -13.03
CA GLU A 144 -91.60 -7.95 -12.79
C GLU A 144 -90.57 -6.88 -13.08
N MET A 145 -90.73 -6.16 -14.19
CA MET A 145 -89.83 -5.06 -14.52
C MET A 145 -89.80 -4.02 -13.40
N ALA A 146 -90.96 -3.68 -12.84
CA ALA A 146 -91.02 -2.68 -11.78
C ALA A 146 -90.33 -3.18 -10.52
N THR A 147 -90.68 -4.38 -10.06
CA THR A 147 -90.02 -4.93 -8.89
C THR A 147 -88.54 -5.22 -9.13
N LYS A 148 -88.14 -5.32 -10.40
CA LYS A 148 -86.73 -5.42 -10.72
C LYS A 148 -85.99 -4.13 -10.38
N HIS A 149 -86.57 -2.99 -10.74
CA HIS A 149 -86.00 -1.68 -10.43
C HIS A 149 -86.42 -1.14 -9.08
N ASN A 150 -87.18 -1.92 -8.30
CA ASN A 150 -87.65 -1.51 -6.97
C ASN A 150 -88.43 -0.19 -7.04
N ILE A 151 -89.39 -0.13 -7.97
CA ILE A 151 -90.26 1.04 -8.13
C ILE A 151 -91.67 0.58 -8.38
N PRO A 152 -92.65 1.41 -8.03
CA PRO A 152 -94.06 1.01 -8.18
C PRO A 152 -94.44 0.83 -9.64
N TYR A 153 -95.57 0.16 -9.85
CA TYR A 153 -96.08 -0.19 -11.17
C TYR A 153 -97.55 0.20 -11.26
N ILE A 154 -97.91 0.93 -12.32
CA ILE A 154 -99.29 1.34 -12.54
C ILE A 154 -99.62 1.13 -14.02
N GLU A 155 -100.80 0.57 -14.27
CA GLU A 155 -101.34 0.43 -15.62
C GLU A 155 -102.28 1.61 -15.89
N THR A 156 -102.10 2.26 -17.04
CA THR A 156 -102.86 3.46 -17.35
C THR A 156 -103.42 3.39 -18.77
N SER A 157 -104.45 4.19 -18.99
CA SER A 157 -105.01 4.42 -20.33
C SER A 157 -105.53 5.85 -20.37
N ALA A 158 -105.02 6.64 -21.31
CA ALA A 158 -105.46 8.02 -21.45
C ALA A 158 -106.69 8.17 -22.31
N LYS A 159 -107.10 7.11 -22.99
CA LYS A 159 -108.29 7.14 -23.83
C LYS A 159 -109.54 7.08 -22.97
N ASP A 160 -110.54 7.89 -23.34
CA ASP A 160 -111.75 8.00 -22.55
C ASP A 160 -112.47 6.66 -22.45
N PRO A 161 -112.83 6.21 -21.24
CA PRO A 161 -112.60 6.85 -19.94
C PRO A 161 -111.19 6.57 -19.43
N PRO A 162 -110.51 7.58 -18.89
CA PRO A 162 -109.11 7.40 -18.49
C PRO A 162 -108.98 6.47 -17.30
N LEU A 163 -107.83 5.79 -17.23
CA LEU A 163 -107.55 4.80 -16.21
C LEU A 163 -106.26 5.16 -15.49
N ASN A 164 -106.36 5.39 -14.19
CA ASN A 164 -105.22 5.64 -13.30
C ASN A 164 -104.36 6.83 -13.74
N VAL A 165 -104.90 7.72 -14.58
CA VAL A 165 -104.12 8.88 -15.00
C VAL A 165 -103.85 9.81 -13.82
N ASP A 166 -104.89 10.17 -13.08
CA ASP A 166 -104.70 11.01 -11.90
C ASP A 166 -103.90 10.29 -10.82
N LYS A 167 -104.19 9.01 -10.61
CA LYS A 167 -103.50 8.25 -9.56
C LYS A 167 -102.01 8.15 -9.84
N ALA A 168 -101.64 7.91 -11.10
CA ALA A 168 -100.23 7.78 -11.47
C ALA A 168 -99.42 9.00 -11.02
N PHE A 169 -99.87 10.20 -11.39
CA PHE A 169 -99.16 11.40 -10.99
C PHE A 169 -99.21 11.59 -9.47
N HIS A 170 -100.39 11.40 -8.86
CA HIS A 170 -100.52 11.57 -7.42
C HIS A 170 -99.64 10.60 -6.65
N ASP A 171 -99.55 9.35 -7.11
CA ASP A 171 -98.71 8.37 -6.43
C ASP A 171 -97.25 8.78 -6.49
N LEU A 172 -96.81 9.34 -7.62
CA LEU A 172 -95.44 9.84 -7.72
C LEU A 172 -95.16 10.89 -6.67
N VAL A 173 -96.08 11.83 -6.46
CA VAL A 173 -95.94 12.81 -5.40
C VAL A 173 -95.82 12.12 -4.04
N ARG A 174 -96.65 11.12 -3.80
CA ARG A 174 -96.61 10.39 -2.53
C ARG A 174 -95.26 9.72 -2.32
N VAL A 175 -94.67 9.17 -3.38
CA VAL A 175 -93.34 8.57 -3.27
C VAL A 175 -92.33 9.62 -2.84
N ILE A 176 -92.42 10.83 -3.41
CA ILE A 176 -91.50 11.90 -3.05
C ILE A 176 -91.65 12.29 -1.59
N ARG A 177 -92.90 12.34 -1.10
CA ARG A 177 -93.14 12.76 0.28
C ARG A 177 -92.62 11.77 1.30
N GLN A 178 -92.54 10.48 0.94
CA GLN A 178 -92.14 9.43 1.86
C GLN A 178 -90.66 9.04 1.72
N GLN A 179 -89.81 9.99 1.36
CA GLN A 179 -88.38 9.76 1.28
C GLN A 179 -87.65 10.61 2.30
N ILE A 180 -86.36 10.31 2.48
CA ILE A 180 -85.47 10.91 3.48
C ILE A 180 -86.20 11.32 4.76
N GLY B 1 -60.02 25.84 -52.76
CA GLY B 1 -60.58 27.16 -52.97
C GLY B 1 -61.85 27.14 -53.81
N THR B 2 -62.30 25.93 -54.15
CA THR B 2 -63.53 25.78 -54.91
C THR B 2 -64.69 26.43 -54.17
N VAL B 3 -65.51 27.19 -54.92
CA VAL B 3 -66.62 27.88 -54.29
C VAL B 3 -67.72 26.88 -53.94
N HIS B 4 -68.49 27.20 -52.90
CA HIS B 4 -69.56 26.34 -52.38
C HIS B 4 -69.03 24.93 -52.12
N ARG B 5 -67.93 24.85 -51.38
CA ARG B 5 -67.26 23.58 -51.09
C ARG B 5 -67.07 23.46 -49.58
N TRP B 6 -67.58 22.37 -49.02
CA TRP B 6 -67.25 22.02 -47.64
C TRP B 6 -65.83 21.49 -47.57
N ARG B 7 -65.10 21.85 -46.53
CA ARG B 7 -63.73 21.41 -46.35
C ARG B 7 -63.51 21.04 -44.89
N ARG B 8 -63.03 19.84 -44.65
CA ARG B 8 -62.76 19.36 -43.30
C ARG B 8 -61.41 19.90 -42.85
N LEU B 9 -61.44 20.98 -42.08
CA LEU B 9 -60.22 21.60 -41.56
C LEU B 9 -59.67 20.78 -40.40
N PRO B 10 -58.40 20.99 -40.03
CA PRO B 10 -57.79 20.20 -38.95
C PRO B 10 -58.59 20.34 -37.66
N PRO B 11 -58.94 19.22 -37.03
CA PRO B 11 -59.71 19.29 -35.79
C PRO B 11 -58.86 19.77 -34.63
N CYS B 12 -59.54 20.16 -33.55
CA CYS B 12 -58.84 20.59 -32.35
C CYS B 12 -58.13 19.41 -31.73
N ASP B 13 -56.80 19.51 -31.62
CA ASP B 13 -56.02 18.41 -31.08
C ASP B 13 -56.44 18.12 -29.65
N GLU B 14 -56.30 16.84 -29.26
CA GLU B 14 -56.79 16.42 -27.96
C GLU B 14 -56.05 17.11 -26.82
N PHE B 15 -54.78 17.44 -27.02
CA PHE B 15 -54.00 18.11 -25.99
C PHE B 15 -54.24 19.61 -25.95
N VAL B 16 -54.91 20.18 -26.95
CA VAL B 16 -55.27 21.59 -26.93
C VAL B 16 -56.58 21.83 -26.20
N GLY B 17 -57.60 21.06 -26.53
CA GLY B 17 -58.90 21.20 -25.89
C GLY B 17 -59.80 20.02 -26.20
N ALA B 18 -60.76 19.77 -25.31
CA ALA B 18 -61.62 18.60 -25.47
C ALA B 18 -62.71 18.86 -26.50
N ARG B 19 -63.04 17.82 -27.26
CA ARG B 19 -64.21 17.86 -28.14
C ARG B 19 -65.45 18.15 -27.31
N ARG B 20 -66.25 19.12 -27.77
CA ARG B 20 -67.25 19.74 -26.91
C ARG B 20 -68.51 20.08 -27.69
N SER B 21 -69.59 20.35 -26.94
CA SER B 21 -70.82 20.89 -27.49
C SER B 21 -71.31 22.00 -26.56
N LYS B 22 -72.36 22.70 -27.00
CA LYS B 22 -72.96 23.81 -26.27
C LYS B 22 -71.95 24.91 -25.99
N HIS B 23 -70.88 24.96 -26.77
CA HIS B 23 -69.83 25.94 -26.62
C HIS B 23 -70.20 27.21 -27.40
N THR B 24 -69.31 28.19 -27.38
CA THR B 24 -69.51 29.40 -28.15
C THR B 24 -68.29 29.66 -29.03
N VAL B 25 -68.56 30.11 -30.25
CA VAL B 25 -67.52 30.42 -31.23
C VAL B 25 -67.70 31.87 -31.64
N VAL B 26 -66.60 32.62 -31.66
CA VAL B 26 -66.60 34.02 -32.05
C VAL B 26 -65.44 34.24 -33.02
N ALA B 27 -65.71 35.03 -34.07
CA ALA B 27 -64.71 35.37 -35.07
C ALA B 27 -64.09 36.70 -34.72
N TYR B 28 -62.76 36.77 -34.80
CA TYR B 28 -62.05 38.02 -34.58
C TYR B 28 -60.80 38.01 -35.43
N LYS B 29 -60.61 39.08 -36.21
CA LYS B 29 -59.48 39.19 -37.12
C LYS B 29 -59.49 37.97 -38.04
N ASP B 30 -58.39 37.19 -38.06
CA ASP B 30 -58.36 35.97 -38.86
C ASP B 30 -58.32 34.71 -37.99
N ALA B 31 -58.99 34.73 -36.84
CA ALA B 31 -58.97 33.60 -35.92
C ALA B 31 -60.37 33.38 -35.36
N ILE B 32 -60.66 32.13 -35.02
CA ILE B 32 -61.92 31.73 -34.39
C ILE B 32 -61.63 31.34 -32.95
N TYR B 33 -62.40 31.90 -32.02
CA TYR B 33 -62.16 31.67 -30.60
C TYR B 33 -63.29 30.84 -30.02
N VAL B 34 -62.95 29.69 -29.45
CA VAL B 34 -63.91 28.78 -28.85
C VAL B 34 -63.82 28.92 -27.34
N PHE B 35 -64.96 29.14 -26.69
CA PHE B 35 -65.02 29.27 -25.25
C PHE B 35 -66.14 28.42 -24.67
N GLY B 36 -65.89 27.86 -23.48
CA GLY B 36 -66.88 27.11 -22.77
C GLY B 36 -67.23 25.82 -23.49
N GLY B 37 -68.25 25.14 -22.95
CA GLY B 37 -68.80 23.99 -23.61
C GLY B 37 -68.91 22.80 -22.68
N ASP B 38 -69.24 21.65 -23.27
CA ASP B 38 -69.47 20.40 -22.55
C ASP B 38 -68.71 19.30 -23.28
N ASN B 39 -67.73 18.70 -22.59
CA ASN B 39 -66.91 17.65 -23.18
C ASN B 39 -67.52 16.26 -22.99
N GLY B 40 -68.72 16.17 -22.43
CA GLY B 40 -69.36 14.92 -22.12
C GLY B 40 -69.31 14.51 -20.67
N LYS B 41 -68.44 15.13 -19.89
CA LYS B 41 -68.29 14.79 -18.47
C LYS B 41 -68.35 16.01 -17.57
N THR B 42 -67.83 17.16 -18.01
CA THR B 42 -67.81 18.35 -17.17
C THR B 42 -68.01 19.58 -18.04
N MET B 43 -68.29 20.71 -17.38
CA MET B 43 -68.32 21.99 -18.07
C MET B 43 -66.90 22.49 -18.29
N LEU B 44 -66.78 23.45 -19.21
CA LEU B 44 -65.47 23.96 -19.61
C LEU B 44 -65.45 25.47 -19.56
N ASN B 45 -64.23 26.01 -19.37
CA ASN B 45 -64.02 27.46 -19.48
C ASN B 45 -62.65 27.79 -20.07
N ASP B 46 -62.12 26.89 -20.89
CA ASP B 46 -60.90 27.20 -21.61
C ASP B 46 -61.23 28.04 -22.85
N LEU B 47 -60.20 28.64 -23.43
CA LEU B 47 -60.36 29.48 -24.60
C LEU B 47 -59.42 28.97 -25.69
N LEU B 48 -60.00 28.53 -26.79
CA LEU B 48 -59.22 27.99 -27.90
C LEU B 48 -59.16 29.02 -29.03
N ARG B 49 -58.16 28.88 -29.88
CA ARG B 49 -57.97 29.80 -31.00
C ARG B 49 -57.62 28.99 -32.23
N PHE B 50 -58.45 29.07 -33.26
CA PHE B 50 -58.20 28.44 -34.55
C PHE B 50 -57.79 29.52 -35.54
N ASP B 51 -56.51 29.54 -35.89
CA ASP B 51 -56.03 30.48 -36.90
C ASP B 51 -56.50 30.02 -38.27
N VAL B 52 -57.41 30.78 -38.88
CA VAL B 52 -58.04 30.36 -40.13
C VAL B 52 -57.03 30.32 -41.27
N LYS B 53 -56.05 31.23 -41.27
CA LYS B 53 -55.16 31.36 -42.41
C LYS B 53 -54.28 30.13 -42.59
N ASP B 54 -53.76 29.58 -41.49
CA ASP B 54 -52.89 28.41 -41.57
C ASP B 54 -53.46 27.20 -40.84
N CYS B 55 -54.69 27.28 -40.34
CA CYS B 55 -55.40 26.13 -39.78
C CYS B 55 -54.63 25.50 -38.61
N SER B 56 -54.26 26.35 -37.65
CA SER B 56 -53.48 25.91 -36.50
C SER B 56 -54.26 26.16 -35.22
N TRP B 57 -54.39 25.12 -34.39
CA TRP B 57 -55.03 25.22 -33.10
C TRP B 57 -54.03 25.59 -32.01
N CYS B 58 -54.53 26.23 -30.96
CA CYS B 58 -53.74 26.54 -29.78
C CYS B 58 -54.69 27.04 -28.70
N ARG B 59 -54.25 26.91 -27.46
CA ARG B 59 -54.96 27.54 -26.34
C ARG B 59 -54.68 29.04 -26.39
N ALA B 60 -55.74 29.84 -26.45
CA ALA B 60 -55.57 31.28 -26.46
C ALA B 60 -54.96 31.77 -25.15
N PHE B 61 -54.15 32.83 -25.25
CA PHE B 61 -53.54 33.40 -24.06
C PHE B 61 -54.60 34.04 -23.19
N THR B 62 -54.68 33.62 -21.93
CA THR B 62 -55.62 34.18 -20.97
C THR B 62 -54.89 34.52 -19.68
N THR B 63 -55.12 35.72 -19.17
CA THR B 63 -54.70 36.10 -17.84
C THR B 63 -55.92 36.62 -17.09
N GLY B 64 -55.87 36.54 -15.77
CA GLY B 64 -57.01 36.85 -14.94
C GLY B 64 -58.00 35.69 -14.91
N THR B 65 -58.81 35.69 -13.86
CA THR B 65 -59.73 34.58 -13.63
C THR B 65 -60.83 34.57 -14.69
N PRO B 66 -60.98 33.49 -15.46
CA PRO B 66 -62.01 33.45 -16.49
C PRO B 66 -63.39 33.18 -15.89
N PRO B 67 -64.46 33.22 -16.69
CA PRO B 67 -65.77 32.87 -16.14
C PRO B 67 -65.80 31.42 -15.67
N ALA B 68 -66.73 31.15 -14.76
CA ALA B 68 -66.90 29.80 -14.26
C ALA B 68 -67.24 28.88 -15.44
N PRO B 69 -66.75 27.63 -15.42
CA PRO B 69 -67.06 26.71 -16.52
C PRO B 69 -68.57 26.62 -16.75
N ARG B 70 -68.96 26.80 -18.00
CA ARG B 70 -70.37 26.96 -18.34
C ARG B 70 -70.61 26.54 -19.77
N TYR B 71 -71.88 26.29 -20.10
CA TYR B 71 -72.30 26.13 -21.47
C TYR B 71 -73.68 26.78 -21.62
N HIS B 72 -74.18 26.78 -22.86
CA HIS B 72 -75.41 27.47 -23.23
C HIS B 72 -75.35 28.95 -22.93
N HIS B 73 -74.14 29.50 -22.85
CA HIS B 73 -73.90 30.92 -22.70
C HIS B 73 -73.81 31.55 -24.08
N SER B 74 -73.62 32.87 -24.10
CA SER B 74 -73.46 33.59 -25.35
C SER B 74 -72.12 34.32 -25.34
N ALA B 75 -71.59 34.53 -26.54
CA ALA B 75 -70.36 35.28 -26.71
C ALA B 75 -70.50 36.14 -27.95
N VAL B 76 -70.12 37.41 -27.83
CA VAL B 76 -70.15 38.35 -28.93
C VAL B 76 -68.84 39.11 -28.90
N VAL B 77 -68.49 39.68 -30.04
CA VAL B 77 -67.29 40.49 -30.18
C VAL B 77 -67.71 41.93 -30.44
N TYR B 78 -67.25 42.83 -29.58
CA TYR B 78 -67.44 44.26 -29.76
C TYR B 78 -66.09 44.94 -29.69
N GLY B 79 -65.71 45.59 -30.79
CA GLY B 79 -64.40 46.21 -30.83
C GLY B 79 -63.32 45.15 -30.72
N SER B 80 -62.38 45.38 -29.80
CA SER B 80 -61.24 44.49 -29.60
C SER B 80 -61.42 43.53 -28.43
N SER B 81 -62.67 43.21 -28.08
CA SER B 81 -62.93 42.35 -26.93
C SER B 81 -64.05 41.38 -27.26
N MET B 82 -64.08 40.28 -26.50
CA MET B 82 -65.16 39.31 -26.55
C MET B 82 -65.93 39.38 -25.25
N PHE B 83 -67.26 39.33 -25.34
CA PHE B 83 -68.13 39.49 -24.18
C PHE B 83 -68.93 38.22 -23.97
N VAL B 84 -68.76 37.61 -22.81
CA VAL B 84 -69.48 36.39 -22.43
C VAL B 84 -70.59 36.78 -21.48
N PHE B 85 -71.79 36.26 -21.72
CA PHE B 85 -72.94 36.54 -20.87
C PHE B 85 -73.73 35.27 -20.63
N GLY B 86 -74.25 35.13 -19.42
CA GLY B 86 -75.21 34.08 -19.13
C GLY B 86 -74.58 32.70 -19.17
N GLY B 87 -75.45 31.71 -19.25
CA GLY B 87 -75.05 30.32 -19.35
C GLY B 87 -75.46 29.51 -18.14
N TYR B 88 -75.00 28.26 -18.13
CA TYR B 88 -75.36 27.26 -17.13
C TYR B 88 -74.09 26.85 -16.38
N THR B 89 -74.10 27.02 -15.07
CA THR B 89 -72.94 26.84 -14.22
C THR B 89 -73.21 25.73 -13.21
N GLY B 90 -72.16 25.01 -12.83
CA GLY B 90 -72.25 24.01 -11.78
C GLY B 90 -71.37 22.81 -12.06
N ASP B 91 -71.75 21.68 -11.48
CA ASP B 91 -71.01 20.42 -11.55
C ASP B 91 -71.92 19.35 -12.15
N ILE B 92 -71.68 19.01 -13.42
CA ILE B 92 -72.57 18.11 -14.16
C ILE B 92 -72.52 16.69 -13.60
N TYR B 93 -71.32 16.17 -13.33
CA TYR B 93 -71.21 14.76 -12.97
C TYR B 93 -71.96 14.47 -11.67
N SER B 94 -71.80 15.33 -10.66
CA SER B 94 -72.45 15.11 -9.37
C SER B 94 -73.82 15.78 -9.29
N ASN B 95 -74.23 16.52 -10.33
CA ASN B 95 -75.56 17.14 -10.42
C ASN B 95 -75.84 18.04 -9.22
N SER B 96 -74.92 18.96 -8.96
CA SER B 96 -75.00 19.81 -7.78
C SER B 96 -74.56 21.23 -8.13
N ASN B 97 -75.07 22.19 -7.35
CA ASN B 97 -74.69 23.60 -7.46
C ASN B 97 -74.93 24.12 -8.88
N LEU B 98 -76.02 23.68 -9.50
CA LEU B 98 -76.39 24.08 -10.84
C LEU B 98 -77.23 25.35 -10.80
N LYS B 99 -76.84 26.35 -11.59
CA LYS B 99 -77.57 27.61 -11.65
C LYS B 99 -77.30 28.29 -12.98
N ASN B 100 -78.33 28.98 -13.49
CA ASN B 100 -78.13 29.87 -14.61
C ASN B 100 -77.43 31.15 -14.15
N LYS B 101 -76.86 31.88 -15.11
CA LYS B 101 -76.03 33.03 -14.79
C LYS B 101 -76.54 34.26 -15.52
N ASN B 102 -76.22 35.43 -14.97
CA ASN B 102 -76.47 36.70 -15.64
C ASN B 102 -75.28 37.62 -15.51
N ASP B 103 -74.08 37.06 -15.37
CA ASP B 103 -72.88 37.86 -15.25
C ASP B 103 -72.36 38.24 -16.63
N LEU B 104 -71.39 39.15 -16.64
CA LEU B 104 -70.81 39.68 -17.87
C LEU B 104 -69.31 39.71 -17.73
N PHE B 105 -68.61 38.96 -18.58
CA PHE B 105 -67.16 38.93 -18.57
C PHE B 105 -66.64 39.46 -19.90
N GLU B 106 -65.58 40.24 -19.85
CA GLU B 106 -64.91 40.75 -21.04
C GLU B 106 -63.55 40.08 -21.19
N TYR B 107 -63.24 39.65 -22.42
CA TYR B 107 -61.93 39.10 -22.76
C TYR B 107 -61.25 40.03 -23.75
N LYS B 108 -60.26 40.77 -23.27
CA LYS B 108 -59.51 41.67 -24.14
C LYS B 108 -58.57 40.85 -25.01
N PHE B 109 -58.71 40.98 -26.33
CA PHE B 109 -57.96 40.13 -27.25
C PHE B 109 -56.48 40.47 -27.26
N ALA B 110 -56.14 41.76 -27.14
CA ALA B 110 -54.75 42.17 -27.26
C ALA B 110 -53.91 41.68 -26.09
N THR B 111 -54.50 41.59 -24.90
CA THR B 111 -53.76 41.23 -23.70
C THR B 111 -54.18 39.88 -23.10
N GLY B 112 -55.28 39.29 -23.57
CA GLY B 112 -55.76 38.06 -22.98
C GLY B 112 -56.38 38.24 -21.60
N GLN B 113 -56.83 39.45 -21.28
CA GLN B 113 -57.29 39.78 -19.94
C GLN B 113 -58.76 39.44 -19.75
N TRP B 114 -59.06 38.72 -18.66
CA TRP B 114 -60.43 38.43 -18.24
C TRP B 114 -60.83 39.43 -17.16
N THR B 115 -61.80 40.29 -17.47
CA THR B 115 -62.37 41.20 -16.48
C THR B 115 -63.88 40.95 -16.38
N GLU B 116 -64.37 40.90 -15.15
CA GLU B 116 -65.81 40.79 -14.91
C GLU B 116 -66.40 42.20 -14.80
N TRP B 117 -67.41 42.47 -15.61
CA TRP B 117 -68.13 43.74 -15.53
C TRP B 117 -69.18 43.62 -14.43
N LYS B 118 -68.79 44.03 -13.22
CA LYS B 118 -69.72 44.02 -12.09
C LYS B 118 -70.71 45.16 -12.30
N ILE B 119 -71.87 44.83 -12.87
CA ILE B 119 -72.86 45.83 -13.27
C ILE B 119 -73.77 46.12 -12.09
N GLU B 120 -73.94 47.41 -11.79
CA GLU B 120 -74.86 47.83 -10.76
C GLU B 120 -76.27 47.98 -11.32
N GLY B 121 -77.25 47.97 -10.41
CA GLY B 121 -78.63 48.17 -10.78
C GLY B 121 -79.36 46.88 -11.06
N ARG B 122 -80.58 47.05 -11.59
CA ARG B 122 -81.42 45.91 -11.93
C ARG B 122 -80.85 45.16 -13.12
N LEU B 123 -80.63 43.84 -12.97
CA LEU B 123 -80.06 42.94 -13.95
C LEU B 123 -81.14 42.11 -14.65
N PRO B 124 -80.88 41.68 -15.87
CA PRO B 124 -81.78 40.69 -16.48
C PRO B 124 -81.68 39.37 -15.75
N VAL B 125 -82.78 38.62 -15.76
CA VAL B 125 -82.83 37.36 -15.03
C VAL B 125 -81.80 36.39 -15.59
N ALA B 126 -81.20 35.60 -14.71
CA ALA B 126 -80.21 34.62 -15.13
C ALA B 126 -80.85 33.60 -16.06
N ARG B 127 -80.15 33.28 -17.15
CA ARG B 127 -80.75 32.52 -18.23
C ARG B 127 -79.68 31.71 -18.96
N SER B 128 -80.15 30.76 -19.76
CA SER B 128 -79.31 29.95 -20.62
C SER B 128 -79.99 29.80 -21.96
N ALA B 129 -79.20 29.42 -22.97
CA ALA B 129 -79.69 29.20 -24.34
C ALA B 129 -80.34 30.45 -24.91
N HIS B 130 -80.03 31.61 -24.35
CA HIS B 130 -80.55 32.87 -24.84
C HIS B 130 -79.95 33.19 -26.21
N GLY B 131 -80.51 34.22 -26.84
CA GLY B 131 -79.93 34.79 -28.03
C GLY B 131 -79.17 36.05 -27.68
N ALA B 132 -78.13 36.34 -28.47
CA ALA B 132 -77.34 37.52 -28.20
C ALA B 132 -76.64 37.98 -29.48
N THR B 133 -76.50 39.29 -29.60
CA THR B 133 -75.73 39.91 -30.67
C THR B 133 -75.30 41.29 -30.20
N VAL B 134 -74.38 41.88 -30.96
CA VAL B 134 -73.88 43.23 -30.70
C VAL B 134 -74.36 44.13 -31.83
N TYR B 135 -74.96 45.26 -31.47
CA TYR B 135 -75.40 46.24 -32.46
C TYR B 135 -75.45 47.61 -31.80
N SER B 136 -74.96 48.61 -32.54
CA SER B 136 -74.99 50.02 -32.10
C SER B 136 -74.31 50.19 -30.75
N ASP B 137 -73.09 49.64 -30.64
CA ASP B 137 -72.26 49.78 -29.44
C ASP B 137 -72.97 49.28 -28.18
N LYS B 138 -73.81 48.26 -28.33
CA LYS B 138 -74.57 47.70 -27.22
C LYS B 138 -74.65 46.20 -27.38
N LEU B 139 -74.68 45.49 -26.26
CA LEU B 139 -74.94 44.06 -26.25
C LEU B 139 -76.43 43.82 -26.13
N TRP B 140 -76.98 43.03 -27.03
CA TRP B 140 -78.40 42.70 -27.03
C TRP B 140 -78.53 41.22 -26.70
N ILE B 141 -79.26 40.90 -25.64
CA ILE B 141 -79.55 39.50 -25.31
C ILE B 141 -81.07 39.34 -25.31
N PHE B 142 -81.53 38.18 -25.78
CA PHE B 142 -82.94 37.97 -26.05
C PHE B 142 -83.34 36.54 -25.72
N ALA B 143 -84.48 36.40 -25.03
CA ALA B 143 -85.11 35.12 -24.76
C ALA B 143 -84.19 34.20 -23.97
N GLY B 144 -84.41 32.90 -24.06
CA GLY B 144 -83.64 31.91 -23.35
C GLY B 144 -84.51 31.15 -22.37
N TYR B 145 -83.83 30.38 -21.51
CA TYR B 145 -84.49 29.63 -20.44
C TYR B 145 -83.92 30.09 -19.12
N ASP B 146 -84.79 30.39 -18.16
CA ASP B 146 -84.38 31.01 -16.90
C ASP B 146 -84.38 30.05 -15.72
N GLY B 147 -84.86 28.83 -15.88
CA GLY B 147 -84.95 27.91 -14.78
C GLY B 147 -86.34 27.36 -14.57
N ASN B 148 -87.35 28.19 -14.79
CA ASN B 148 -88.74 27.78 -14.63
C ASN B 148 -89.52 27.78 -15.94
N ALA B 149 -89.21 28.67 -16.87
CA ALA B 149 -89.95 28.77 -18.11
C ALA B 149 -89.07 29.40 -19.17
N ARG B 150 -89.50 29.28 -20.42
CA ARG B 150 -88.81 29.98 -21.49
C ARG B 150 -89.09 31.48 -21.38
N LEU B 151 -88.26 32.26 -22.06
CA LEU B 151 -88.33 33.71 -21.96
C LEU B 151 -88.65 34.34 -23.31
N ASN B 152 -89.17 35.57 -23.26
CA ASN B 152 -89.34 36.36 -24.47
C ASN B 152 -88.97 37.82 -24.26
N ASP B 153 -88.26 38.14 -23.18
CA ASP B 153 -87.79 39.49 -22.95
C ASP B 153 -86.51 39.75 -23.74
N MET B 154 -86.05 41.01 -23.69
CA MET B 154 -84.87 41.44 -24.42
C MET B 154 -84.23 42.59 -23.65
N TRP B 155 -82.90 42.55 -23.52
CA TRP B 155 -82.18 43.57 -22.76
C TRP B 155 -80.98 44.06 -23.56
N THR B 156 -80.58 45.30 -23.28
CA THR B 156 -79.39 45.88 -23.85
C THR B 156 -78.47 46.39 -22.74
N ILE B 157 -77.19 46.49 -23.06
CA ILE B 157 -76.20 47.08 -22.16
C ILE B 157 -75.13 47.74 -23.01
N GLY B 158 -74.85 49.01 -22.69
CA GLY B 158 -73.80 49.72 -23.42
C GLY B 158 -72.44 49.14 -23.09
N LEU B 159 -71.63 48.91 -24.13
CA LEU B 159 -70.31 48.32 -23.99
C LEU B 159 -69.19 49.36 -24.15
N GLN B 160 -69.49 50.63 -23.89
CA GLN B 160 -68.54 51.71 -24.11
C GLN B 160 -67.72 52.03 -22.86
N ASP B 161 -68.34 52.00 -21.69
CA ASP B 161 -67.68 52.34 -20.44
C ASP B 161 -68.16 51.36 -19.37
N ARG B 162 -67.27 50.50 -18.89
CA ARG B 162 -67.64 49.50 -17.90
C ARG B 162 -68.27 50.14 -16.67
N GLU B 163 -67.66 51.21 -16.16
CA GLU B 163 -68.16 51.82 -14.93
C GLU B 163 -69.45 52.59 -15.17
N LEU B 164 -69.58 53.21 -16.34
CA LEU B 164 -70.77 54.02 -16.67
C LEU B 164 -71.65 53.28 -17.65
N THR B 165 -72.24 52.18 -17.18
CA THR B 165 -73.17 51.41 -17.98
C THR B 165 -74.05 50.56 -17.08
N CYS B 166 -75.23 50.24 -17.58
CA CYS B 166 -76.18 49.41 -16.84
C CYS B 166 -77.10 48.73 -17.83
N TRP B 167 -77.87 47.77 -17.33
CA TRP B 167 -78.80 47.04 -18.18
C TRP B 167 -80.10 47.80 -18.33
N GLU B 168 -80.72 47.64 -19.49
CA GLU B 168 -82.00 48.26 -19.80
C GLU B 168 -82.86 47.26 -20.54
N GLU B 169 -84.08 47.05 -20.04
CA GLU B 169 -85.01 46.13 -20.69
C GLU B 169 -85.65 46.83 -21.88
N VAL B 170 -85.70 46.12 -23.00
CA VAL B 170 -86.20 46.69 -24.26
C VAL B 170 -87.72 46.53 -24.27
N ALA B 171 -88.43 47.64 -24.43
CA ALA B 171 -89.87 47.61 -24.65
C ALA B 171 -90.11 47.18 -26.08
N GLN B 172 -90.21 45.88 -26.29
CA GLN B 172 -90.37 45.34 -27.63
C GLN B 172 -91.79 45.60 -28.14
N SER B 173 -91.92 45.72 -29.46
CA SER B 173 -93.19 45.90 -30.11
C SER B 173 -93.25 44.96 -31.30
N GLY B 174 -94.42 44.86 -31.92
CA GLY B 174 -94.60 43.95 -33.01
C GLY B 174 -94.87 42.54 -32.53
N GLU B 175 -94.65 41.57 -33.44
CA GLU B 175 -94.91 40.17 -33.15
C GLU B 175 -93.70 39.55 -32.45
N ILE B 176 -93.63 39.77 -31.13
CA ILE B 176 -92.54 39.17 -30.35
C ILE B 176 -92.56 37.65 -30.55
N PRO B 177 -91.42 37.02 -30.84
CA PRO B 177 -91.41 35.58 -31.04
C PRO B 177 -91.87 34.86 -29.80
N PRO B 178 -92.54 33.72 -29.95
CA PRO B 178 -92.93 32.92 -28.78
C PRO B 178 -91.71 32.55 -27.95
N SER B 179 -91.93 32.44 -26.63
CA SER B 179 -90.88 32.12 -25.67
C SER B 179 -90.01 30.98 -26.18
N CYS B 180 -88.72 31.25 -26.33
CA CYS B 180 -87.84 30.33 -27.03
C CYS B 180 -86.49 30.21 -26.32
N CYS B 181 -85.82 29.10 -26.60
CA CYS B 181 -84.43 28.90 -26.22
C CYS B 181 -83.79 27.96 -27.22
N ASN B 182 -82.45 27.95 -27.22
CA ASN B 182 -81.66 27.11 -28.13
C ASN B 182 -81.98 27.42 -29.60
N PHE B 183 -81.66 28.66 -29.98
CA PHE B 183 -81.88 29.16 -31.32
C PHE B 183 -80.71 30.06 -31.69
N PRO B 184 -80.36 30.13 -32.97
CA PRO B 184 -79.29 31.03 -33.40
C PRO B 184 -79.81 32.41 -33.76
N VAL B 185 -78.90 33.38 -33.72
CA VAL B 185 -79.22 34.78 -33.98
C VAL B 185 -78.17 35.35 -34.91
N ALA B 186 -78.62 36.04 -35.95
CA ALA B 186 -77.72 36.71 -36.87
C ALA B 186 -78.26 38.08 -37.22
N VAL B 187 -77.36 39.05 -37.34
CA VAL B 187 -77.71 40.41 -37.76
C VAL B 187 -77.34 40.58 -39.22
N CYS B 188 -78.29 41.05 -40.02
CA CYS B 188 -78.06 41.34 -41.43
C CYS B 188 -78.88 42.56 -41.80
N ARG B 189 -78.37 43.32 -42.78
CA ARG B 189 -78.86 44.68 -43.04
C ARG B 189 -78.80 45.42 -41.71
N ASP B 190 -79.87 46.04 -41.23
CA ASP B 190 -79.93 46.64 -39.90
C ASP B 190 -81.01 45.97 -39.08
N LYS B 191 -81.14 44.66 -39.23
CA LYS B 191 -82.15 43.86 -38.55
C LYS B 191 -81.50 42.63 -37.91
N MET B 192 -82.11 42.16 -36.83
CA MET B 192 -81.70 40.94 -36.16
C MET B 192 -82.66 39.82 -36.55
N PHE B 193 -82.13 38.64 -36.86
CA PHE B 193 -82.93 37.54 -37.37
C PHE B 193 -82.85 36.33 -36.45
N VAL B 194 -83.99 35.68 -36.25
CA VAL B 194 -84.12 34.49 -35.41
C VAL B 194 -84.94 33.46 -36.16
N PHE B 195 -84.44 32.23 -36.23
CA PHE B 195 -85.10 31.14 -36.93
C PHE B 195 -85.35 29.98 -35.98
N SER B 196 -86.61 29.57 -35.87
CA SER B 196 -87.01 28.38 -35.11
C SER B 196 -86.49 28.39 -33.69
N GLY B 197 -86.12 27.22 -33.18
CA GLY B 197 -85.68 27.04 -31.81
C GLY B 197 -86.67 26.19 -31.03
N GLN B 198 -86.31 25.97 -29.76
CA GLN B 198 -87.14 25.21 -28.84
C GLN B 198 -88.12 26.16 -28.17
N SER B 199 -89.39 26.10 -28.58
CA SER B 199 -90.41 26.99 -28.02
C SER B 199 -91.62 26.22 -27.50
N GLY B 200 -91.45 24.95 -27.15
CA GLY B 200 -92.55 24.20 -26.54
C GLY B 200 -93.67 23.95 -27.51
N ALA B 201 -94.91 24.25 -27.09
CA ALA B 201 -96.07 24.02 -27.93
C ALA B 201 -96.06 24.89 -29.18
N LYS B 202 -95.34 26.01 -29.15
CA LYS B 202 -95.24 26.92 -30.28
C LYS B 202 -94.01 26.65 -31.14
N ILE B 203 -93.50 25.42 -31.17
CA ILE B 203 -92.30 25.15 -31.94
C ILE B 203 -92.67 25.16 -33.42
N THR B 204 -92.01 26.01 -34.20
CA THR B 204 -92.33 26.16 -35.61
C THR B 204 -91.05 26.47 -36.37
N ASN B 205 -91.20 26.67 -37.69
CA ASN B 205 -90.11 27.10 -38.55
C ASN B 205 -90.32 28.54 -39.01
N ASN B 206 -90.94 29.36 -38.17
CA ASN B 206 -91.13 30.77 -38.50
C ASN B 206 -89.80 31.53 -38.43
N LEU B 207 -89.70 32.55 -39.27
CA LEU B 207 -88.54 33.44 -39.28
C LEU B 207 -88.95 34.80 -38.74
N PHE B 208 -88.26 35.25 -37.70
CA PHE B 208 -88.56 36.53 -37.08
C PHE B 208 -87.44 37.53 -37.36
N GLN B 209 -87.82 38.80 -37.51
CA GLN B 209 -86.91 39.88 -37.86
C GLN B 209 -87.14 41.04 -36.92
N PHE B 210 -86.08 41.53 -36.30
CA PHE B 210 -86.16 42.60 -35.30
C PHE B 210 -85.38 43.80 -35.80
N GLU B 211 -86.10 44.86 -36.20
CA GLU B 211 -85.46 46.10 -36.62
C GLU B 211 -85.11 46.92 -35.37
N PHE B 212 -83.82 47.21 -35.18
CA PHE B 212 -83.37 47.83 -33.93
C PHE B 212 -83.97 49.21 -33.72
N LYS B 213 -84.14 49.99 -34.80
CA LYS B 213 -84.57 51.38 -34.65
C LYS B 213 -85.92 51.48 -33.94
N ASP B 214 -86.95 50.86 -34.51
CA ASP B 214 -88.29 50.92 -33.94
C ASP B 214 -88.55 49.78 -32.94
N LYS B 215 -87.57 48.89 -32.74
CA LYS B 215 -87.69 47.81 -31.77
C LYS B 215 -88.96 46.99 -31.99
N THR B 216 -89.18 46.58 -33.24
CA THR B 216 -90.38 45.86 -33.61
C THR B 216 -90.01 44.55 -34.30
N TRP B 217 -90.72 43.49 -33.93
CA TRP B 217 -90.56 42.17 -34.52
C TRP B 217 -91.55 41.98 -35.66
N THR B 218 -91.14 41.20 -36.66
CA THR B 218 -92.02 40.89 -37.78
C THR B 218 -91.70 39.47 -38.23
N ARG B 219 -92.71 38.58 -38.19
CA ARG B 219 -92.56 37.24 -38.70
C ARG B 219 -92.71 37.32 -40.21
N ILE B 220 -91.60 37.24 -40.93
CA ILE B 220 -91.55 37.38 -42.38
C ILE B 220 -92.48 36.33 -42.99
N PRO B 221 -93.58 36.73 -43.63
CA PRO B 221 -94.43 35.75 -44.30
C PRO B 221 -93.67 35.00 -45.37
N THR B 222 -93.29 33.76 -45.07
CA THR B 222 -92.52 32.94 -45.99
C THR B 222 -93.39 31.77 -46.46
N GLU B 223 -92.74 30.76 -47.04
CA GLU B 223 -93.40 29.66 -47.74
C GLU B 223 -94.57 30.20 -48.58
N HIS B 224 -94.21 31.14 -49.46
CA HIS B 224 -95.15 31.66 -50.45
C HIS B 224 -95.31 30.62 -51.55
N LEU B 225 -95.84 29.47 -51.14
CA LEU B 225 -96.12 28.36 -52.06
C LEU B 225 -97.00 28.79 -53.23
N LEU B 226 -97.77 29.88 -53.07
CA LEU B 226 -98.37 30.56 -54.22
C LEU B 226 -97.33 30.82 -55.30
N ARG B 227 -96.15 31.30 -54.91
CA ARG B 227 -95.03 31.49 -55.83
C ARG B 227 -94.27 30.21 -56.11
N GLY B 228 -94.69 29.08 -55.53
CA GLY B 228 -93.96 27.85 -55.68
C GLY B 228 -92.55 27.88 -55.12
N SER B 229 -92.29 28.80 -54.20
CA SER B 229 -90.95 28.98 -53.68
C SER B 229 -90.52 27.75 -52.88
N PRO B 230 -89.22 27.46 -52.83
CA PRO B 230 -88.76 26.34 -52.02
C PRO B 230 -89.19 26.51 -50.59
N PRO B 231 -89.50 25.42 -49.90
CA PRO B 231 -90.05 25.53 -48.54
C PRO B 231 -89.00 25.94 -47.54
N PRO B 232 -89.40 26.46 -46.39
CA PRO B 232 -88.45 26.81 -45.33
C PRO B 232 -87.87 25.55 -44.71
N PRO B 233 -86.72 25.66 -44.03
CA PRO B 233 -86.14 24.47 -43.40
C PRO B 233 -87.04 23.93 -42.30
N GLN B 234 -86.89 22.64 -42.03
CA GLN B 234 -87.68 22.01 -40.99
C GLN B 234 -87.43 22.65 -39.64
N ARG B 235 -88.48 22.74 -38.82
CA ARG B 235 -88.35 23.25 -37.46
C ARG B 235 -87.30 22.46 -36.69
N ARG B 236 -86.47 23.17 -35.94
CA ARG B 236 -85.31 22.57 -35.30
C ARG B 236 -84.90 23.42 -34.10
N TYR B 237 -83.97 22.87 -33.32
CA TYR B 237 -83.37 23.59 -32.20
C TYR B 237 -81.90 23.19 -32.10
N GLY B 238 -81.10 24.07 -31.51
CA GLY B 238 -79.67 23.83 -31.41
C GLY B 238 -78.91 24.04 -32.69
N HIS B 239 -79.50 24.71 -33.67
CA HIS B 239 -78.87 24.94 -34.95
C HIS B 239 -78.13 26.28 -34.94
N THR B 240 -77.33 26.50 -35.98
CA THR B 240 -76.59 27.74 -36.14
C THR B 240 -77.11 28.50 -37.35
N MET B 241 -76.94 29.82 -37.31
CA MET B 241 -77.33 30.69 -38.41
C MET B 241 -76.36 31.85 -38.48
N VAL B 242 -75.76 32.08 -39.64
CA VAL B 242 -74.82 33.17 -39.85
C VAL B 242 -75.31 34.00 -41.03
N ALA B 243 -74.89 35.26 -41.04
CA ALA B 243 -75.24 36.19 -42.10
C ALA B 243 -74.01 36.48 -42.95
N PHE B 244 -74.20 36.49 -44.27
CA PHE B 244 -73.13 36.85 -45.19
C PHE B 244 -73.76 37.26 -46.51
N ASP B 245 -73.44 38.46 -46.97
CA ASP B 245 -73.87 38.96 -48.28
C ASP B 245 -75.39 38.83 -48.45
N ARG B 246 -76.11 39.54 -47.58
CA ARG B 246 -77.58 39.62 -47.66
C ARG B 246 -78.22 38.23 -47.65
N HIS B 247 -77.61 37.28 -46.94
CA HIS B 247 -78.15 35.93 -46.88
C HIS B 247 -77.93 35.36 -45.48
N LEU B 248 -78.84 34.47 -45.08
CA LEU B 248 -78.74 33.75 -43.82
C LEU B 248 -78.55 32.27 -44.13
N TYR B 249 -77.57 31.65 -43.48
CA TYR B 249 -77.26 30.24 -43.68
C TYR B 249 -77.56 29.48 -42.41
N VAL B 250 -78.50 28.53 -42.48
CA VAL B 250 -78.89 27.71 -41.34
C VAL B 250 -78.34 26.32 -41.55
N PHE B 251 -77.71 25.77 -40.51
CA PHE B 251 -77.12 24.44 -40.59
C PHE B 251 -77.30 23.69 -39.27
N GLY B 252 -77.57 22.40 -39.38
CA GLY B 252 -77.55 21.49 -38.25
C GLY B 252 -78.78 21.62 -37.37
N GLY B 253 -78.61 21.19 -36.12
CA GLY B 253 -79.69 21.17 -35.16
C GLY B 253 -80.48 19.87 -35.22
N ALA B 254 -81.27 19.65 -34.17
CA ALA B 254 -82.13 18.48 -34.08
C ALA B 254 -83.53 18.86 -34.59
N ALA B 255 -83.96 18.21 -35.67
CA ALA B 255 -85.24 18.52 -36.31
C ALA B 255 -86.09 17.25 -36.34
N ASP B 256 -87.08 17.19 -35.45
CA ASP B 256 -88.02 16.07 -35.38
C ASP B 256 -87.29 14.74 -35.21
N ASN B 257 -86.41 14.69 -34.21
CA ASN B 257 -85.63 13.52 -33.83
C ASN B 257 -84.67 13.06 -34.92
N THR B 258 -84.25 13.95 -35.81
CA THR B 258 -83.23 13.66 -36.80
C THR B 258 -82.18 14.77 -36.76
N LEU B 259 -81.07 14.55 -37.46
CA LEU B 259 -79.96 15.50 -37.53
C LEU B 259 -79.63 15.80 -38.99
N PRO B 260 -80.47 16.60 -39.65
CA PRO B 260 -80.21 16.93 -41.05
C PRO B 260 -78.93 17.75 -41.21
N ASN B 261 -78.20 17.47 -42.30
CA ASN B 261 -76.96 18.13 -42.62
C ASN B 261 -77.08 19.01 -43.86
N GLU B 262 -78.30 19.31 -44.27
CA GLU B 262 -78.53 20.17 -45.42
C GLU B 262 -78.13 21.60 -45.07
N LEU B 263 -77.69 22.35 -46.09
CA LEU B 263 -77.32 23.76 -45.91
C LEU B 263 -78.43 24.61 -46.50
N HIS B 264 -79.15 25.32 -45.64
CA HIS B 264 -80.24 26.18 -46.07
C HIS B 264 -79.77 27.63 -46.13
N CYS B 265 -80.26 28.37 -47.12
CA CYS B 265 -79.87 29.75 -47.35
C CYS B 265 -81.13 30.58 -47.57
N TYR B 266 -81.23 31.71 -46.87
CA TYR B 266 -82.40 32.57 -46.94
C TYR B 266 -81.99 33.93 -47.51
N ASP B 267 -82.50 34.26 -48.70
CA ASP B 267 -82.32 35.57 -49.29
C ASP B 267 -83.18 36.58 -48.55
N VAL B 268 -82.54 37.50 -47.82
CA VAL B 268 -83.30 38.45 -47.00
C VAL B 268 -84.11 39.39 -47.89
N ASP B 269 -83.51 39.83 -49.00
CA ASP B 269 -84.17 40.83 -49.85
C ASP B 269 -85.35 40.23 -50.61
N PHE B 270 -85.18 39.04 -51.16
CA PHE B 270 -86.21 38.41 -51.98
C PHE B 270 -87.06 37.43 -51.18
N GLN B 271 -86.72 37.20 -49.91
CA GLN B 271 -87.52 36.37 -49.00
C GLN B 271 -87.76 34.98 -49.57
N THR B 272 -86.67 34.33 -49.98
CA THR B 272 -86.72 33.01 -50.59
C THR B 272 -85.74 32.09 -49.88
N TRP B 273 -86.12 30.82 -49.74
CA TRP B 273 -85.26 29.81 -49.15
C TRP B 273 -84.69 28.93 -50.26
N GLU B 274 -83.54 28.34 -49.98
CA GLU B 274 -82.88 27.45 -50.93
C GLU B 274 -81.95 26.52 -50.18
N VAL B 275 -81.65 25.38 -50.80
CA VAL B 275 -80.69 24.42 -50.26
C VAL B 275 -79.42 24.53 -51.10
N VAL B 276 -78.32 24.91 -50.46
CA VAL B 276 -77.07 25.13 -51.18
C VAL B 276 -76.48 23.79 -51.60
N GLN B 277 -76.18 23.66 -52.89
CA GLN B 277 -75.66 22.41 -53.42
C GLN B 277 -74.14 22.39 -53.28
N PRO B 278 -73.57 21.58 -52.40
CA PRO B 278 -72.12 21.54 -52.25
C PRO B 278 -71.44 20.91 -53.45
N SER B 279 -70.24 21.40 -53.75
CA SER B 279 -69.50 20.91 -54.90
C SER B 279 -69.19 19.42 -54.76
N SER B 280 -68.81 18.81 -55.90
CA SER B 280 -68.52 17.39 -55.90
C SER B 280 -67.33 17.03 -55.02
N ASP B 281 -66.36 17.92 -54.87
CA ASP B 281 -65.20 17.67 -54.03
C ASP B 281 -65.40 18.12 -52.60
N SER B 282 -66.63 18.12 -52.11
CA SER B 282 -66.92 18.59 -50.77
C SER B 282 -66.88 17.45 -49.77
N GLU B 283 -66.41 17.77 -48.55
CA GLU B 283 -66.37 16.86 -47.42
C GLU B 283 -67.54 17.21 -46.51
N LEU B 284 -68.69 16.58 -46.77
CA LEU B 284 -69.94 16.92 -46.13
C LEU B 284 -69.88 16.70 -44.62
N PRO B 285 -70.13 17.73 -43.82
CA PRO B 285 -70.19 17.54 -42.37
C PRO B 285 -71.41 16.75 -41.97
N SER B 286 -71.23 15.89 -40.97
CA SER B 286 -72.33 15.09 -40.46
C SER B 286 -73.33 15.97 -39.72
N GLY B 287 -74.57 15.50 -39.65
CA GLY B 287 -75.60 16.16 -38.88
C GLY B 287 -75.19 16.32 -37.44
N ARG B 288 -75.38 17.52 -36.90
CA ARG B 288 -74.96 17.81 -35.53
C ARG B 288 -75.86 18.89 -34.94
N LEU B 289 -75.82 19.00 -33.62
CA LEU B 289 -76.51 20.06 -32.91
C LEU B 289 -75.61 20.56 -31.78
N PHE B 290 -75.95 21.73 -31.27
CA PHE B 290 -75.19 22.40 -30.21
C PHE B 290 -73.75 22.68 -30.63
N HIS B 291 -73.51 22.76 -31.94
CA HIS B 291 -72.23 23.19 -32.48
C HIS B 291 -72.16 24.72 -32.43
N ALA B 292 -71.24 25.31 -33.19
CA ALA B 292 -71.15 26.76 -33.20
C ALA B 292 -70.55 27.22 -34.51
N ALA B 293 -70.94 28.42 -34.93
CA ALA B 293 -70.59 28.94 -36.24
C ALA B 293 -70.14 30.38 -36.14
N ALA B 294 -69.21 30.75 -37.02
CA ALA B 294 -68.78 32.13 -37.19
C ALA B 294 -68.37 32.31 -38.65
N VAL B 295 -68.18 33.57 -39.03
CA VAL B 295 -67.86 33.92 -40.42
C VAL B 295 -66.56 34.71 -40.44
N ILE B 296 -65.67 34.32 -41.34
CA ILE B 296 -64.43 35.02 -41.61
C ILE B 296 -64.25 35.10 -43.12
N SER B 297 -64.06 36.32 -43.63
CA SER B 297 -63.99 36.61 -45.07
C SER B 297 -65.25 36.04 -45.73
N ASP B 298 -65.14 35.26 -46.80
CA ASP B 298 -66.30 34.70 -47.47
C ASP B 298 -66.43 33.22 -47.19
N ALA B 299 -66.36 32.83 -45.92
CA ALA B 299 -66.45 31.43 -45.56
C ALA B 299 -67.07 31.30 -44.17
N MET B 300 -67.89 30.27 -44.00
CA MET B 300 -68.49 29.92 -42.73
C MET B 300 -67.68 28.81 -42.08
N TYR B 301 -67.62 28.82 -40.75
CA TYR B 301 -66.84 27.83 -40.03
C TYR B 301 -67.70 27.19 -38.95
N ILE B 302 -67.76 25.86 -38.98
CA ILE B 302 -68.54 25.06 -38.03
C ILE B 302 -67.56 24.32 -37.13
N PHE B 303 -67.76 24.40 -35.83
CA PHE B 303 -66.91 23.68 -34.88
C PHE B 303 -67.75 22.93 -33.87
N GLY B 304 -67.31 21.72 -33.54
CA GLY B 304 -67.86 20.99 -32.42
C GLY B 304 -69.29 20.51 -32.65
N GLY B 305 -69.98 20.32 -31.52
CA GLY B 305 -71.37 19.89 -31.51
C GLY B 305 -71.48 18.46 -31.02
N THR B 306 -72.71 17.95 -31.11
CA THR B 306 -73.02 16.58 -30.74
C THR B 306 -73.57 15.86 -31.97
N VAL B 307 -72.87 14.82 -32.40
CA VAL B 307 -73.30 14.01 -33.54
C VAL B 307 -74.15 12.86 -33.03
N ASP B 308 -74.46 11.92 -33.92
CA ASP B 308 -75.31 10.79 -33.56
C ASP B 308 -74.69 10.01 -32.40
N ASN B 309 -75.55 9.41 -31.58
CA ASN B 309 -75.14 8.63 -30.41
C ASN B 309 -74.51 9.50 -29.32
N ASN B 310 -74.95 10.75 -29.20
CA ASN B 310 -74.51 11.64 -28.12
C ASN B 310 -72.98 11.69 -28.04
N ILE B 311 -72.34 11.87 -29.18
CA ILE B 311 -70.89 11.92 -29.28
C ILE B 311 -70.46 13.36 -29.48
N ARG B 312 -69.61 13.86 -28.57
CA ARG B 312 -69.07 15.20 -28.71
C ARG B 312 -68.04 15.23 -29.84
N SER B 313 -67.93 16.38 -30.49
CA SER B 313 -67.10 16.52 -31.68
C SER B 313 -66.09 17.63 -31.49
N GLY B 314 -64.92 17.44 -32.12
CA GLY B 314 -63.89 18.46 -32.15
C GLY B 314 -63.57 18.86 -33.57
N GLU B 315 -64.41 18.43 -34.50
CA GLU B 315 -64.20 18.72 -35.91
C GLU B 315 -64.44 20.20 -36.22
N MET B 316 -63.72 20.70 -37.22
CA MET B 316 -63.84 22.07 -37.69
C MET B 316 -64.05 22.04 -39.20
N TYR B 317 -65.19 22.53 -39.66
CA TYR B 317 -65.49 22.54 -41.09
C TYR B 317 -65.59 23.98 -41.61
N ARG B 318 -65.27 24.14 -42.89
CA ARG B 318 -65.33 25.42 -43.57
C ARG B 318 -66.15 25.28 -44.85
N PHE B 319 -67.15 26.14 -45.01
CA PHE B 319 -67.92 26.22 -46.25
C PHE B 319 -67.58 27.53 -46.96
N GLN B 320 -67.07 27.42 -48.19
CA GLN B 320 -66.72 28.60 -48.98
C GLN B 320 -67.99 29.26 -49.49
N PHE B 321 -68.28 30.47 -48.99
CA PHE B 321 -69.51 31.16 -49.37
C PHE B 321 -69.48 31.68 -50.81
N SER B 322 -68.31 32.00 -51.34
CA SER B 322 -68.24 32.63 -52.65
C SER B 322 -66.85 32.52 -53.27
N ASN C 11 -46.97 7.30 -35.82
CA ASN C 11 -45.67 7.54 -36.42
C ASN C 11 -45.31 9.01 -36.32
N LEU C 12 -45.79 9.68 -35.27
CA LEU C 12 -45.51 11.11 -35.26
C LEU C 12 -44.27 11.38 -34.42
N PRO C 13 -43.34 12.21 -34.91
CA PRO C 13 -42.11 12.49 -34.15
C PRO C 13 -42.35 13.57 -33.10
N THR C 14 -41.68 13.42 -31.96
CA THR C 14 -41.76 14.39 -30.87
C THR C 14 -40.39 15.01 -30.66
N TYR C 15 -40.34 16.34 -30.62
CA TYR C 15 -39.10 17.11 -30.43
C TYR C 15 -39.22 17.91 -29.14
N LYS C 16 -38.39 17.56 -28.16
CA LYS C 16 -38.36 18.26 -26.88
C LYS C 16 -37.34 19.39 -26.95
N LEU C 17 -37.81 20.64 -26.94
CA LEU C 17 -36.96 21.81 -27.05
C LEU C 17 -36.99 22.59 -25.74
N VAL C 18 -35.83 23.13 -25.34
CA VAL C 18 -35.68 23.86 -24.09
C VAL C 18 -35.15 25.26 -24.40
N VAL C 19 -35.82 26.27 -23.87
CA VAL C 19 -35.45 27.67 -24.07
C VAL C 19 -34.69 28.14 -22.83
N VAL C 20 -33.40 28.42 -23.00
CA VAL C 20 -32.52 28.82 -21.90
C VAL C 20 -31.94 30.19 -22.20
N GLY C 21 -31.50 30.87 -21.15
CA GLY C 21 -30.97 32.21 -21.29
C GLY C 21 -31.07 32.98 -20.00
N ASP C 22 -30.42 34.15 -20.00
CA ASP C 22 -30.46 35.02 -18.84
C ASP C 22 -31.88 35.53 -18.59
N GLY C 23 -32.07 36.08 -17.39
CA GLY C 23 -33.36 36.67 -17.06
C GLY C 23 -33.58 37.97 -17.82
N GLY C 24 -34.77 38.11 -18.41
CA GLY C 24 -35.12 39.32 -19.13
C GLY C 24 -34.80 39.31 -20.61
N VAL C 25 -34.14 38.27 -21.12
CA VAL C 25 -33.80 38.24 -22.54
C VAL C 25 -35.04 38.11 -23.40
N GLY C 26 -36.10 37.50 -22.89
CA GLY C 26 -37.34 37.40 -23.64
C GLY C 26 -37.77 35.98 -23.96
N LYS C 27 -37.45 35.03 -23.08
CA LYS C 27 -37.83 33.64 -23.33
C LYS C 27 -39.34 33.49 -23.36
N SER C 28 -40.03 34.07 -22.38
CA SER C 28 -41.48 33.97 -22.32
C SER C 28 -42.12 34.67 -23.51
N ALA C 29 -41.63 35.87 -23.84
CA ALA C 29 -42.15 36.60 -24.98
C ALA C 29 -42.04 35.77 -26.26
N LEU C 30 -40.88 35.17 -26.49
CA LEU C 30 -40.69 34.35 -27.68
C LEU C 30 -41.60 33.12 -27.67
N THR C 31 -41.60 32.39 -26.55
CA THR C 31 -42.41 31.18 -26.45
C THR C 31 -43.90 31.47 -26.64
N ILE C 32 -44.41 32.50 -25.96
CA ILE C 32 -45.83 32.81 -26.04
C ILE C 32 -46.18 33.28 -27.45
N GLN C 33 -45.31 34.08 -28.07
CA GLN C 33 -45.52 34.45 -29.46
C GLN C 33 -45.55 33.22 -30.35
N PHE C 34 -44.62 32.28 -30.12
CA PHE C 34 -44.52 31.11 -30.99
C PHE C 34 -45.74 30.19 -30.84
N PHE C 35 -46.19 29.99 -29.61
CA PHE C 35 -47.29 29.05 -29.36
C PHE C 35 -48.66 29.72 -29.38
N GLN C 36 -48.78 30.93 -28.85
CA GLN C 36 -50.07 31.56 -28.64
C GLN C 36 -50.31 32.75 -29.56
N LYS C 37 -49.35 33.06 -30.44
CA LYS C 37 -49.54 34.08 -31.49
C LYS C 37 -49.90 35.44 -30.88
N ILE C 38 -49.21 35.82 -29.81
CA ILE C 38 -49.46 37.08 -29.14
C ILE C 38 -48.20 37.52 -28.42
N PHE C 39 -47.93 38.82 -28.44
CA PHE C 39 -46.84 39.40 -27.66
C PHE C 39 -47.35 39.78 -26.27
N VAL C 40 -46.78 39.17 -25.24
CA VAL C 40 -47.15 39.43 -23.86
C VAL C 40 -45.98 40.17 -23.19
N PRO C 41 -46.10 41.46 -22.93
CA PRO C 41 -45.01 42.19 -22.29
C PRO C 41 -44.97 41.95 -20.79
N ASP C 42 -43.75 41.82 -20.26
CA ASP C 42 -43.52 41.69 -18.83
C ASP C 42 -44.24 40.46 -18.26
N TYR C 43 -44.06 39.33 -18.92
CA TYR C 43 -44.56 38.07 -18.37
C TYR C 43 -43.78 37.72 -17.11
N ASP C 44 -44.47 37.07 -16.17
CA ASP C 44 -43.94 36.75 -14.84
C ASP C 44 -42.55 36.13 -14.94
N PRO C 45 -41.53 36.82 -14.44
CA PRO C 45 -40.15 36.32 -14.60
C PRO C 45 -39.92 34.97 -13.94
N THR C 46 -40.76 34.57 -12.99
CA THR C 46 -40.53 33.34 -12.25
C THR C 46 -41.32 32.16 -12.80
N ILE C 47 -42.35 32.40 -13.62
CA ILE C 47 -43.15 31.31 -14.15
C ILE C 47 -42.30 30.48 -15.12
N GLU C 48 -42.28 29.17 -14.89
CA GLU C 48 -41.55 28.23 -15.74
C GLU C 48 -42.47 27.07 -16.06
N ASP C 49 -42.94 27.00 -17.31
CA ASP C 49 -43.88 25.98 -17.71
C ASP C 49 -43.58 25.56 -19.15
N SER C 50 -44.27 24.52 -19.60
CA SER C 50 -44.02 23.95 -20.91
C SER C 50 -45.20 24.19 -21.84
N TYR C 51 -44.91 24.17 -23.15
CA TYR C 51 -45.89 24.41 -24.19
C TYR C 51 -45.82 23.28 -25.20
N LEU C 52 -46.95 23.02 -25.85
CA LEU C 52 -47.07 21.89 -26.77
C LEU C 52 -47.89 22.32 -27.98
N LYS C 53 -47.39 22.05 -29.19
CA LYS C 53 -48.17 22.25 -30.41
C LYS C 53 -47.89 21.13 -31.40
N HIS C 54 -48.62 21.15 -32.50
CA HIS C 54 -48.58 20.14 -33.55
C HIS C 54 -48.46 20.87 -34.88
N THR C 55 -47.23 21.18 -35.27
CA THR C 55 -46.96 21.99 -36.44
C THR C 55 -46.22 21.18 -37.50
N GLU C 56 -46.34 21.63 -38.75
CA GLU C 56 -45.72 20.98 -39.89
C GLU C 56 -44.51 21.80 -40.32
N ILE C 57 -43.32 21.23 -40.14
CA ILE C 57 -42.07 21.89 -40.52
C ILE C 57 -41.47 21.14 -41.70
N ASP C 58 -41.23 21.87 -42.79
CA ASP C 58 -40.68 21.31 -44.02
C ASP C 58 -41.48 20.10 -44.49
N ASN C 59 -42.80 20.27 -44.54
CA ASN C 59 -43.73 19.25 -45.03
C ASN C 59 -43.57 17.94 -44.26
N GLN C 60 -43.33 18.03 -42.96
CA GLN C 60 -43.27 16.85 -42.09
C GLN C 60 -43.86 17.23 -40.75
N TRP C 61 -44.91 16.51 -40.34
CA TRP C 61 -45.61 16.84 -39.09
C TRP C 61 -44.75 16.46 -37.90
N ALA C 62 -44.84 17.26 -36.83
CA ALA C 62 -44.03 17.05 -35.65
C ALA C 62 -44.72 17.64 -34.44
N ILE C 63 -44.47 17.03 -33.28
CA ILE C 63 -44.91 17.54 -31.99
C ILE C 63 -43.75 18.28 -31.35
N LEU C 64 -44.00 19.50 -30.89
CA LEU C 64 -42.97 20.32 -30.25
C LEU C 64 -43.31 20.48 -28.77
N ASP C 65 -42.40 20.06 -27.91
CA ASP C 65 -42.53 20.12 -26.46
C ASP C 65 -41.47 21.11 -25.98
N VAL C 66 -41.88 22.35 -25.76
CA VAL C 66 -40.96 23.43 -25.43
C VAL C 66 -41.12 23.79 -23.96
N LEU C 67 -40.00 24.03 -23.29
CA LEU C 67 -39.98 24.45 -21.89
C LEU C 67 -39.39 25.85 -21.82
N ASP C 68 -40.18 26.80 -21.35
CA ASP C 68 -39.71 28.16 -21.07
C ASP C 68 -39.11 28.16 -19.66
N THR C 69 -37.79 28.17 -19.60
CA THR C 69 -37.10 28.12 -18.31
C THR C 69 -37.12 29.48 -17.62
N ALA C 70 -36.98 29.44 -16.30
CA ALA C 70 -36.94 30.64 -15.47
C ALA C 70 -36.20 30.32 -14.19
N GLY C 71 -35.54 31.34 -13.64
CA GLY C 71 -34.78 31.15 -12.42
C GLY C 71 -33.42 30.55 -12.68
N GLN C 72 -32.43 30.93 -11.89
CA GLN C 72 -31.06 30.43 -12.05
C GLN C 72 -30.63 29.49 -10.94
N GLU C 73 -31.47 29.27 -9.93
CA GLU C 73 -31.12 28.36 -8.85
C GLU C 73 -31.19 26.92 -9.37
N GLU C 74 -31.03 25.95 -8.46
CA GLU C 74 -30.99 24.55 -8.89
C GLU C 74 -32.31 24.17 -9.55
N PHE C 75 -32.21 23.24 -10.51
CA PHE C 75 -33.35 22.92 -11.36
C PHE C 75 -34.38 22.09 -10.62
N SER C 76 -35.65 22.43 -10.82
CA SER C 76 -36.74 21.57 -10.36
C SER C 76 -36.68 20.21 -11.07
N ALA C 77 -37.39 19.24 -10.50
CA ALA C 77 -37.45 17.91 -11.09
C ALA C 77 -37.94 17.97 -12.53
N MET C 78 -38.86 18.88 -12.84
CA MET C 78 -39.34 19.01 -14.20
C MET C 78 -38.28 19.62 -15.10
N ARG C 79 -37.68 20.74 -14.67
CA ARG C 79 -36.67 21.41 -15.48
C ARG C 79 -35.51 20.49 -15.79
N GLU C 80 -35.00 19.78 -14.77
CA GLU C 80 -33.85 18.90 -14.95
C GLU C 80 -34.13 17.85 -16.03
N GLN C 81 -35.23 17.11 -15.89
CA GLN C 81 -35.52 16.02 -16.80
C GLN C 81 -35.72 16.52 -18.23
N TYR C 82 -36.17 17.76 -18.40
CA TYR C 82 -36.22 18.35 -19.74
C TYR C 82 -34.82 18.60 -20.28
N MET C 83 -33.92 19.12 -19.44
CA MET C 83 -32.56 19.42 -19.86
C MET C 83 -31.74 18.16 -20.10
N ARG C 84 -32.13 17.04 -19.49
CA ARG C 84 -31.41 15.79 -19.68
C ARG C 84 -31.89 15.00 -20.88
N THR C 85 -33.18 15.12 -21.23
CA THR C 85 -33.77 14.42 -22.36
C THR C 85 -34.06 15.33 -23.53
N GLY C 86 -33.77 16.63 -23.42
CA GLY C 86 -34.10 17.54 -24.50
C GLY C 86 -33.33 17.21 -25.77
N ASP C 87 -34.02 17.32 -26.91
CA ASP C 87 -33.41 17.06 -28.20
C ASP C 87 -32.66 18.26 -28.74
N GLY C 88 -32.99 19.46 -28.26
CA GLY C 88 -32.34 20.68 -28.72
C GLY C 88 -32.57 21.79 -27.73
N PHE C 89 -31.75 22.84 -27.86
CA PHE C 89 -31.78 23.95 -26.93
C PHE C 89 -31.76 25.26 -27.69
N LEU C 90 -32.50 26.24 -27.18
CA LEU C 90 -32.50 27.60 -27.71
C LEU C 90 -31.81 28.50 -26.68
N ILE C 91 -30.57 28.86 -26.97
CA ILE C 91 -29.81 29.77 -26.11
C ILE C 91 -30.13 31.20 -26.56
N VAL C 92 -30.80 31.96 -25.69
CA VAL C 92 -31.33 33.27 -26.04
C VAL C 92 -30.62 34.34 -25.22
N TYR C 93 -30.17 35.39 -25.90
CA TYR C 93 -29.65 36.58 -25.24
C TYR C 93 -30.34 37.82 -25.81
N SER C 94 -30.25 38.92 -25.07
CA SER C 94 -30.80 40.20 -25.48
C SER C 94 -29.68 41.09 -26.00
N VAL C 95 -29.91 41.70 -27.17
CA VAL C 95 -28.90 42.59 -27.76
C VAL C 95 -28.81 43.93 -27.06
N THR C 96 -29.63 44.17 -26.04
CA THR C 96 -29.57 45.37 -25.24
C THR C 96 -28.95 45.13 -23.87
N ASP C 97 -28.66 43.87 -23.53
CA ASP C 97 -28.06 43.49 -22.26
C ASP C 97 -26.74 42.78 -22.57
N LYS C 98 -25.63 43.52 -22.47
CA LYS C 98 -24.33 42.94 -22.75
C LYS C 98 -24.01 41.77 -21.84
N ALA C 99 -24.54 41.78 -20.61
CA ALA C 99 -24.32 40.68 -19.69
C ALA C 99 -24.96 39.40 -20.20
N SER C 100 -26.18 39.48 -20.73
CA SER C 100 -26.85 38.28 -21.25
C SER C 100 -26.05 37.63 -22.38
N PHE C 101 -25.39 38.45 -23.21
CA PHE C 101 -24.56 37.91 -24.28
C PHE C 101 -23.32 37.23 -23.72
N GLU C 102 -22.66 37.86 -22.75
CA GLU C 102 -21.48 37.30 -22.13
C GLU C 102 -21.75 35.99 -21.40
N HIS C 103 -23.00 35.70 -21.05
CA HIS C 103 -23.34 34.48 -20.33
C HIS C 103 -23.69 33.32 -21.25
N VAL C 104 -23.70 33.53 -22.57
CA VAL C 104 -23.99 32.44 -23.51
C VAL C 104 -23.01 31.29 -23.31
N ASP C 105 -21.73 31.60 -23.08
CA ASP C 105 -20.75 30.55 -22.85
C ASP C 105 -21.13 29.67 -21.66
N ARG C 106 -21.62 30.26 -20.58
CA ARG C 106 -22.03 29.46 -19.42
C ARG C 106 -23.14 28.49 -19.79
N PHE C 107 -24.12 28.94 -20.59
CA PHE C 107 -25.22 28.06 -20.97
C PHE C 107 -24.75 26.94 -21.89
N HIS C 108 -23.83 27.26 -22.81
CA HIS C 108 -23.29 26.24 -23.71
C HIS C 108 -22.64 25.10 -22.93
N GLN C 109 -21.68 25.42 -22.05
CA GLN C 109 -21.01 24.37 -21.28
C GLN C 109 -21.99 23.59 -20.41
N LEU C 110 -23.02 24.26 -19.89
CA LEU C 110 -23.99 23.58 -19.05
C LEU C 110 -24.67 22.45 -19.82
N ILE C 111 -25.02 22.71 -21.08
CA ILE C 111 -25.73 21.72 -21.89
C ILE C 111 -24.85 20.49 -22.14
N LEU C 112 -23.59 20.71 -22.55
CA LEU C 112 -22.70 19.56 -22.80
C LEU C 112 -22.44 18.78 -21.52
N ARG C 113 -22.23 19.48 -20.40
CA ARG C 113 -22.02 18.79 -19.13
C ARG C 113 -23.20 17.90 -18.79
N VAL C 114 -24.42 18.43 -18.94
CA VAL C 114 -25.61 17.63 -18.70
C VAL C 114 -25.68 16.49 -19.69
N LYS C 115 -25.55 16.80 -20.99
CA LYS C 115 -25.68 15.78 -22.02
C LYS C 115 -24.51 14.81 -22.06
N ASP C 116 -23.38 15.16 -21.43
CA ASP C 116 -22.17 14.34 -21.50
C ASP C 116 -21.80 14.11 -22.96
N ARG C 117 -21.73 15.20 -23.72
CA ARG C 117 -21.47 15.14 -25.14
C ARG C 117 -20.49 16.24 -25.51
N GLU C 118 -19.79 16.07 -26.62
CA GLU C 118 -18.91 17.12 -27.09
C GLU C 118 -19.65 18.23 -27.83
N SER C 119 -20.84 17.94 -28.34
CA SER C 119 -21.67 18.92 -29.04
C SER C 119 -23.11 18.42 -29.03
N PHE C 120 -24.05 19.36 -29.02
CA PHE C 120 -25.46 18.98 -29.00
C PHE C 120 -26.26 19.99 -29.80
N PRO C 121 -27.36 19.57 -30.45
CA PRO C 121 -28.21 20.51 -31.20
C PRO C 121 -28.68 21.72 -30.39
N MET C 122 -28.20 22.89 -30.79
CA MET C 122 -28.54 24.14 -30.11
C MET C 122 -28.49 25.29 -31.11
N ILE C 123 -29.25 26.35 -30.83
CA ILE C 123 -29.27 27.53 -31.68
C ILE C 123 -29.20 28.79 -30.83
N LEU C 124 -28.27 29.67 -31.17
CA LEU C 124 -28.15 30.98 -30.53
C LEU C 124 -29.24 31.91 -31.05
N VAL C 125 -29.92 32.60 -30.14
CA VAL C 125 -31.04 33.47 -30.47
C VAL C 125 -30.75 34.85 -29.92
N ALA C 126 -30.60 35.84 -30.82
CA ALA C 126 -30.40 37.23 -30.45
C ALA C 126 -31.75 37.94 -30.53
N ASN C 127 -32.25 38.40 -29.39
CA ASN C 127 -33.60 38.95 -29.30
C ASN C 127 -33.55 40.46 -29.07
N LYS C 128 -34.73 41.07 -29.15
CA LYS C 128 -34.92 42.52 -28.95
C LYS C 128 -34.21 43.37 -29.99
N VAL C 129 -34.07 42.85 -31.22
CA VAL C 129 -33.45 43.62 -32.29
C VAL C 129 -34.24 44.88 -32.62
N ASP C 130 -35.54 44.89 -32.31
CA ASP C 130 -36.37 46.07 -32.55
C ASP C 130 -35.83 47.30 -31.84
N LEU C 131 -35.26 47.13 -30.64
CA LEU C 131 -34.72 48.24 -29.88
C LEU C 131 -33.42 48.73 -30.48
N MET C 132 -33.50 49.35 -31.66
CA MET C 132 -32.29 49.74 -32.39
C MET C 132 -31.55 50.88 -31.71
N HIS C 133 -32.27 51.72 -30.96
CA HIS C 133 -31.61 52.82 -30.26
C HIS C 133 -30.77 52.34 -29.09
N LEU C 134 -31.17 51.24 -28.45
CA LEU C 134 -30.50 50.73 -27.26
C LEU C 134 -29.73 49.44 -27.51
N ARG C 135 -29.48 49.09 -28.76
CA ARG C 135 -28.76 47.87 -29.07
C ARG C 135 -27.28 48.01 -28.70
N LYS C 136 -26.74 47.00 -28.04
CA LYS C 136 -25.35 46.94 -27.59
C LYS C 136 -24.52 45.88 -28.29
N ILE C 137 -25.10 44.73 -28.61
CA ILE C 137 -24.35 43.65 -29.25
C ILE C 137 -24.67 43.70 -30.74
N THR C 138 -23.63 43.80 -31.57
CA THR C 138 -23.82 43.92 -33.01
C THR C 138 -24.08 42.55 -33.63
N ARG C 139 -24.53 42.59 -34.89
CA ARG C 139 -24.75 41.35 -35.63
C ARG C 139 -23.44 40.56 -35.78
N GLU C 140 -22.33 41.28 -36.00
CA GLU C 140 -21.05 40.60 -36.15
C GLU C 140 -20.60 40.00 -34.82
N GLN C 141 -20.89 40.67 -33.71
CA GLN C 141 -20.58 40.11 -32.40
C GLN C 141 -21.31 38.79 -32.19
N GLY C 142 -22.62 38.77 -32.47
CA GLY C 142 -23.37 37.53 -32.33
C GLY C 142 -22.98 36.49 -33.35
N LYS C 143 -22.75 36.90 -34.60
CA LYS C 143 -22.35 35.94 -35.63
C LYS C 143 -21.01 35.31 -35.30
N GLU C 144 -20.09 36.09 -34.72
CA GLU C 144 -18.82 35.52 -34.28
C GLU C 144 -19.03 34.53 -33.13
N MET C 145 -19.89 34.90 -32.18
CA MET C 145 -20.22 34.00 -31.07
C MET C 145 -20.77 32.67 -31.58
N ALA C 146 -21.65 32.72 -32.58
CA ALA C 146 -22.25 31.49 -33.09
C ALA C 146 -21.21 30.59 -33.73
N THR C 147 -20.40 31.15 -34.63
CA THR C 147 -19.35 30.34 -35.27
C THR C 147 -18.30 29.88 -34.27
N LYS C 148 -18.17 30.57 -33.12
CA LYS C 148 -17.22 30.13 -32.11
C LYS C 148 -17.64 28.78 -31.52
N HIS C 149 -18.94 28.57 -31.34
CA HIS C 149 -19.47 27.28 -30.89
C HIS C 149 -20.01 26.43 -32.03
N ASN C 150 -19.83 26.88 -33.28
CA ASN C 150 -20.27 26.13 -34.46
C ASN C 150 -21.76 25.79 -34.39
N ILE C 151 -22.57 26.82 -34.14
CA ILE C 151 -24.02 26.65 -34.07
C ILE C 151 -24.69 27.82 -34.79
N PRO C 152 -25.91 27.60 -35.28
CA PRO C 152 -26.58 28.64 -36.07
C PRO C 152 -26.90 29.88 -35.26
N TYR C 153 -27.18 30.97 -35.98
CA TYR C 153 -27.44 32.27 -35.39
C TYR C 153 -28.69 32.88 -36.03
N ILE C 154 -29.63 33.32 -35.20
CA ILE C 154 -30.85 33.97 -35.66
C ILE C 154 -31.12 35.19 -34.79
N GLU C 155 -31.50 36.30 -35.42
CA GLU C 155 -31.96 37.49 -34.72
C GLU C 155 -33.48 37.49 -34.68
N THR C 156 -34.05 37.73 -33.50
CA THR C 156 -35.48 37.64 -33.29
C THR C 156 -36.00 38.87 -32.57
N SER C 157 -37.30 39.10 -32.70
CA SER C 157 -38.02 40.11 -31.93
C SER C 157 -39.42 39.59 -31.68
N ALA C 158 -39.81 39.49 -30.42
CA ALA C 158 -41.13 38.99 -30.06
C ALA C 158 -42.19 40.09 -30.03
N LYS C 159 -41.78 41.35 -30.14
CA LYS C 159 -42.72 42.46 -30.15
C LYS C 159 -43.39 42.56 -31.51
N ASP C 160 -44.69 42.83 -31.50
CA ASP C 160 -45.46 42.85 -32.74
C ASP C 160 -44.95 43.96 -33.66
N PRO C 161 -44.69 43.67 -34.94
CA PRO C 161 -44.82 42.36 -35.60
C PRO C 161 -43.62 41.46 -35.30
N PRO C 162 -43.85 40.19 -34.98
CA PRO C 162 -42.74 39.33 -34.59
C PRO C 162 -41.82 39.04 -35.75
N LEU C 163 -40.54 38.84 -35.43
CA LEU C 163 -39.49 38.65 -36.42
C LEU C 163 -38.73 37.36 -36.11
N ASN C 164 -38.78 36.41 -37.05
CA ASN C 164 -38.03 35.15 -36.98
C ASN C 164 -38.32 34.35 -35.72
N VAL C 165 -39.44 34.62 -35.05
CA VAL C 165 -39.77 33.85 -33.85
C VAL C 165 -40.04 32.40 -34.21
N ASP C 166 -40.89 32.18 -35.22
CA ASP C 166 -41.14 30.83 -35.70
C ASP C 166 -39.89 30.21 -36.32
N LYS C 167 -39.11 31.02 -37.03
CA LYS C 167 -37.91 30.52 -37.69
C LYS C 167 -36.91 29.97 -36.69
N ALA C 168 -36.74 30.64 -35.55
CA ALA C 168 -35.82 30.19 -34.53
C ALA C 168 -36.11 28.76 -34.10
N PHE C 169 -37.37 28.49 -33.73
CA PHE C 169 -37.76 27.14 -33.35
C PHE C 169 -37.67 26.18 -34.52
N HIS C 170 -38.14 26.59 -35.71
CA HIS C 170 -38.10 25.72 -36.86
C HIS C 170 -36.68 25.33 -37.23
N ASP C 171 -35.75 26.27 -37.15
CA ASP C 171 -34.36 25.96 -37.50
C ASP C 171 -33.75 24.96 -36.52
N LEU C 172 -34.05 25.10 -35.23
CA LEU C 172 -33.55 24.13 -34.25
C LEU C 172 -34.05 22.72 -34.56
N VAL C 173 -35.34 22.59 -34.90
CA VAL C 173 -35.88 21.31 -35.31
C VAL C 173 -35.10 20.75 -36.50
N ARG C 174 -34.80 21.61 -37.49
CA ARG C 174 -34.06 21.17 -38.66
C ARG C 174 -32.68 20.63 -38.28
N VAL C 175 -32.01 21.26 -37.31
CA VAL C 175 -30.71 20.77 -36.87
C VAL C 175 -30.83 19.35 -36.31
N ILE C 176 -31.86 19.10 -35.50
CA ILE C 176 -32.04 17.78 -34.90
C ILE C 176 -32.25 16.71 -35.97
N ARG C 177 -33.02 17.05 -37.02
CA ARG C 177 -33.39 16.07 -38.03
C ARG C 177 -32.20 15.61 -38.87
N GLN C 178 -31.15 16.42 -38.98
CA GLN C 178 -29.99 16.08 -39.80
C GLN C 178 -28.84 15.49 -38.98
N GLN C 179 -29.16 14.74 -37.93
CA GLN C 179 -28.16 14.16 -37.05
C GLN C 179 -28.20 12.64 -37.12
N ILE C 180 -27.10 12.02 -36.70
CA ILE C 180 -27.01 10.57 -36.63
C ILE C 180 -27.14 10.12 -35.17
N GLY D 1 -29.76 26.09 25.28
CA GLY D 1 -31.17 25.81 25.44
C GLY D 1 -32.07 27.01 25.19
N THR D 2 -31.45 28.12 24.75
CA THR D 2 -32.20 29.32 24.43
C THR D 2 -33.25 29.02 23.37
N VAL D 3 -34.47 29.52 23.60
CA VAL D 3 -35.57 29.30 22.67
C VAL D 3 -35.39 30.18 21.44
N HIS D 4 -35.93 29.72 20.31
CA HIS D 4 -35.82 30.41 19.03
C HIS D 4 -34.36 30.74 18.70
N ARG D 5 -33.52 29.71 18.76
CA ARG D 5 -32.08 29.87 18.53
C ARG D 5 -31.63 28.88 17.47
N TRP D 6 -31.05 29.40 16.39
CA TRP D 6 -30.38 28.57 15.41
C TRP D 6 -29.03 28.13 15.96
N ARG D 7 -28.65 26.89 15.68
CA ARG D 7 -27.38 26.36 16.13
C ARG D 7 -26.74 25.55 15.02
N ARG D 8 -25.49 25.89 14.67
CA ARG D 8 -24.75 25.19 13.63
C ARG D 8 -24.14 23.93 14.24
N LEU D 9 -24.79 22.79 14.04
CA LEU D 9 -24.34 21.52 14.56
C LEU D 9 -23.20 20.97 13.70
N PRO D 10 -22.46 19.97 14.20
CA PRO D 10 -21.33 19.43 13.45
C PRO D 10 -21.76 18.89 12.09
N PRO D 11 -21.07 19.27 11.03
CA PRO D 11 -21.46 18.81 9.69
C PRO D 11 -21.11 17.35 9.49
N CYS D 12 -21.69 16.76 8.45
CA CYS D 12 -21.43 15.37 8.11
C CYS D 12 -20.00 15.23 7.61
N ASP D 13 -19.20 14.43 8.30
CA ASP D 13 -17.80 14.25 7.94
C ASP D 13 -17.69 13.70 6.53
N GLU D 14 -16.62 14.08 5.84
CA GLU D 14 -16.47 13.68 4.44
C GLU D 14 -16.31 12.17 4.31
N PHE D 15 -15.70 11.51 5.29
CA PHE D 15 -15.53 10.07 5.25
C PHE D 15 -16.79 9.31 5.66
N VAL D 16 -17.78 9.99 6.22
CA VAL D 16 -19.07 9.38 6.52
C VAL D 16 -20.01 9.46 5.32
N GLY D 17 -20.15 10.65 4.75
CA GLY D 17 -21.01 10.86 3.60
C GLY D 17 -20.75 12.20 2.95
N ALA D 18 -21.04 12.31 1.66
CA ALA D 18 -20.75 13.53 0.93
C ALA D 18 -21.81 14.60 1.20
N ARG D 19 -21.41 15.85 0.96
CA ARG D 19 -22.37 16.95 0.95
C ARG D 19 -23.37 16.73 -0.19
N ARG D 20 -24.66 16.89 0.12
CA ARG D 20 -25.68 16.46 -0.81
C ARG D 20 -26.89 17.38 -0.77
N SER D 21 -27.71 17.27 -1.81
CA SER D 21 -29.02 17.89 -1.88
C SER D 21 -30.00 16.88 -2.46
N LYS D 22 -31.28 17.27 -2.48
CA LYS D 22 -32.36 16.45 -3.01
C LYS D 22 -32.49 15.11 -2.29
N HIS D 23 -31.95 15.03 -1.07
CA HIS D 23 -31.99 13.84 -0.24
C HIS D 23 -33.28 13.79 0.56
N THR D 24 -33.39 12.78 1.42
CA THR D 24 -34.51 12.65 2.34
C THR D 24 -34.00 12.51 3.76
N VAL D 25 -34.67 13.18 4.69
CA VAL D 25 -34.33 13.15 6.10
C VAL D 25 -35.57 12.67 6.86
N VAL D 26 -35.38 11.70 7.74
CA VAL D 26 -36.45 11.15 8.56
C VAL D 26 -35.95 11.05 10.00
N ALA D 27 -36.84 11.40 10.93
CA ALA D 27 -36.53 11.34 12.36
C ALA D 27 -37.03 10.04 12.94
N TYR D 28 -36.19 9.38 13.74
CA TYR D 28 -36.55 8.16 14.43
C TYR D 28 -35.74 8.06 15.72
N LYS D 29 -36.43 7.75 16.82
CA LYS D 29 -35.83 7.68 18.15
C LYS D 29 -35.21 9.05 18.41
N ASP D 30 -33.92 9.13 18.74
CA ASP D 30 -33.22 10.40 18.93
C ASP D 30 -32.16 10.60 17.85
N ALA D 31 -32.45 10.17 16.63
CA ALA D 31 -31.49 10.24 15.54
C ALA D 31 -32.16 10.73 14.27
N ILE D 32 -31.36 11.37 13.42
CA ILE D 32 -31.80 11.87 12.12
C ILE D 32 -31.17 10.98 11.05
N TYR D 33 -31.98 10.46 10.13
CA TYR D 33 -31.51 9.52 9.12
C TYR D 33 -31.57 10.16 7.74
N VAL D 34 -30.42 10.25 7.09
CA VAL D 34 -30.28 10.83 5.77
C VAL D 34 -30.13 9.71 4.75
N PHE D 35 -30.95 9.74 3.69
CA PHE D 35 -30.87 8.74 2.65
C PHE D 35 -30.88 9.43 1.29
N GLY D 36 -30.14 8.86 0.34
CA GLY D 36 -30.12 9.34 -1.03
C GLY D 36 -29.50 10.72 -1.18
N GLY D 37 -29.58 11.23 -2.41
CA GLY D 37 -29.18 12.58 -2.74
C GLY D 37 -28.23 12.61 -3.92
N ASP D 38 -27.68 13.79 -4.17
CA ASP D 38 -26.76 14.02 -5.29
C ASP D 38 -25.58 14.80 -4.75
N ASN D 39 -24.39 14.24 -4.89
CA ASN D 39 -23.16 14.84 -4.36
C ASN D 39 -22.54 15.86 -5.30
N GLY D 40 -23.19 16.17 -6.42
CA GLY D 40 -22.66 17.06 -7.43
C GLY D 40 -22.11 16.35 -8.64
N LYS D 41 -21.88 15.05 -8.53
CA LYS D 41 -21.35 14.22 -9.61
C LYS D 41 -22.17 12.97 -9.86
N THR D 42 -22.72 12.35 -8.81
CA THR D 42 -23.47 11.12 -8.96
C THR D 42 -24.61 11.07 -7.95
N MET D 43 -25.52 10.14 -8.17
CA MET D 43 -26.56 9.85 -7.21
C MET D 43 -26.01 9.02 -6.05
N LEU D 44 -26.77 8.99 -4.97
CA LEU D 44 -26.33 8.32 -3.74
C LEU D 44 -27.43 7.39 -3.24
N ASN D 45 -27.01 6.35 -2.51
CA ASN D 45 -27.95 5.48 -1.81
C ASN D 45 -27.38 5.01 -0.48
N ASP D 46 -26.49 5.81 0.12
CA ASP D 46 -26.01 5.52 1.45
C ASP D 46 -27.03 5.99 2.49
N LEU D 47 -26.86 5.52 3.72
CA LEU D 47 -27.73 5.88 4.82
C LEU D 47 -26.88 6.44 5.95
N LEU D 48 -27.11 7.70 6.29
CA LEU D 48 -26.37 8.37 7.35
C LEU D 48 -27.25 8.48 8.58
N ARG D 49 -26.60 8.64 9.73
CA ARG D 49 -27.33 8.76 10.99
C ARG D 49 -26.68 9.85 11.81
N PHE D 50 -27.47 10.89 12.13
CA PHE D 50 -27.03 11.97 13.00
C PHE D 50 -27.70 11.79 14.35
N ASP D 51 -26.91 11.39 15.35
CA ASP D 51 -27.42 11.24 16.70
C ASP D 51 -27.64 12.62 17.31
N VAL D 52 -28.91 12.96 17.56
CA VAL D 52 -29.26 14.29 18.02
C VAL D 52 -28.71 14.57 19.41
N LYS D 53 -28.65 13.55 20.27
CA LYS D 53 -28.29 13.78 21.66
C LYS D 53 -26.83 14.21 21.81
N ASP D 54 -25.91 13.59 21.07
CA ASP D 54 -24.49 13.93 21.19
C ASP D 54 -23.88 14.48 19.90
N CYS D 55 -24.68 14.71 18.87
CA CYS D 55 -24.23 15.38 17.64
C CYS D 55 -23.10 14.60 16.97
N SER D 56 -23.33 13.31 16.75
CA SER D 56 -22.33 12.43 16.16
C SER D 56 -22.86 11.83 14.86
N TRP D 57 -22.07 11.94 13.79
CA TRP D 57 -22.40 11.35 12.50
C TRP D 57 -21.83 9.94 12.40
N CYS D 58 -22.47 9.12 11.57
CA CYS D 58 -21.99 7.78 11.26
C CYS D 58 -22.81 7.23 10.09
N ARG D 59 -22.22 6.29 9.38
CA ARG D 59 -22.99 5.53 8.40
C ARG D 59 -23.90 4.56 9.14
N ALA D 60 -25.20 4.64 8.87
CA ALA D 60 -26.15 3.75 9.54
C ALA D 60 -25.89 2.30 9.12
N PHE D 61 -26.15 1.40 10.06
CA PHE D 61 -25.98 -0.02 9.80
C PHE D 61 -27.05 -0.49 8.82
N THR D 62 -26.63 -1.06 7.70
CA THR D 62 -27.54 -1.56 6.68
C THR D 62 -27.11 -2.96 6.25
N THR D 63 -28.08 -3.86 6.17
CA THR D 63 -27.89 -5.17 5.56
C THR D 63 -28.96 -5.36 4.49
N GLY D 64 -28.67 -6.22 3.52
CA GLY D 64 -29.53 -6.38 2.38
C GLY D 64 -29.33 -5.28 1.35
N THR D 65 -29.74 -5.58 0.13
CA THR D 65 -29.51 -4.65 -0.97
C THR D 65 -30.38 -3.40 -0.83
N PRO D 66 -29.79 -2.21 -0.74
CA PRO D 66 -30.59 -1.00 -0.56
C PRO D 66 -31.21 -0.56 -1.87
N PRO D 67 -32.06 0.48 -1.86
CA PRO D 67 -32.61 0.99 -3.11
C PRO D 67 -31.53 1.55 -4.02
N ALA D 68 -31.85 1.59 -5.32
CA ALA D 68 -30.93 2.14 -6.29
C ALA D 68 -30.63 3.60 -5.96
N PRO D 69 -29.41 4.06 -6.22
CA PRO D 69 -29.06 5.47 -5.94
C PRO D 69 -30.05 6.42 -6.61
N ARG D 70 -30.58 7.35 -5.83
CA ARG D 70 -31.68 8.19 -6.30
C ARG D 70 -31.69 9.49 -5.51
N TYR D 71 -32.40 10.47 -6.06
CA TYR D 71 -32.73 11.69 -5.33
C TYR D 71 -34.14 12.10 -5.72
N HIS D 72 -34.64 13.16 -5.07
CA HIS D 72 -36.03 13.61 -5.22
C HIS D 72 -37.02 12.51 -4.87
N HIS D 73 -36.60 11.56 -4.04
CA HIS D 73 -37.45 10.51 -3.53
C HIS D 73 -38.13 10.98 -2.25
N SER D 74 -38.95 10.12 -1.67
CA SER D 74 -39.63 10.40 -0.41
C SER D 74 -39.27 9.35 0.63
N ALA D 75 -39.29 9.74 1.89
CA ALA D 75 -39.04 8.84 3.00
C ALA D 75 -39.99 9.18 4.15
N VAL D 76 -40.61 8.15 4.72
CA VAL D 76 -41.51 8.31 5.85
C VAL D 76 -41.19 7.23 6.88
N VAL D 77 -41.61 7.48 8.12
CA VAL D 77 -41.42 6.54 9.22
C VAL D 77 -42.79 6.02 9.64
N TYR D 78 -42.95 4.70 9.63
CA TYR D 78 -44.13 4.04 10.16
C TYR D 78 -43.68 2.97 11.13
N GLY D 79 -44.07 3.11 12.39
CA GLY D 79 -43.61 2.16 13.39
C GLY D 79 -42.10 2.21 13.54
N SER D 80 -41.48 1.03 13.47
CA SER D 80 -40.04 0.88 13.63
C SER D 80 -39.30 0.76 12.30
N SER D 81 -39.85 1.32 11.23
CA SER D 81 -39.24 1.19 9.91
C SER D 81 -39.32 2.50 9.15
N MET D 82 -38.43 2.64 8.17
CA MET D 82 -38.44 3.76 7.24
C MET D 82 -38.84 3.25 5.86
N PHE D 83 -39.70 4.02 5.18
CA PHE D 83 -40.25 3.62 3.89
C PHE D 83 -39.83 4.63 2.84
N VAL D 84 -39.08 4.16 1.84
CA VAL D 84 -38.63 4.97 0.72
C VAL D 84 -39.49 4.65 -0.49
N PHE D 85 -39.95 5.69 -1.18
CA PHE D 85 -40.75 5.51 -2.39
C PHE D 85 -40.30 6.47 -3.47
N GLY D 86 -40.34 6.00 -4.72
CA GLY D 86 -40.15 6.87 -5.85
C GLY D 86 -38.74 7.40 -5.97
N GLY D 87 -38.61 8.44 -6.77
CA GLY D 87 -37.34 9.12 -6.97
C GLY D 87 -36.85 8.98 -8.41
N TYR D 88 -35.64 9.47 -8.62
CA TYR D 88 -35.02 9.54 -9.94
C TYR D 88 -33.77 8.67 -9.92
N THR D 89 -33.71 7.69 -10.82
CA THR D 89 -32.66 6.69 -10.82
C THR D 89 -31.85 6.78 -12.11
N GLY D 90 -30.55 6.44 -12.01
CA GLY D 90 -29.70 6.38 -13.18
C GLY D 90 -28.27 6.82 -12.97
N ASP D 91 -27.62 7.27 -14.05
CA ASP D 91 -26.21 7.69 -14.02
C ASP D 91 -26.16 9.15 -14.47
N ILE D 92 -25.96 10.05 -13.50
CA ILE D 92 -26.03 11.48 -13.77
C ILE D 92 -24.88 11.94 -14.65
N TYR D 93 -23.65 11.48 -14.35
CA TYR D 93 -22.49 12.03 -15.05
C TYR D 93 -22.55 11.72 -16.54
N SER D 94 -22.90 10.49 -16.89
CA SER D 94 -22.95 10.06 -18.29
C SER D 94 -24.33 10.26 -18.92
N ASN D 95 -25.32 10.73 -18.15
CA ASN D 95 -26.65 11.05 -18.67
C ASN D 95 -27.29 9.85 -19.38
N SER D 96 -27.33 8.72 -18.68
CA SER D 96 -27.82 7.48 -19.26
C SER D 96 -28.65 6.72 -18.24
N ASN D 97 -29.56 5.89 -18.74
CA ASN D 97 -30.40 5.02 -17.92
C ASN D 97 -31.16 5.79 -16.85
N LEU D 98 -31.64 6.98 -17.21
CA LEU D 98 -32.40 7.81 -16.28
C LEU D 98 -33.87 7.45 -16.35
N LYS D 99 -34.46 7.18 -15.19
CA LYS D 99 -35.87 6.83 -15.11
C LYS D 99 -36.39 7.15 -13.71
N ASN D 100 -37.65 7.57 -13.66
CA ASN D 100 -38.33 7.68 -12.38
C ASN D 100 -38.76 6.30 -11.90
N LYS D 101 -39.04 6.18 -10.61
CA LYS D 101 -39.34 4.90 -9.99
C LYS D 101 -40.67 4.97 -9.25
N ASN D 102 -41.25 3.79 -9.04
CA ASN D 102 -42.43 3.63 -8.20
C ASN D 102 -42.29 2.43 -7.28
N ASP D 103 -41.06 2.09 -6.91
CA ASP D 103 -40.81 0.97 -6.01
C ASP D 103 -40.97 1.40 -4.56
N LEU D 104 -40.97 0.41 -3.66
CA LEU D 104 -41.19 0.65 -2.24
C LEU D 104 -40.18 -0.16 -1.46
N PHE D 105 -39.34 0.52 -0.68
CA PHE D 105 -38.34 -0.13 0.16
C PHE D 105 -38.61 0.16 1.62
N GLU D 106 -38.45 -0.86 2.45
CA GLU D 106 -38.59 -0.75 3.89
C GLU D 106 -37.21 -0.90 4.53
N TYR D 107 -36.91 -0.02 5.48
CA TYR D 107 -35.67 -0.11 6.25
C TYR D 107 -36.04 -0.35 7.71
N LYS D 108 -35.81 -1.57 8.18
CA LYS D 108 -36.09 -1.91 9.58
C LYS D 108 -35.02 -1.32 10.48
N PHE D 109 -35.45 -0.49 11.43
CA PHE D 109 -34.52 0.25 12.27
C PHE D 109 -33.81 -0.66 13.27
N ALA D 110 -34.51 -1.68 13.78
CA ALA D 110 -33.92 -2.54 14.80
C ALA D 110 -32.80 -3.40 14.23
N THR D 111 -32.92 -3.80 12.96
CA THR D 111 -31.97 -4.70 12.34
C THR D 111 -31.17 -4.07 11.21
N GLY D 112 -31.53 -2.87 10.76
CA GLY D 112 -30.84 -2.29 9.62
C GLY D 112 -31.15 -2.96 8.31
N GLN D 113 -32.28 -3.65 8.22
CA GLN D 113 -32.61 -4.49 7.08
C GLN D 113 -33.28 -3.68 5.97
N TRP D 114 -32.76 -3.84 4.75
CA TRP D 114 -33.38 -3.29 3.55
C TRP D 114 -34.21 -4.38 2.88
N THR D 115 -35.53 -4.20 2.87
CA THR D 115 -36.42 -5.10 2.14
C THR D 115 -37.21 -4.30 1.12
N GLU D 116 -37.33 -4.84 -0.09
CA GLU D 116 -38.19 -4.24 -1.10
C GLU D 116 -39.57 -4.86 -0.99
N TRP D 117 -40.58 -4.01 -0.87
CA TRP D 117 -41.97 -4.46 -0.86
C TRP D 117 -42.40 -4.66 -2.31
N LYS D 118 -42.23 -5.87 -2.80
CA LYS D 118 -42.64 -6.22 -4.16
C LYS D 118 -44.16 -6.30 -4.24
N ILE D 119 -44.80 -5.18 -4.57
CA ILE D 119 -46.25 -5.04 -4.46
C ILE D 119 -46.89 -5.45 -5.79
N GLU D 120 -47.91 -6.30 -5.70
CA GLU D 120 -48.65 -6.76 -6.86
C GLU D 120 -49.81 -5.80 -7.18
N GLY D 121 -50.30 -5.90 -8.41
CA GLY D 121 -51.43 -5.11 -8.84
C GLY D 121 -51.04 -3.81 -9.50
N ARG D 122 -52.06 -2.97 -9.71
CA ARG D 122 -51.85 -1.69 -10.35
C ARG D 122 -51.07 -0.76 -9.43
N LEU D 123 -49.96 -0.22 -9.94
CA LEU D 123 -49.05 0.68 -9.23
C LEU D 123 -49.30 2.12 -9.64
N PRO D 124 -48.98 3.07 -8.77
CA PRO D 124 -48.96 4.48 -9.20
C PRO D 124 -47.82 4.70 -10.19
N VAL D 125 -48.02 5.66 -11.09
CA VAL D 125 -47.04 5.90 -12.14
C VAL D 125 -45.73 6.33 -11.49
N ALA D 126 -44.61 5.90 -12.08
CA ALA D 126 -43.30 6.25 -11.54
C ALA D 126 -43.12 7.76 -11.58
N ARG D 127 -42.60 8.31 -10.48
CA ARG D 127 -42.59 9.75 -10.29
C ARG D 127 -41.40 10.17 -9.42
N SER D 128 -41.14 11.47 -9.43
CA SER D 128 -40.13 12.09 -8.58
C SER D 128 -40.67 13.41 -8.06
N ALA D 129 -40.03 13.91 -7.00
CA ALA D 129 -40.37 15.19 -6.36
C ALA D 129 -41.80 15.21 -5.82
N HIS D 130 -42.39 14.03 -5.60
CA HIS D 130 -43.71 13.94 -5.03
C HIS D 130 -43.68 14.34 -3.55
N GLY D 131 -44.87 14.49 -2.99
CA GLY D 131 -45.03 14.64 -1.56
C GLY D 131 -45.47 13.33 -0.94
N ALA D 132 -45.10 13.12 0.32
CA ALA D 132 -45.47 11.88 0.97
C ALA D 132 -45.53 12.08 2.48
N THR D 133 -46.47 11.37 3.11
CA THR D 133 -46.62 11.32 4.57
C THR D 133 -47.30 10.00 4.93
N VAL D 134 -47.27 9.69 6.22
CA VAL D 134 -47.91 8.51 6.77
C VAL D 134 -49.07 8.96 7.65
N TYR D 135 -50.25 8.38 7.43
CA TYR D 135 -51.42 8.68 8.24
C TYR D 135 -52.35 7.48 8.22
N SER D 136 -52.89 7.13 9.39
CA SER D 136 -53.86 6.04 9.53
C SER D 136 -53.30 4.73 8.98
N ASP D 137 -52.07 4.40 9.42
CA ASP D 137 -51.41 3.15 9.05
C ASP D 137 -51.27 3.00 7.54
N LYS D 138 -51.12 4.11 6.83
CA LYS D 138 -51.00 4.08 5.38
C LYS D 138 -50.01 5.15 4.93
N LEU D 139 -49.30 4.85 3.85
CA LEU D 139 -48.44 5.83 3.20
C LEU D 139 -49.24 6.57 2.14
N TRP D 140 -49.19 7.90 2.19
CA TRP D 140 -49.90 8.77 1.25
C TRP D 140 -48.87 9.46 0.37
N ILE D 141 -49.01 9.31 -0.95
CA ILE D 141 -48.16 10.00 -1.91
C ILE D 141 -49.05 10.88 -2.79
N PHE D 142 -48.53 12.05 -3.15
CA PHE D 142 -49.31 13.07 -3.82
C PHE D 142 -48.44 13.82 -4.83
N ALA D 143 -48.98 14.01 -6.04
CA ALA D 143 -48.37 14.83 -7.07
C ALA D 143 -46.98 14.32 -7.48
N GLY D 144 -46.16 15.21 -8.01
CA GLY D 144 -44.83 14.89 -8.47
C GLY D 144 -44.68 15.09 -9.97
N TYR D 145 -43.56 14.62 -10.50
CA TYR D 145 -43.26 14.65 -11.92
C TYR D 145 -43.06 13.23 -12.41
N ASP D 146 -43.73 12.87 -13.52
CA ASP D 146 -43.76 11.49 -13.99
C ASP D 146 -42.87 11.25 -15.21
N GLY D 147 -42.28 12.28 -15.78
CA GLY D 147 -41.47 12.14 -16.97
C GLY D 147 -41.89 13.09 -18.08
N ASN D 148 -43.19 13.32 -18.24
CA ASN D 148 -43.69 14.24 -19.24
C ASN D 148 -44.42 15.45 -18.67
N ALA D 149 -45.07 15.32 -17.52
CA ALA D 149 -45.82 16.43 -16.95
C ALA D 149 -45.94 16.27 -15.44
N ARG D 150 -46.32 17.36 -14.77
CA ARG D 150 -46.57 17.28 -13.34
C ARG D 150 -47.88 16.54 -13.06
N LEU D 151 -48.02 16.09 -11.82
CA LEU D 151 -49.15 15.28 -11.39
C LEU D 151 -49.91 15.97 -10.26
N ASN D 152 -51.18 15.56 -10.10
CA ASN D 152 -51.95 15.97 -8.93
C ASN D 152 -52.80 14.82 -8.40
N ASP D 153 -52.49 13.58 -8.78
CA ASP D 153 -53.20 12.43 -8.25
C ASP D 153 -52.69 12.10 -6.85
N MET D 154 -53.33 11.12 -6.21
CA MET D 154 -52.98 10.75 -4.85
C MET D 154 -53.28 9.27 -4.64
N TRP D 155 -52.33 8.58 -4.00
CA TRP D 155 -52.44 7.15 -3.75
C TRP D 155 -52.12 6.83 -2.30
N THR D 156 -52.66 5.70 -1.83
CA THR D 156 -52.38 5.17 -0.51
C THR D 156 -51.89 3.74 -0.64
N ILE D 157 -51.16 3.29 0.38
CA ILE D 157 -50.70 1.91 0.48
C ILE D 157 -50.65 1.54 1.95
N GLY D 158 -51.31 0.43 2.30
CA GLY D 158 -51.29 -0.03 3.68
C GLY D 158 -49.92 -0.54 4.05
N LEU D 159 -49.42 -0.11 5.21
CA LEU D 159 -48.09 -0.50 5.69
C LEU D 159 -48.19 -1.50 6.84
N GLN D 160 -49.30 -2.22 6.95
CA GLN D 160 -49.53 -3.11 8.09
C GLN D 160 -49.07 -4.53 7.81
N ASP D 161 -49.29 -5.03 6.59
CA ASP D 161 -48.94 -6.38 6.22
C ASP D 161 -48.35 -6.33 4.82
N ARG D 162 -47.06 -6.61 4.69
CA ARG D 162 -46.39 -6.53 3.40
C ARG D 162 -47.08 -7.41 2.35
N GLU D 163 -47.55 -8.59 2.76
CA GLU D 163 -48.22 -9.47 1.82
C GLU D 163 -49.60 -8.95 1.43
N LEU D 164 -50.44 -8.68 2.42
CA LEU D 164 -51.86 -8.45 2.21
C LEU D 164 -52.13 -6.95 2.09
N THR D 165 -51.58 -6.34 1.04
CA THR D 165 -51.74 -4.90 0.82
C THR D 165 -51.49 -4.60 -0.65
N CYS D 166 -52.09 -3.50 -1.12
CA CYS D 166 -51.94 -3.06 -2.50
C CYS D 166 -52.21 -1.56 -2.56
N TRP D 167 -51.92 -0.98 -3.72
CA TRP D 167 -52.10 0.46 -3.90
C TRP D 167 -53.55 0.78 -4.22
N GLU D 168 -54.00 1.95 -3.77
CA GLU D 168 -55.35 2.43 -4.03
C GLU D 168 -55.29 3.91 -4.36
N GLU D 169 -55.88 4.29 -5.49
CA GLU D 169 -55.92 5.69 -5.88
C GLU D 169 -57.05 6.41 -5.14
N VAL D 170 -56.74 7.60 -4.61
CA VAL D 170 -57.69 8.36 -3.81
C VAL D 170 -58.54 9.22 -4.74
N ALA D 171 -59.86 9.05 -4.66
CA ALA D 171 -60.80 9.92 -5.36
C ALA D 171 -60.85 11.24 -4.59
N GLN D 172 -59.97 12.17 -4.96
CA GLN D 172 -59.87 13.43 -4.25
C GLN D 172 -61.05 14.34 -4.60
N SER D 173 -61.40 15.20 -3.65
CA SER D 173 -62.47 16.18 -3.80
C SER D 173 -61.99 17.54 -3.30
N GLY D 174 -62.80 18.56 -3.55
CA GLY D 174 -62.42 19.90 -3.15
C GLY D 174 -61.51 20.57 -4.17
N GLU D 175 -60.80 21.60 -3.70
CA GLU D 175 -59.89 22.36 -4.56
C GLU D 175 -58.56 21.62 -4.59
N ILE D 176 -58.49 20.60 -5.45
CA ILE D 176 -57.23 19.87 -5.62
C ILE D 176 -56.14 20.87 -6.03
N PRO D 177 -54.98 20.86 -5.40
CA PRO D 177 -53.94 21.80 -5.79
C PRO D 177 -53.55 21.59 -7.23
N PRO D 178 -53.21 22.66 -7.96
CA PRO D 178 -52.70 22.49 -9.33
C PRO D 178 -51.48 21.59 -9.33
N SER D 179 -51.31 20.87 -10.44
CA SER D 179 -50.21 19.92 -10.61
C SER D 179 -48.90 20.49 -10.10
N CYS D 180 -48.27 19.78 -9.17
CA CYS D 180 -47.13 20.31 -8.43
C CYS D 180 -46.03 19.27 -8.31
N CYS D 181 -44.82 19.77 -8.10
CA CYS D 181 -43.67 18.97 -7.72
C CYS D 181 -42.72 19.86 -6.94
N ASN D 182 -41.81 19.23 -6.20
CA ASN D 182 -40.81 19.95 -5.40
C ASN D 182 -41.48 20.88 -4.39
N PHE D 183 -42.24 20.27 -3.49
CA PHE D 183 -42.97 20.96 -2.44
C PHE D 183 -42.92 20.11 -1.18
N PRO D 184 -42.94 20.72 -0.01
CA PRO D 184 -42.96 19.95 1.24
C PRO D 184 -44.38 19.66 1.71
N VAL D 185 -44.48 18.63 2.53
CA VAL D 185 -45.76 18.16 3.05
C VAL D 185 -45.62 17.92 4.54
N ALA D 186 -46.59 18.41 5.31
CA ALA D 186 -46.62 18.18 6.75
C ALA D 186 -48.04 17.84 7.18
N VAL D 187 -48.16 16.92 8.13
CA VAL D 187 -49.44 16.56 8.71
C VAL D 187 -49.57 17.25 10.05
N CYS D 188 -50.67 17.98 10.23
CA CYS D 188 -50.96 18.63 11.50
C CYS D 188 -52.46 18.61 11.71
N ARG D 189 -52.86 18.57 12.98
CA ARG D 189 -54.25 18.23 13.34
C ARG D 189 -54.54 16.90 12.66
N ASP D 190 -55.63 16.79 11.90
CA ASP D 190 -55.91 15.60 11.11
C ASP D 190 -55.97 15.95 9.62
N LYS D 191 -55.08 16.85 9.20
CA LYS D 191 -55.05 17.34 7.83
C LYS D 191 -53.63 17.29 7.28
N MET D 192 -53.54 17.13 5.96
CA MET D 192 -52.27 17.20 5.24
C MET D 192 -52.15 18.56 4.58
N PHE D 193 -50.96 19.16 4.66
CA PHE D 193 -50.75 20.52 4.20
C PHE D 193 -49.72 20.58 3.08
N VAL D 194 -49.99 21.43 2.09
CA VAL D 194 -49.12 21.65 0.95
C VAL D 194 -49.01 23.16 0.75
N PHE D 195 -47.78 23.66 0.65
CA PHE D 195 -47.51 25.08 0.48
C PHE D 195 -46.69 25.28 -0.78
N SER D 196 -47.21 26.09 -1.71
CA SER D 196 -46.48 26.51 -2.90
C SER D 196 -45.90 25.31 -3.64
N GLY D 197 -44.71 25.48 -4.19
CA GLY D 197 -44.08 24.47 -5.01
C GLY D 197 -43.97 24.94 -6.45
N GLN D 198 -43.39 24.07 -7.27
CA GLN D 198 -43.25 24.33 -8.70
C GLN D 198 -44.51 23.85 -9.39
N SER D 199 -45.37 24.79 -9.78
CA SER D 199 -46.62 24.48 -10.44
C SER D 199 -46.81 25.26 -11.75
N GLY D 200 -45.70 25.67 -12.38
CA GLY D 200 -45.77 26.28 -13.69
C GLY D 200 -46.43 27.65 -13.63
N ALA D 201 -47.40 27.87 -14.52
CA ALA D 201 -48.10 29.13 -14.56
C ALA D 201 -48.93 29.39 -13.32
N LYS D 202 -49.29 28.34 -12.58
CA LYS D 202 -50.10 28.47 -11.37
C LYS D 202 -49.25 28.54 -10.09
N ILE D 203 -48.02 29.05 -10.17
CA ILE D 203 -47.19 29.16 -8.97
C ILE D 203 -47.72 30.30 -8.11
N THR D 204 -48.05 29.99 -6.86
CA THR D 204 -48.60 30.96 -5.94
C THR D 204 -48.07 30.63 -4.55
N ASN D 205 -48.48 31.42 -3.56
CA ASN D 205 -48.18 31.16 -2.16
C ASN D 205 -49.42 30.69 -1.41
N ASN D 206 -50.32 30.01 -2.12
CA ASN D 206 -51.52 29.46 -1.51
C ASN D 206 -51.16 28.26 -0.63
N LEU D 207 -51.94 28.07 0.43
CA LEU D 207 -51.80 26.94 1.33
C LEU D 207 -52.98 26.00 1.14
N PHE D 208 -52.70 24.74 0.85
CA PHE D 208 -53.74 23.74 0.64
C PHE D 208 -53.80 22.79 1.81
N GLN D 209 -55.02 22.35 2.12
CA GLN D 209 -55.31 21.51 3.28
C GLN D 209 -56.16 20.33 2.84
N PHE D 210 -55.72 19.13 3.17
CA PHE D 210 -56.37 17.89 2.76
C PHE D 210 -56.84 17.16 4.00
N GLU D 211 -58.14 17.17 4.24
CA GLU D 211 -58.66 16.43 5.37
C GLU D 211 -58.88 14.96 4.98
N PHE D 212 -58.18 14.06 5.68
CA PHE D 212 -58.16 12.65 5.31
C PHE D 212 -59.53 12.01 5.41
N LYS D 213 -60.32 12.42 6.42
CA LYS D 213 -61.60 11.78 6.70
C LYS D 213 -62.51 11.77 5.47
N ASP D 214 -62.78 12.96 4.92
CA ASP D 214 -63.63 13.08 3.74
C ASP D 214 -62.84 13.22 2.45
N LYS D 215 -61.51 13.17 2.52
CA LYS D 215 -60.65 13.22 1.33
C LYS D 215 -60.95 14.43 0.46
N THR D 216 -60.97 15.61 1.08
CA THR D 216 -61.32 16.84 0.40
C THR D 216 -60.22 17.88 0.59
N TRP D 217 -59.90 18.58 -0.50
CA TRP D 217 -58.91 19.65 -0.48
C TRP D 217 -59.59 21.00 -0.30
N THR D 218 -58.89 21.91 0.37
CA THR D 218 -59.42 23.26 0.59
C THR D 218 -58.28 24.25 0.59
N ARG D 219 -58.36 25.24 -0.30
CA ARG D 219 -57.40 26.34 -0.31
C ARG D 219 -57.79 27.31 0.81
N ILE D 220 -56.95 27.40 1.83
CA ILE D 220 -57.28 28.30 2.94
C ILE D 220 -57.33 29.73 2.42
N PRO D 221 -58.21 30.59 2.93
CA PRO D 221 -58.33 31.94 2.37
C PRO D 221 -57.02 32.71 2.52
N THR D 222 -56.72 33.51 1.49
CA THR D 222 -55.41 34.17 1.41
C THR D 222 -55.30 35.33 2.39
N GLU D 223 -56.36 36.09 2.59
CA GLU D 223 -56.33 37.23 3.49
C GLU D 223 -57.64 37.31 4.27
N HIS D 224 -57.53 37.63 5.56
CA HIS D 224 -58.70 37.76 6.43
C HIS D 224 -58.47 38.83 7.49
N GLY D 228 -55.59 42.60 6.98
CA GLY D 228 -54.34 43.24 7.36
C GLY D 228 -53.34 42.28 7.99
N SER D 229 -53.74 41.01 8.09
CA SER D 229 -52.93 39.93 8.63
C SER D 229 -51.59 39.85 7.92
N PRO D 230 -50.53 39.38 8.58
CA PRO D 230 -49.23 39.23 7.90
C PRO D 230 -49.35 38.37 6.66
N PRO D 231 -48.62 38.69 5.61
CA PRO D 231 -48.78 37.98 4.34
C PRO D 231 -48.16 36.59 4.41
N PRO D 232 -48.56 35.69 3.53
CA PRO D 232 -47.92 34.38 3.46
C PRO D 232 -46.50 34.51 2.94
N PRO D 233 -45.63 33.52 3.18
CA PRO D 233 -44.26 33.63 2.66
C PRO D 233 -44.24 33.61 1.15
N GLN D 234 -43.16 34.15 0.60
CA GLN D 234 -43.01 34.24 -0.85
C GLN D 234 -43.12 32.86 -1.50
N ARG D 235 -43.73 32.84 -2.68
CA ARG D 235 -43.81 31.61 -3.47
C ARG D 235 -42.42 31.05 -3.74
N ARG D 236 -42.29 29.74 -3.60
CA ARG D 236 -40.98 29.11 -3.61
C ARG D 236 -41.14 27.63 -3.97
N TYR D 237 -40.01 26.99 -4.24
CA TYR D 237 -39.97 25.55 -4.48
C TYR D 237 -38.69 24.99 -3.89
N GLY D 238 -38.72 23.70 -3.57
CA GLY D 238 -37.59 23.06 -2.94
C GLY D 238 -37.40 23.39 -1.48
N HIS D 239 -38.43 23.93 -0.84
CA HIS D 239 -38.38 24.29 0.57
C HIS D 239 -38.89 23.14 1.43
N THR D 240 -38.69 23.26 2.73
CA THR D 240 -39.14 22.27 3.69
C THR D 240 -40.25 22.83 4.57
N MET D 241 -41.07 21.93 5.09
CA MET D 241 -42.15 22.28 6.00
C MET D 241 -42.33 21.15 7.00
N VAL D 242 -42.31 21.49 8.28
CA VAL D 242 -42.50 20.52 9.35
C VAL D 242 -43.63 21.01 10.24
N ALA D 243 -44.26 20.06 10.94
CA ALA D 243 -45.35 20.36 11.84
C ALA D 243 -44.89 20.17 13.28
N PHE D 244 -45.27 21.12 14.14
CA PHE D 244 -44.96 21.03 15.56
C PHE D 244 -45.92 21.92 16.33
N ASP D 245 -46.64 21.32 17.28
CA ASP D 245 -47.52 22.04 18.20
C ASP D 245 -48.48 22.97 17.45
N ARG D 246 -49.32 22.34 16.62
CA ARG D 246 -50.38 23.04 15.89
C ARG D 246 -49.82 24.20 15.05
N HIS D 247 -48.61 24.05 14.53
CA HIS D 247 -47.98 25.07 13.71
C HIS D 247 -47.18 24.41 12.60
N LEU D 248 -47.06 25.13 11.48
CA LEU D 248 -46.24 24.71 10.35
C LEU D 248 -45.08 25.67 10.17
N TYR D 249 -43.88 25.11 10.02
CA TYR D 249 -42.66 25.90 9.87
C TYR D 249 -42.10 25.66 8.48
N VAL D 250 -42.01 26.73 7.68
CA VAL D 250 -41.50 26.67 6.31
C VAL D 250 -40.15 27.35 6.29
N PHE D 251 -39.16 26.69 5.67
CA PHE D 251 -37.81 27.23 5.60
C PHE D 251 -37.18 26.96 4.25
N GLY D 252 -36.41 27.94 3.78
CA GLY D 252 -35.55 27.73 2.63
C GLY D 252 -36.30 27.69 1.31
N GLY D 253 -35.67 27.04 0.34
CA GLY D 253 -36.19 26.96 -1.00
C GLY D 253 -35.76 28.13 -1.87
N ALA D 254 -35.94 27.96 -3.17
CA ALA D 254 -35.65 29.00 -4.15
C ALA D 254 -36.93 29.80 -4.40
N ALA D 255 -36.90 31.08 -4.05
CA ALA D 255 -38.07 31.95 -4.15
C ALA D 255 -37.76 33.12 -5.08
N ASP D 256 -38.29 33.05 -6.30
CA ASP D 256 -38.11 34.12 -7.30
C ASP D 256 -36.64 34.39 -7.54
N ASN D 257 -35.89 33.32 -7.83
CA ASN D 257 -34.45 33.37 -8.14
C ASN D 257 -33.63 33.88 -6.95
N THR D 258 -34.15 33.73 -5.73
CA THR D 258 -33.43 34.06 -4.51
C THR D 258 -33.52 32.89 -3.55
N LEU D 259 -32.74 32.96 -2.48
CA LEU D 259 -32.69 31.91 -1.45
C LEU D 259 -32.95 32.53 -0.09
N PRO D 260 -34.19 32.89 0.22
CA PRO D 260 -34.49 33.47 1.52
C PRO D 260 -34.26 32.48 2.65
N ASN D 261 -33.72 32.98 3.76
CA ASN D 261 -33.40 32.15 4.92
C ASN D 261 -34.25 32.47 6.13
N GLU D 262 -35.33 33.22 5.95
CA GLU D 262 -36.24 33.50 7.04
C GLU D 262 -37.05 32.25 7.40
N LEU D 263 -37.47 32.17 8.67
CA LEU D 263 -38.27 31.06 9.16
C LEU D 263 -39.72 31.50 9.29
N HIS D 264 -40.60 30.92 8.48
CA HIS D 264 -42.02 31.25 8.48
C HIS D 264 -42.79 30.24 9.32
N CYS D 265 -43.82 30.73 10.02
CA CYS D 265 -44.62 29.91 10.91
C CYS D 265 -46.09 30.18 10.67
N TYR D 266 -46.87 29.11 10.51
CA TYR D 266 -48.31 29.20 10.22
C TYR D 266 -49.09 28.56 11.36
N ASP D 267 -49.88 29.36 12.07
CA ASP D 267 -50.79 28.83 13.09
C ASP D 267 -51.94 28.12 12.40
N VAL D 268 -52.02 26.80 12.55
CA VAL D 268 -53.01 26.02 11.82
C VAL D 268 -54.43 26.36 12.31
N ASP D 269 -54.60 26.52 13.62
CA ASP D 269 -55.94 26.74 14.15
C ASP D 269 -56.46 28.14 13.81
N PHE D 270 -55.61 29.16 13.93
CA PHE D 270 -56.02 30.53 13.71
C PHE D 270 -55.72 31.02 12.30
N GLN D 271 -55.06 30.20 11.48
CA GLN D 271 -54.78 30.51 10.08
C GLN D 271 -54.06 31.84 9.93
N THR D 272 -52.94 31.99 10.65
CA THR D 272 -52.17 33.22 10.66
C THR D 272 -50.71 32.91 10.38
N TRP D 273 -50.05 33.81 9.64
CA TRP D 273 -48.63 33.69 9.35
C TRP D 273 -47.83 34.65 10.21
N GLU D 274 -46.56 34.29 10.44
CA GLU D 274 -45.62 35.10 11.18
C GLU D 274 -44.21 34.68 10.78
N VAL D 275 -43.26 35.59 10.97
CA VAL D 275 -41.85 35.31 10.75
C VAL D 275 -41.18 35.19 12.10
N VAL D 276 -40.65 34.00 12.41
CA VAL D 276 -40.07 33.73 13.72
C VAL D 276 -38.74 34.47 13.83
N GLN D 277 -38.64 35.36 14.82
CA GLN D 277 -37.42 36.11 15.04
C GLN D 277 -36.40 35.22 15.75
N PRO D 278 -35.23 34.97 15.14
CA PRO D 278 -34.19 34.21 15.83
C PRO D 278 -33.47 35.05 16.87
N SER D 279 -33.05 34.40 17.95
CA SER D 279 -32.40 35.08 19.05
C SER D 279 -31.10 35.75 18.61
N SER D 280 -30.61 36.67 19.44
CA SER D 280 -29.39 37.39 19.13
C SER D 280 -28.18 36.48 19.08
N ASP D 281 -28.18 35.40 19.87
CA ASP D 281 -27.08 34.45 19.89
C ASP D 281 -27.29 33.28 18.91
N SER D 282 -28.01 33.51 17.81
CA SER D 282 -28.32 32.48 16.83
C SER D 282 -27.29 32.45 15.70
N GLU D 283 -27.03 31.24 15.19
CA GLU D 283 -26.15 31.03 14.04
C GLU D 283 -27.03 30.76 12.83
N LEU D 284 -27.41 31.82 12.12
CA LEU D 284 -28.38 31.75 11.03
C LEU D 284 -27.89 30.87 9.88
N PRO D 285 -28.63 29.83 9.50
CA PRO D 285 -28.26 29.05 8.31
C PRO D 285 -28.52 29.84 7.04
N SER D 286 -27.65 29.67 6.06
CA SER D 286 -27.80 30.37 4.79
C SER D 286 -28.99 29.83 4.01
N GLY D 287 -29.53 30.68 3.13
CA GLY D 287 -30.60 30.28 2.24
C GLY D 287 -30.20 29.08 1.41
N ARG D 288 -31.11 28.10 1.33
CA ARG D 288 -30.81 26.86 0.63
C ARG D 288 -32.11 26.27 0.09
N LEU D 289 -31.95 25.34 -0.85
CA LEU D 289 -33.08 24.58 -1.38
C LEU D 289 -32.63 23.13 -1.58
N PHE D 290 -33.63 22.25 -1.72
CA PHE D 290 -33.41 20.82 -1.86
C PHE D 290 -32.67 20.25 -0.65
N HIS D 291 -32.81 20.93 0.49
CA HIS D 291 -32.35 20.41 1.77
C HIS D 291 -33.40 19.45 2.30
N ALA D 292 -33.36 19.14 3.60
CA ALA D 292 -34.35 18.25 4.18
C ALA D 292 -34.48 18.55 5.67
N ALA D 293 -35.67 18.33 6.20
CA ALA D 293 -36.00 18.72 7.56
C ALA D 293 -36.74 17.62 8.28
N ALA D 294 -36.49 17.53 9.59
CA ALA D 294 -37.24 16.66 10.47
C ALA D 294 -37.27 17.31 11.85
N VAL D 295 -38.15 16.81 12.72
CA VAL D 295 -38.34 17.38 14.04
C VAL D 295 -38.17 16.28 15.07
N ILE D 296 -37.41 16.57 16.13
CA ILE D 296 -37.21 15.66 17.25
C ILE D 296 -37.42 16.44 18.54
N SER D 297 -38.31 15.96 19.39
CA SER D 297 -38.75 16.65 20.61
C SER D 297 -39.22 18.05 20.18
N ASP D 298 -38.73 19.13 20.80
CA ASP D 298 -39.15 20.47 20.44
C ASP D 298 -38.07 21.22 19.68
N ALA D 299 -37.52 20.59 18.64
CA ALA D 299 -36.47 21.22 17.85
C ALA D 299 -36.53 20.73 16.42
N MET D 300 -36.24 21.64 15.49
CA MET D 300 -36.18 21.35 14.06
C MET D 300 -34.74 21.15 13.62
N TYR D 301 -34.53 20.28 12.64
CA TYR D 301 -33.21 19.98 12.13
C TYR D 301 -33.19 20.09 10.61
N ILE D 302 -32.26 20.89 10.10
CA ILE D 302 -32.07 21.13 8.68
C ILE D 302 -30.74 20.50 8.29
N PHE D 303 -30.73 19.69 7.24
CA PHE D 303 -29.51 19.07 6.76
C PHE D 303 -29.36 19.23 5.27
N GLY D 304 -28.14 19.51 4.83
CA GLY D 304 -27.79 19.46 3.44
C GLY D 304 -28.45 20.56 2.61
N GLY D 305 -28.60 20.28 1.33
CA GLY D 305 -29.20 21.19 0.39
C GLY D 305 -28.18 21.79 -0.55
N THR D 306 -28.65 22.72 -1.37
CA THR D 306 -27.82 23.46 -2.30
C THR D 306 -27.86 24.93 -1.94
N VAL D 307 -26.71 25.50 -1.61
CA VAL D 307 -26.63 26.92 -1.29
C VAL D 307 -26.31 27.66 -2.58
N ASP D 308 -26.01 28.94 -2.48
CA ASP D 308 -25.75 29.76 -3.67
C ASP D 308 -24.59 29.18 -4.46
N ASN D 309 -24.64 29.40 -5.78
CA ASN D 309 -23.61 28.95 -6.73
C ASN D 309 -23.56 27.43 -6.86
N ASN D 310 -24.70 26.76 -6.71
CA ASN D 310 -24.82 25.32 -6.95
C ASN D 310 -23.78 24.53 -6.16
N ILE D 311 -23.65 24.86 -4.88
CA ILE D 311 -22.70 24.22 -3.99
C ILE D 311 -23.46 23.29 -3.07
N ARG D 312 -23.12 22.01 -3.08
CA ARG D 312 -23.74 21.06 -2.17
C ARG D 312 -23.25 21.31 -0.75
N SER D 313 -24.12 21.03 0.21
CA SER D 313 -23.85 21.33 1.60
C SER D 313 -23.97 20.08 2.46
N GLY D 314 -23.16 20.01 3.51
CA GLY D 314 -23.22 18.94 4.48
C GLY D 314 -23.52 19.51 5.86
N GLU D 315 -23.95 20.76 5.89
CA GLU D 315 -24.24 21.45 7.14
C GLU D 315 -25.48 20.87 7.80
N MET D 316 -25.48 20.90 9.13
CA MET D 316 -26.62 20.47 9.93
C MET D 316 -26.97 21.58 10.90
N TYR D 317 -28.18 22.12 10.78
CA TYR D 317 -28.64 23.20 11.65
C TYR D 317 -29.80 22.74 12.50
N ARG D 318 -29.90 23.32 13.70
CA ARG D 318 -30.97 23.03 14.64
C ARG D 318 -31.61 24.34 15.09
N PHE D 319 -32.92 24.45 14.94
CA PHE D 319 -33.68 25.57 15.47
C PHE D 319 -34.52 25.10 16.65
N GLN D 320 -34.27 25.67 17.82
CA GLN D 320 -35.01 25.31 19.03
C GLN D 320 -36.40 25.94 18.94
N PHE D 321 -37.43 25.09 18.86
CA PHE D 321 -38.80 25.57 18.71
C PHE D 321 -39.26 26.25 19.99
N SER D 322 -39.45 25.48 21.05
CA SER D 322 -39.96 26.01 22.30
C SER D 322 -39.39 25.24 23.48
N LEU E 12 -5.37 17.26 12.56
CA LEU E 12 -6.04 16.57 13.67
C LEU E 12 -5.44 15.17 13.81
N PRO E 13 -5.29 14.70 15.05
CA PRO E 13 -4.61 13.43 15.31
C PRO E 13 -5.46 12.21 14.97
N THR E 14 -4.78 11.18 14.48
CA THR E 14 -5.41 9.91 14.13
C THR E 14 -4.88 8.83 15.05
N TYR E 15 -5.79 8.05 15.63
CA TYR E 15 -5.44 6.99 16.57
C TYR E 15 -5.91 5.67 15.98
N LYS E 16 -4.96 4.80 15.64
CA LYS E 16 -5.25 3.49 15.09
C LYS E 16 -5.36 2.49 16.23
N LEU E 17 -6.57 2.00 16.48
CA LEU E 17 -6.85 1.06 17.55
C LEU E 17 -7.22 -0.29 16.95
N VAL E 18 -6.75 -1.37 17.58
CA VAL E 18 -6.98 -2.72 17.09
C VAL E 18 -7.71 -3.51 18.17
N VAL E 19 -8.81 -4.14 17.79
CA VAL E 19 -9.63 -4.93 18.69
C VAL E 19 -9.28 -6.39 18.48
N VAL E 20 -8.66 -7.01 19.49
CA VAL E 20 -8.21 -8.39 19.39
C VAL E 20 -8.90 -9.19 20.49
N GLY E 21 -8.98 -10.50 20.25
CA GLY E 21 -9.65 -11.39 21.18
C GLY E 21 -10.12 -12.64 20.48
N ASP E 22 -10.52 -13.61 21.29
CA ASP E 22 -11.01 -14.87 20.76
C ASP E 22 -12.29 -14.65 19.95
N GLY E 23 -12.65 -15.67 19.18
CA GLY E 23 -13.90 -15.60 18.43
C GLY E 23 -15.09 -15.70 19.36
N GLY E 24 -16.05 -14.81 19.18
CA GLY E 24 -17.27 -14.81 19.98
C GLY E 24 -17.22 -13.98 21.24
N VAL E 25 -16.07 -13.40 21.59
CA VAL E 25 -15.99 -12.59 22.79
C VAL E 25 -16.81 -11.31 22.64
N GLY E 26 -16.97 -10.83 21.41
CA GLY E 26 -17.78 -9.65 21.17
C GLY E 26 -17.03 -8.50 20.54
N LYS E 27 -16.01 -8.81 19.72
CA LYS E 27 -15.24 -7.77 19.07
C LYS E 27 -16.11 -6.97 18.10
N SER E 28 -16.89 -7.67 17.26
CA SER E 28 -17.74 -6.98 16.30
C SER E 28 -18.87 -6.23 17.00
N ALA E 29 -19.51 -6.86 17.98
CA ALA E 29 -20.59 -6.22 18.72
C ALA E 29 -20.14 -4.90 19.32
N LEU E 30 -18.99 -4.90 19.98
CA LEU E 30 -18.48 -3.67 20.61
C LEU E 30 -18.18 -2.61 19.56
N THR E 31 -17.44 -2.98 18.51
CA THR E 31 -17.09 -2.01 17.48
C THR E 31 -18.34 -1.42 16.82
N ILE E 32 -19.29 -2.27 16.44
CA ILE E 32 -20.49 -1.78 15.78
C ILE E 32 -21.32 -0.91 16.72
N GLN E 33 -21.40 -1.30 17.99
CA GLN E 33 -22.06 -0.44 18.99
C GLN E 33 -21.35 0.91 19.09
N PHE E 34 -20.02 0.89 19.11
CA PHE E 34 -19.25 2.12 19.30
C PHE E 34 -19.41 3.06 18.11
N PHE E 35 -19.37 2.54 16.88
CA PHE E 35 -19.39 3.39 15.71
C PHE E 35 -20.80 3.64 15.18
N GLN E 36 -21.65 2.62 15.19
CA GLN E 36 -22.94 2.69 14.51
C GLN E 36 -24.11 2.72 15.49
N LYS E 37 -23.85 2.66 16.79
CA LYS E 37 -24.85 2.89 17.84
C LYS E 37 -26.06 1.97 17.71
N ILE E 38 -25.80 0.68 17.46
CA ILE E 38 -26.83 -0.33 17.36
C ILE E 38 -26.20 -1.66 17.74
N PHE E 39 -26.96 -2.50 18.44
CA PHE E 39 -26.50 -3.84 18.77
C PHE E 39 -26.87 -4.80 17.64
N VAL E 40 -25.87 -5.41 17.04
CA VAL E 40 -26.05 -6.37 15.97
C VAL E 40 -25.69 -7.76 16.51
N PRO E 41 -26.66 -8.63 16.77
CA PRO E 41 -26.34 -9.97 17.28
C PRO E 41 -25.93 -10.90 16.15
N ASP E 42 -24.95 -11.75 16.46
CA ASP E 42 -24.48 -12.80 15.55
C ASP E 42 -23.96 -12.21 14.24
N TYR E 43 -23.10 -11.20 14.36
CA TYR E 43 -22.39 -10.69 13.19
C TYR E 43 -21.42 -11.74 12.67
N ASP E 44 -21.23 -11.74 11.35
CA ASP E 44 -20.42 -12.73 10.64
C ASP E 44 -19.07 -12.91 11.33
N PRO E 45 -18.81 -14.08 11.92
CA PRO E 45 -17.58 -14.26 12.71
C PRO E 45 -16.30 -14.07 11.91
N THR E 46 -16.32 -14.20 10.58
CA THR E 46 -15.10 -14.13 9.79
C THR E 46 -14.86 -12.75 9.19
N ILE E 47 -15.86 -11.88 9.14
CA ILE E 47 -15.70 -10.56 8.54
C ILE E 47 -14.73 -9.73 9.36
N GLU E 48 -13.72 -9.18 8.70
CA GLU E 48 -12.70 -8.37 9.34
C GLU E 48 -12.50 -7.07 8.56
N ASP E 49 -12.97 -5.96 9.12
CA ASP E 49 -12.90 -4.67 8.44
C ASP E 49 -12.65 -3.58 9.47
N SER E 50 -12.41 -2.37 8.98
CA SER E 50 -12.04 -1.23 9.80
C SER E 50 -13.15 -0.18 9.83
N TYR E 51 -13.14 0.62 10.88
CA TYR E 51 -14.16 1.64 11.10
C TYR E 51 -13.50 2.98 11.38
N LEU E 52 -14.23 4.06 11.08
CA LEU E 52 -13.71 5.42 11.17
C LEU E 52 -14.77 6.35 11.76
N LYS E 53 -14.36 7.15 12.75
CA LYS E 53 -15.21 8.22 13.26
C LYS E 53 -14.34 9.43 13.59
N HIS E 54 -15.01 10.55 13.83
CA HIS E 54 -14.38 11.81 14.23
C HIS E 54 -15.03 12.26 15.53
N THR E 55 -14.39 11.94 16.65
CA THR E 55 -14.96 12.17 17.97
C THR E 55 -14.02 13.04 18.81
N GLU E 56 -14.59 13.71 19.81
CA GLU E 56 -13.87 14.61 20.69
C GLU E 56 -13.66 13.94 22.05
N ILE E 57 -12.42 13.61 22.37
CA ILE E 57 -12.06 13.03 23.65
C ILE E 57 -11.19 14.03 24.41
N ASP E 58 -11.62 14.39 25.62
CA ASP E 58 -10.89 15.33 26.48
C ASP E 58 -10.56 16.65 25.77
N ASN E 59 -11.59 17.27 25.19
CA ASN E 59 -11.47 18.56 24.52
C ASN E 59 -10.42 18.56 23.42
N GLN E 60 -10.27 17.42 22.73
CA GLN E 60 -9.36 17.33 21.60
C GLN E 60 -10.03 16.51 20.51
N TRP E 61 -10.22 17.11 19.34
CA TRP E 61 -10.79 16.36 18.22
C TRP E 61 -9.79 15.34 17.72
N ALA E 62 -10.29 14.18 17.31
CA ALA E 62 -9.42 13.10 16.89
C ALA E 62 -10.17 12.18 15.92
N ILE E 63 -9.41 11.56 15.02
CA ILE E 63 -9.93 10.54 14.13
C ILE E 63 -9.60 9.18 14.73
N LEU E 64 -10.59 8.30 14.78
CA LEU E 64 -10.44 6.97 15.36
C LEU E 64 -10.49 5.95 14.24
N ASP E 65 -9.40 5.20 14.10
CA ASP E 65 -9.26 4.17 13.07
C ASP E 65 -9.18 2.84 13.78
N VAL E 66 -10.32 2.15 13.88
CA VAL E 66 -10.45 0.92 14.65
C VAL E 66 -10.58 -0.25 13.68
N LEU E 67 -9.90 -1.36 14.00
CA LEU E 67 -9.99 -2.58 13.22
C LEU E 67 -10.60 -3.69 14.07
N ASP E 68 -11.74 -4.20 13.60
CA ASP E 68 -12.35 -5.38 14.20
C ASP E 68 -11.68 -6.60 13.60
N THR E 69 -10.77 -7.22 14.35
CA THR E 69 -10.03 -8.35 13.84
C THR E 69 -10.88 -9.62 13.85
N ALA E 70 -10.52 -10.55 12.98
CA ALA E 70 -11.22 -11.83 12.88
C ALA E 70 -10.28 -12.86 12.28
N GLY E 71 -10.50 -14.12 12.66
CA GLY E 71 -9.67 -15.21 12.18
C GLY E 71 -8.38 -15.33 12.95
N GLN E 72 -7.90 -16.56 13.11
CA GLN E 72 -6.67 -16.82 13.86
C GLN E 72 -5.52 -17.27 12.97
N GLU E 73 -5.75 -17.47 11.67
CA GLU E 73 -4.68 -17.85 10.76
C GLU E 73 -3.77 -16.64 10.54
N GLU E 74 -2.80 -16.77 9.63
CA GLU E 74 -1.86 -15.68 9.44
C GLU E 74 -2.58 -14.42 8.98
N PHE E 75 -2.01 -13.27 9.33
CA PHE E 75 -2.69 -12.00 9.14
C PHE E 75 -2.72 -11.63 7.68
N SER E 76 -3.87 -11.14 7.23
CA SER E 76 -3.92 -10.51 5.91
C SER E 76 -3.04 -9.27 5.93
N ALA E 77 -2.70 -8.79 4.72
CA ALA E 77 -1.89 -7.59 4.63
C ALA E 77 -2.52 -6.43 5.39
N MET E 78 -3.86 -6.36 5.40
CA MET E 78 -4.54 -5.31 6.14
C MET E 78 -4.41 -5.51 7.64
N ARG E 79 -4.72 -6.73 8.13
CA ARG E 79 -4.62 -6.98 9.57
C ARG E 79 -3.20 -6.75 10.07
N GLU E 80 -2.21 -7.26 9.33
CA GLU E 80 -0.81 -7.13 9.74
C GLU E 80 -0.43 -5.68 9.95
N GLN E 81 -0.64 -4.84 8.93
CA GLN E 81 -0.21 -3.45 9.03
C GLN E 81 -0.96 -2.72 10.13
N TYR E 82 -2.19 -3.15 10.43
CA TYR E 82 -2.89 -2.60 11.59
C TYR E 82 -2.23 -3.04 12.88
N MET E 83 -1.84 -4.31 12.96
CA MET E 83 -1.21 -4.82 14.17
C MET E 83 0.18 -4.24 14.37
N ARG E 84 0.85 -3.83 13.28
CA ARG E 84 2.20 -3.28 13.38
C ARG E 84 2.23 -1.78 13.63
N THR E 85 1.25 -1.04 13.10
CA THR E 85 1.21 0.40 13.23
C THR E 85 0.14 0.90 14.19
N GLY E 86 -0.63 0.00 14.79
CA GLY E 86 -1.69 0.43 15.69
C GLY E 86 -1.12 1.14 16.90
N ASP E 87 -1.79 2.21 17.31
CA ASP E 87 -1.36 2.99 18.47
C ASP E 87 -1.81 2.36 19.79
N GLY E 88 -2.84 1.53 19.77
CA GLY E 88 -3.33 0.90 20.98
C GLY E 88 -4.17 -0.31 20.64
N PHE E 89 -4.39 -1.16 21.65
CA PHE E 89 -5.07 -2.42 21.46
C PHE E 89 -6.12 -2.61 22.55
N LEU E 90 -7.26 -3.18 22.17
CA LEU E 90 -8.32 -3.59 23.10
C LEU E 90 -8.34 -5.12 23.13
N ILE E 91 -7.80 -5.68 24.20
CA ILE E 91 -7.81 -7.13 24.40
C ILE E 91 -9.13 -7.49 25.07
N VAL E 92 -9.99 -8.22 24.36
CA VAL E 92 -11.37 -8.48 24.79
C VAL E 92 -11.53 -9.96 25.06
N TYR E 93 -12.12 -10.30 26.21
CA TYR E 93 -12.54 -11.66 26.48
C TYR E 93 -14.00 -11.63 26.94
N SER E 94 -14.65 -12.79 26.89
CA SER E 94 -16.02 -12.93 27.33
C SER E 94 -16.07 -13.54 28.71
N VAL E 95 -16.86 -12.95 29.61
CA VAL E 95 -16.95 -13.46 30.98
C VAL E 95 -17.75 -14.75 31.06
N THR E 96 -18.28 -15.23 29.95
CA THR E 96 -19.00 -16.50 29.86
C THR E 96 -18.18 -17.60 29.20
N ASP E 97 -17.00 -17.28 28.68
CA ASP E 97 -16.11 -18.24 28.03
C ASP E 97 -14.79 -18.24 28.77
N LYS E 98 -14.62 -19.23 29.66
CA LYS E 98 -13.38 -19.32 30.44
C LYS E 98 -12.16 -19.51 29.54
N ALA E 99 -12.34 -20.15 28.38
CA ALA E 99 -11.22 -20.32 27.46
C ALA E 99 -10.72 -18.98 26.93
N SER E 100 -11.65 -18.07 26.60
CA SER E 100 -11.26 -16.77 26.09
C SER E 100 -10.42 -15.99 27.11
N PHE E 101 -10.72 -16.17 28.40
CA PHE E 101 -9.94 -15.49 29.43
C PHE E 101 -8.52 -16.03 29.50
N GLU E 102 -8.35 -17.35 29.45
CA GLU E 102 -7.03 -17.94 29.47
C GLU E 102 -6.18 -17.53 28.26
N HIS E 103 -6.81 -17.06 27.19
CA HIS E 103 -6.09 -16.68 25.98
C HIS E 103 -5.67 -15.21 25.98
N VAL E 104 -6.04 -14.45 27.01
CA VAL E 104 -5.62 -13.06 27.10
C VAL E 104 -4.10 -12.96 27.08
N ASP E 105 -3.42 -13.87 27.79
CA ASP E 105 -1.96 -13.90 27.80
C ASP E 105 -1.40 -14.10 26.39
N ARG E 106 -2.00 -15.00 25.61
CA ARG E 106 -1.52 -15.22 24.26
C ARG E 106 -1.64 -13.96 23.42
N PHE E 107 -2.76 -13.24 23.53
CA PHE E 107 -2.91 -12.00 22.80
C PHE E 107 -1.96 -10.94 23.34
N HIS E 108 -1.77 -10.89 24.67
CA HIS E 108 -0.82 -9.96 25.27
C HIS E 108 0.57 -10.18 24.69
N GLN E 109 1.06 -11.42 24.72
CA GLN E 109 2.38 -11.73 24.17
C GLN E 109 2.44 -11.45 22.68
N LEU E 110 1.33 -11.69 21.96
CA LEU E 110 1.31 -11.47 20.51
C LEU E 110 1.60 -10.02 20.17
N ILE E 111 0.98 -9.09 20.88
CA ILE E 111 1.17 -7.67 20.58
C ILE E 111 2.60 -7.26 20.87
N LEU E 112 3.12 -7.66 22.03
CA LEU E 112 4.48 -7.30 22.41
C LEU E 112 5.50 -7.88 21.43
N ARG E 113 5.32 -9.15 21.03
CA ARG E 113 6.22 -9.74 20.06
C ARG E 113 6.21 -8.98 18.73
N VAL E 114 5.01 -8.65 18.23
CA VAL E 114 4.90 -7.89 16.99
C VAL E 114 5.53 -6.50 17.16
N LYS E 115 5.13 -5.78 18.20
CA LYS E 115 5.61 -4.43 18.39
C LYS E 115 7.08 -4.38 18.77
N ASP E 116 7.65 -5.50 19.20
CA ASP E 116 9.03 -5.55 19.67
C ASP E 116 9.23 -4.50 20.76
N ARG E 117 8.34 -4.54 21.75
CA ARG E 117 8.35 -3.57 22.84
C ARG E 117 8.10 -4.33 24.14
N GLU E 118 8.55 -3.74 25.25
CA GLU E 118 8.28 -4.33 26.55
C GLU E 118 6.87 -4.00 27.04
N SER E 119 6.26 -2.95 26.53
CA SER E 119 4.90 -2.57 26.89
C SER E 119 4.33 -1.72 25.77
N PHE E 120 3.01 -1.81 25.59
CA PHE E 120 2.34 -1.05 24.55
C PHE E 120 0.95 -0.68 25.05
N PRO E 121 0.38 0.45 24.59
CA PRO E 121 -0.98 0.82 24.99
C PRO E 121 -2.00 -0.29 24.77
N MET E 122 -2.56 -0.78 25.88
CA MET E 122 -3.51 -1.88 25.86
C MET E 122 -4.51 -1.70 27.00
N ILE E 123 -5.71 -2.22 26.81
CA ILE E 123 -6.75 -2.21 27.83
C ILE E 123 -7.45 -3.56 27.83
N LEU E 124 -7.54 -4.18 29.01
CA LEU E 124 -8.28 -5.42 29.15
C LEU E 124 -9.78 -5.13 29.19
N VAL E 125 -10.54 -5.89 28.41
CA VAL E 125 -11.98 -5.68 28.26
C VAL E 125 -12.69 -6.98 28.61
N ALA E 126 -13.48 -6.94 29.69
CA ALA E 126 -14.33 -8.06 30.09
C ALA E 126 -15.73 -7.79 29.56
N ASN E 127 -16.18 -8.60 28.62
CA ASN E 127 -17.44 -8.34 27.93
C ASN E 127 -18.51 -9.35 28.34
N LYS E 128 -19.73 -9.08 27.89
CA LYS E 128 -20.90 -9.92 28.18
C LYS E 128 -21.23 -9.97 29.66
N VAL E 129 -20.90 -8.90 30.39
CA VAL E 129 -21.20 -8.83 31.81
C VAL E 129 -22.70 -8.89 32.06
N ASP E 130 -23.51 -8.52 31.07
CA ASP E 130 -24.97 -8.57 31.22
C ASP E 130 -25.44 -10.00 31.50
N LEU E 131 -24.79 -11.00 30.89
CA LEU E 131 -25.15 -12.40 31.12
C LEU E 131 -24.61 -12.84 32.48
N MET E 132 -25.19 -12.26 33.54
CA MET E 132 -24.75 -12.55 34.89
C MET E 132 -25.06 -13.99 35.28
N HIS E 133 -26.22 -14.50 34.86
CA HIS E 133 -26.61 -15.87 35.20
C HIS E 133 -25.70 -16.92 34.57
N LEU E 134 -24.84 -16.52 33.63
CA LEU E 134 -23.92 -17.45 32.97
C LEU E 134 -22.46 -17.00 33.09
N ARG E 135 -22.17 -16.04 33.97
CA ARG E 135 -20.81 -15.55 34.11
C ARG E 135 -19.91 -16.57 34.78
N LYS E 136 -18.72 -16.75 34.22
CA LYS E 136 -17.74 -17.72 34.69
C LYS E 136 -16.50 -17.06 35.28
N ILE E 137 -16.06 -15.93 34.72
CA ILE E 137 -14.89 -15.20 35.19
C ILE E 137 -15.38 -14.04 36.05
N THR E 138 -14.89 -13.97 37.29
CA THR E 138 -15.36 -12.96 38.21
C THR E 138 -14.65 -11.62 37.95
N ARG E 139 -15.11 -10.59 38.65
CA ARG E 139 -14.49 -9.26 38.52
C ARG E 139 -13.10 -9.25 39.12
N GLU E 140 -12.95 -9.79 40.33
CA GLU E 140 -11.64 -9.88 40.96
C GLU E 140 -10.70 -10.75 40.14
N GLN E 141 -11.23 -11.81 39.55
CA GLN E 141 -10.43 -12.65 38.66
C GLN E 141 -9.89 -11.85 37.48
N GLY E 142 -10.77 -11.12 36.79
CA GLY E 142 -10.33 -10.31 35.66
C GLY E 142 -9.45 -9.14 36.06
N LYS E 143 -9.80 -8.47 37.16
CA LYS E 143 -9.00 -7.33 37.62
C LYS E 143 -7.58 -7.76 37.96
N GLU E 144 -7.43 -8.97 38.51
CA GLU E 144 -6.09 -9.51 38.78
C GLU E 144 -5.34 -9.72 37.48
N MET E 145 -6.03 -10.25 36.46
CA MET E 145 -5.44 -10.46 35.14
C MET E 145 -4.86 -9.15 34.61
N ALA E 146 -5.60 -8.05 34.77
CA ALA E 146 -5.15 -6.76 34.28
C ALA E 146 -3.93 -6.27 35.06
N THR E 147 -3.99 -6.30 36.39
CA THR E 147 -2.84 -5.87 37.19
C THR E 147 -1.64 -6.77 37.00
N LYS E 148 -1.83 -8.01 36.53
CA LYS E 148 -0.70 -8.87 36.19
C LYS E 148 0.06 -8.31 34.98
N HIS E 149 -0.68 -7.75 34.02
CA HIS E 149 -0.08 -7.20 32.81
C HIS E 149 0.09 -5.69 32.88
N ASN E 150 -0.21 -5.07 34.02
CA ASN E 150 -0.07 -3.63 34.23
C ASN E 150 -0.86 -2.84 33.19
N ILE E 151 -2.13 -3.20 33.01
CA ILE E 151 -3.02 -2.50 32.09
C ILE E 151 -4.39 -2.36 32.73
N PRO E 152 -5.14 -1.34 32.32
CA PRO E 152 -6.46 -1.10 32.93
C PRO E 152 -7.44 -2.22 32.63
N TYR E 153 -8.53 -2.22 33.41
CA TYR E 153 -9.58 -3.23 33.33
C TYR E 153 -10.94 -2.56 33.28
N ILE E 154 -11.75 -2.95 32.29
CA ILE E 154 -13.10 -2.42 32.13
C ILE E 154 -14.06 -3.57 31.82
N GLU E 155 -15.23 -3.55 32.45
CA GLU E 155 -16.31 -4.48 32.15
C GLU E 155 -17.26 -3.80 31.18
N THR E 156 -17.63 -4.50 30.11
CA THR E 156 -18.44 -3.92 29.05
C THR E 156 -19.60 -4.84 28.69
N SER E 157 -20.61 -4.25 28.07
CA SER E 157 -21.72 -4.99 27.49
C SER E 157 -22.20 -4.24 26.25
N ALA E 158 -22.18 -4.91 25.10
CA ALA E 158 -22.61 -4.30 23.85
C ALA E 158 -24.11 -4.45 23.61
N LYS E 159 -24.79 -5.26 24.41
CA LYS E 159 -26.22 -5.46 24.28
C LYS E 159 -26.98 -4.27 24.86
N ASP E 160 -28.05 -3.87 24.18
CA ASP E 160 -28.80 -2.68 24.57
C ASP E 160 -29.37 -2.85 25.98
N PRO E 161 -29.15 -1.90 26.89
CA PRO E 161 -28.39 -0.65 26.73
C PRO E 161 -26.90 -0.88 26.87
N PRO E 162 -26.07 -0.29 26.02
CA PRO E 162 -24.64 -0.60 26.06
C PRO E 162 -23.98 -0.11 27.35
N LEU E 163 -22.94 -0.83 27.75
CA LEU E 163 -22.25 -0.58 29.01
C LEU E 163 -20.76 -0.40 28.74
N ASN E 164 -20.24 0.79 29.05
CA ASN E 164 -18.82 1.11 28.96
C ASN E 164 -18.24 0.86 27.57
N VAL E 165 -19.09 0.79 26.54
CA VAL E 165 -18.60 0.57 25.18
C VAL E 165 -17.79 1.77 24.71
N ASP E 166 -18.35 2.97 24.84
CA ASP E 166 -17.62 4.18 24.48
C ASP E 166 -16.42 4.40 25.39
N LYS E 167 -16.58 4.11 26.69
CA LYS E 167 -15.50 4.34 27.64
C LYS E 167 -14.27 3.51 27.31
N ALA E 168 -14.47 2.25 26.91
CA ALA E 168 -13.37 1.36 26.58
C ALA E 168 -12.46 1.96 25.51
N PHE E 169 -13.05 2.38 24.39
CA PHE E 169 -12.25 2.98 23.32
C PHE E 169 -11.63 4.31 23.77
N HIS E 170 -12.42 5.16 24.43
CA HIS E 170 -11.91 6.45 24.88
C HIS E 170 -10.74 6.28 25.85
N ASP E 171 -10.85 5.32 26.77
CA ASP E 171 -9.78 5.09 27.73
C ASP E 171 -8.50 4.63 27.03
N LEU E 172 -8.63 3.77 26.02
CA LEU E 172 -7.46 3.37 25.25
C LEU E 172 -6.79 4.58 24.59
N VAL E 173 -7.61 5.46 24.01
CA VAL E 173 -7.09 6.72 23.49
C VAL E 173 -6.42 7.52 24.59
N ARG E 174 -7.02 7.55 25.77
CA ARG E 174 -6.45 8.28 26.90
C ARG E 174 -5.08 7.74 27.25
N VAL E 175 -4.91 6.42 27.21
CA VAL E 175 -3.61 5.80 27.48
C VAL E 175 -2.58 6.23 26.45
N ILE E 176 -2.97 6.26 25.17
CA ILE E 176 -2.03 6.64 24.11
C ILE E 176 -1.56 8.07 24.28
N ARG E 177 -2.48 8.97 24.66
CA ARG E 177 -2.13 10.38 24.77
C ARG E 177 -1.15 10.65 25.91
N GLN E 178 -1.14 9.79 26.93
CA GLN E 178 -0.27 9.97 28.09
C GLN E 178 1.01 9.16 27.99
N GLN E 179 1.47 8.87 26.77
CA GLN E 179 2.70 8.13 26.55
C GLN E 179 3.84 9.06 26.15
N ILE E 180 5.05 8.51 26.15
CA ILE E 180 6.24 9.27 25.84
C ILE E 180 6.82 8.83 24.49
N GLY F 1 3.71 -40.29 -13.81
CA GLY F 1 2.99 -39.60 -14.86
C GLY F 1 1.48 -39.78 -14.75
N THR F 2 1.03 -40.43 -13.68
CA THR F 2 -0.39 -40.61 -13.44
C THR F 2 -1.10 -39.26 -13.38
N VAL F 3 -2.23 -39.17 -14.08
CA VAL F 3 -2.99 -37.93 -14.16
C VAL F 3 -3.70 -37.64 -12.86
N HIS F 4 -3.91 -36.35 -12.58
CA HIS F 4 -4.58 -35.86 -11.38
C HIS F 4 -3.95 -36.45 -10.12
N ARG F 5 -2.63 -36.33 -10.02
CA ARG F 5 -1.89 -36.89 -8.90
C ARG F 5 -1.04 -35.81 -8.26
N TRP F 6 -1.22 -35.59 -6.96
CA TRP F 6 -0.30 -34.76 -6.21
C TRP F 6 0.99 -35.52 -5.98
N ARG F 7 2.11 -34.81 -6.04
CA ARG F 7 3.41 -35.43 -5.83
C ARG F 7 4.26 -34.50 -4.98
N ARG F 8 4.78 -35.02 -3.88
CA ARG F 8 5.63 -34.24 -2.98
C ARG F 8 7.03 -34.23 -3.57
N LEU F 9 7.37 -33.16 -4.27
CA LEU F 9 8.69 -33.00 -4.87
C LEU F 9 9.70 -32.62 -3.80
N PRO F 10 11.00 -32.75 -4.10
CA PRO F 10 12.02 -32.42 -3.08
C PRO F 10 11.85 -31.01 -2.59
N PRO F 11 11.80 -30.81 -1.27
CA PRO F 11 11.62 -29.46 -0.74
C PRO F 11 12.89 -28.66 -0.89
N CYS F 12 12.76 -27.34 -0.75
CA CYS F 12 13.94 -26.48 -0.85
C CYS F 12 14.80 -26.73 0.37
N ASP F 13 15.99 -27.28 0.14
CA ASP F 13 16.93 -27.56 1.21
C ASP F 13 17.39 -26.27 1.87
N GLU F 14 17.77 -26.39 3.14
CA GLU F 14 18.13 -25.21 3.93
C GLU F 14 19.34 -24.48 3.36
N PHE F 15 20.24 -25.18 2.66
CA PHE F 15 21.40 -24.49 2.12
C PHE F 15 21.08 -23.72 0.85
N VAL F 16 19.93 -23.97 0.22
CA VAL F 16 19.51 -23.19 -0.93
C VAL F 16 18.73 -21.95 -0.51
N GLY F 17 17.72 -22.13 0.33
CA GLY F 17 16.89 -21.04 0.80
C GLY F 17 16.00 -21.45 1.96
N ALA F 18 15.60 -20.49 2.79
CA ALA F 18 14.81 -20.79 3.97
C ALA F 18 13.35 -21.00 3.59
N ARG F 19 12.65 -21.77 4.42
CA ARG F 19 11.19 -21.89 4.30
C ARG F 19 10.57 -20.51 4.39
N ARG F 20 9.54 -20.27 3.59
CA ARG F 20 9.00 -18.91 3.49
C ARG F 20 7.53 -18.94 3.11
N SER F 21 6.88 -17.80 3.34
CA SER F 21 5.53 -17.53 2.87
C SER F 21 5.49 -16.12 2.30
N LYS F 22 4.35 -15.77 1.71
CA LYS F 22 4.13 -14.46 1.10
C LYS F 22 5.13 -14.15 -0.01
N HIS F 23 5.75 -15.20 -0.55
CA HIS F 23 6.71 -15.05 -1.63
C HIS F 23 5.98 -15.04 -2.96
N THR F 24 6.76 -14.96 -4.05
CA THR F 24 6.20 -15.04 -5.39
C THR F 24 6.94 -16.12 -6.17
N VAL F 25 6.18 -16.88 -6.94
CA VAL F 25 6.68 -17.97 -7.77
C VAL F 25 6.31 -17.66 -9.22
N VAL F 26 7.28 -17.80 -10.10
CA VAL F 26 7.07 -17.57 -11.53
C VAL F 26 7.69 -18.73 -12.29
N ALA F 27 7.00 -19.20 -13.32
CA ALA F 27 7.48 -20.28 -14.17
C ALA F 27 8.17 -19.69 -15.38
N TYR F 28 9.35 -20.22 -15.69
CA TYR F 28 10.11 -19.79 -16.87
C TYR F 28 10.94 -20.95 -17.35
N LYS F 29 10.89 -21.22 -18.65
CA LYS F 29 11.58 -22.36 -19.28
C LYS F 29 11.03 -23.60 -18.59
N ASP F 30 11.87 -24.48 -18.04
CA ASP F 30 11.43 -25.63 -17.28
C ASP F 30 11.82 -25.49 -15.80
N ALA F 31 11.78 -24.27 -15.29
CA ALA F 31 12.21 -23.99 -13.93
C ALA F 31 11.24 -23.01 -13.28
N ILE F 32 11.12 -23.13 -11.96
CA ILE F 32 10.30 -22.24 -11.15
C ILE F 32 11.21 -21.36 -10.31
N TYR F 33 10.97 -20.06 -10.35
CA TYR F 33 11.84 -19.08 -9.69
C TYR F 33 11.09 -18.46 -8.51
N VAL F 34 11.66 -18.62 -7.33
CA VAL F 34 11.08 -18.10 -6.09
C VAL F 34 11.83 -16.84 -5.70
N PHE F 35 11.11 -15.76 -5.44
CA PHE F 35 11.71 -14.50 -5.04
C PHE F 35 10.98 -13.92 -3.83
N GLY F 36 11.74 -13.29 -2.93
CA GLY F 36 11.16 -12.63 -1.79
C GLY F 36 10.55 -13.62 -0.81
N GLY F 37 9.87 -13.05 0.20
CA GLY F 37 9.10 -13.86 1.11
C GLY F 37 9.42 -13.53 2.55
N ASP F 38 8.88 -14.36 3.45
CA ASP F 38 9.01 -14.19 4.89
C ASP F 38 9.42 -15.55 5.46
N ASN F 39 10.60 -15.61 6.06
CA ASN F 39 11.11 -16.86 6.61
C ASN F 39 10.67 -17.11 8.04
N GLY F 40 9.83 -16.25 8.60
CA GLY F 40 9.41 -16.35 9.98
C GLY F 40 10.10 -15.37 10.91
N LYS F 41 11.20 -14.78 10.48
CA LYS F 41 11.95 -13.83 11.29
C LYS F 41 12.26 -12.54 10.56
N THR F 42 12.52 -12.60 9.25
CA THR F 42 12.90 -11.41 8.48
C THR F 42 12.33 -11.52 7.08
N MET F 43 12.34 -10.41 6.36
CA MET F 43 12.01 -10.41 4.95
C MET F 43 13.19 -10.95 4.14
N LEU F 44 12.90 -11.35 2.91
CA LEU F 44 13.89 -11.98 2.04
C LEU F 44 13.88 -11.32 0.67
N ASN F 45 15.02 -11.40 -0.02
CA ASN F 45 15.10 -10.98 -1.41
C ASN F 45 16.05 -11.86 -2.21
N ASP F 46 16.20 -13.11 -1.82
CA ASP F 46 16.97 -14.06 -2.61
C ASP F 46 16.12 -14.59 -3.76
N LEU F 47 16.79 -15.23 -4.72
CA LEU F 47 16.12 -15.79 -5.89
C LEU F 47 16.49 -17.26 -5.99
N LEU F 48 15.47 -18.11 -5.90
CA LEU F 48 15.65 -19.56 -5.95
C LEU F 48 15.22 -20.09 -7.32
N ARG F 49 15.73 -21.29 -7.62
CA ARG F 49 15.44 -21.97 -8.88
C ARG F 49 15.16 -23.44 -8.61
N PHE F 50 13.96 -23.88 -8.97
CA PHE F 50 13.60 -25.29 -8.88
C PHE F 50 13.57 -25.83 -10.31
N ASP F 51 14.55 -26.65 -10.67
CA ASP F 51 14.52 -27.26 -11.99
C ASP F 51 13.46 -28.35 -12.01
N VAL F 52 12.38 -28.11 -12.76
CA VAL F 52 11.23 -29.01 -12.74
C VAL F 52 11.56 -30.37 -13.34
N LYS F 53 12.41 -30.41 -14.37
CA LYS F 53 12.63 -31.65 -15.10
C LYS F 53 13.33 -32.71 -14.23
N ASP F 54 14.32 -32.30 -13.44
CA ASP F 54 15.06 -33.23 -12.60
C ASP F 54 14.92 -32.94 -11.12
N CYS F 55 14.07 -31.99 -10.72
CA CYS F 55 13.73 -31.73 -9.32
C CYS F 55 14.96 -31.37 -8.50
N SER F 56 15.72 -30.39 -8.96
CA SER F 56 16.93 -29.94 -8.30
C SER F 56 16.80 -28.47 -7.93
N TRP F 57 17.08 -28.16 -6.67
CA TRP F 57 17.08 -26.78 -6.21
C TRP F 57 18.46 -26.16 -6.38
N CYS F 58 18.49 -24.84 -6.52
CA CYS F 58 19.74 -24.08 -6.57
C CYS F 58 19.40 -22.61 -6.46
N ARG F 59 20.38 -21.83 -6.00
CA ARG F 59 20.26 -20.38 -6.01
C ARG F 59 20.43 -19.84 -7.42
N ALA F 60 19.45 -19.09 -7.91
CA ALA F 60 19.54 -18.51 -9.23
C ALA F 60 20.65 -17.47 -9.28
N PHE F 61 21.30 -17.37 -10.44
CA PHE F 61 22.34 -16.38 -10.63
C PHE F 61 21.76 -14.97 -10.67
N THR F 62 22.26 -14.10 -9.79
CA THR F 62 21.83 -12.70 -9.76
C THR F 62 23.06 -11.81 -9.71
N THR F 63 23.07 -10.79 -10.57
CA THR F 63 24.04 -9.71 -10.50
C THR F 63 23.30 -8.39 -10.48
N GLY F 64 23.95 -7.36 -9.96
CA GLY F 64 23.32 -6.09 -9.73
C GLY F 64 22.47 -6.07 -8.47
N THR F 65 22.21 -4.87 -7.97
CA THR F 65 21.52 -4.72 -6.69
C THR F 65 20.07 -5.17 -6.81
N PRO F 66 19.64 -6.16 -6.03
CA PRO F 66 18.27 -6.67 -6.13
C PRO F 66 17.29 -5.76 -5.42
N PRO F 67 15.99 -6.02 -5.53
CA PRO F 67 15.02 -5.22 -4.76
C PRO F 67 15.22 -5.42 -3.27
N ALA F 68 14.76 -4.45 -2.50
CA ALA F 68 14.85 -4.55 -1.06
C ALA F 68 14.07 -5.77 -0.58
N PRO F 69 14.54 -6.47 0.46
CA PRO F 69 13.81 -7.64 0.96
C PRO F 69 12.36 -7.29 1.25
N ARG F 70 11.45 -8.08 0.70
CA ARG F 70 10.04 -7.74 0.73
C ARG F 70 9.21 -9.00 0.58
N TYR F 71 7.93 -8.88 0.93
CA TYR F 71 6.94 -9.91 0.65
C TYR F 71 5.63 -9.24 0.27
N HIS F 72 4.65 -10.06 -0.09
CA HIS F 72 3.36 -9.61 -0.62
C HIS F 72 3.53 -8.76 -1.87
N HIS F 73 4.63 -8.97 -2.57
CA HIS F 73 4.89 -8.34 -3.86
C HIS F 73 4.30 -9.20 -4.98
N SER F 74 4.45 -8.73 -6.21
CA SER F 74 3.99 -9.48 -7.37
C SER F 74 5.15 -9.73 -8.32
N ALA F 75 5.05 -10.82 -9.07
CA ALA F 75 6.05 -11.15 -10.07
C ALA F 75 5.37 -11.73 -11.30
N VAL F 76 5.77 -11.23 -12.47
CA VAL F 76 5.27 -11.72 -13.75
C VAL F 76 6.45 -11.89 -14.68
N VAL F 77 6.26 -12.71 -15.71
CA VAL F 77 7.27 -12.93 -16.73
C VAL F 77 6.75 -12.37 -18.05
N TYR F 78 7.55 -11.50 -18.65
CA TYR F 78 7.22 -10.97 -20.00
C TYR F 78 8.47 -11.16 -20.83
N GLY F 79 8.36 -11.95 -21.90
CA GLY F 79 9.52 -12.27 -22.70
C GLY F 79 10.53 -13.04 -21.89
N SER F 80 11.79 -12.58 -21.92
CA SER F 80 12.88 -13.24 -21.23
C SER F 80 13.23 -12.59 -19.88
N SER F 81 12.26 -11.94 -19.24
CA SER F 81 12.54 -11.25 -17.99
C SER F 81 11.41 -11.46 -17.01
N MET F 82 11.73 -11.30 -15.72
CA MET F 82 10.76 -11.33 -14.64
C MET F 82 10.66 -9.93 -14.04
N PHE F 83 9.43 -9.50 -13.76
CA PHE F 83 9.16 -8.15 -13.29
C PHE F 83 8.54 -8.20 -11.90
N VAL F 84 9.23 -7.59 -10.94
CA VAL F 84 8.76 -7.51 -9.55
C VAL F 84 8.20 -6.12 -9.31
N PHE F 85 7.02 -6.05 -8.68
CA PHE F 85 6.39 -4.78 -8.37
C PHE F 85 5.81 -4.80 -6.96
N GLY F 86 5.89 -3.66 -6.28
CA GLY F 86 5.20 -3.49 -5.02
C GLY F 86 5.77 -4.34 -3.90
N GLY F 87 4.98 -4.47 -2.85
CA GLY F 87 5.32 -5.29 -1.70
C GLY F 87 5.50 -4.47 -0.44
N TYR F 88 5.94 -5.16 0.60
CA TYR F 88 6.07 -4.62 1.95
C TYR F 88 7.54 -4.66 2.33
N THR F 89 8.08 -3.49 2.67
CA THR F 89 9.51 -3.33 2.91
C THR F 89 9.76 -2.92 4.36
N GLY F 90 10.90 -3.36 4.90
CA GLY F 90 11.29 -2.95 6.24
C GLY F 90 12.00 -4.01 7.07
N ASP F 91 11.91 -3.87 8.39
CA ASP F 91 12.57 -4.76 9.33
C ASP F 91 11.50 -5.38 10.23
N ILE F 92 11.21 -6.66 9.99
CA ILE F 92 10.10 -7.32 10.70
C ILE F 92 10.41 -7.48 12.18
N TYR F 93 11.62 -7.91 12.53
CA TYR F 93 11.93 -8.22 13.92
C TYR F 93 11.81 -6.99 14.82
N SER F 94 12.34 -5.86 14.38
CA SER F 94 12.33 -4.65 15.18
C SER F 94 11.11 -3.78 14.94
N ASN F 95 10.22 -4.20 14.04
CA ASN F 95 8.97 -3.44 13.75
C ASN F 95 9.35 -2.00 13.42
N SER F 96 10.19 -1.80 12.41
CA SER F 96 10.66 -0.47 12.07
C SER F 96 10.86 -0.34 10.56
N ASN F 97 10.79 0.90 10.09
CA ASN F 97 11.06 1.25 8.69
C ASN F 97 10.15 0.47 7.72
N LEU F 98 8.91 0.28 8.11
CA LEU F 98 7.94 -0.44 7.29
C LEU F 98 7.23 0.50 6.32
N LYS F 99 7.21 0.12 5.04
CA LYS F 99 6.56 0.90 4.01
C LYS F 99 6.16 -0.02 2.87
N ASN F 100 5.03 0.29 2.25
CA ASN F 100 4.70 -0.35 0.99
C ASN F 100 5.53 0.27 -0.15
N LYS F 101 5.60 -0.44 -1.27
CA LYS F 101 6.42 -0.05 -2.39
C LYS F 101 5.61 0.05 -3.65
N ASN F 102 6.10 0.86 -4.59
CA ASN F 102 5.55 0.92 -5.94
C ASN F 102 6.65 0.96 -6.99
N ASP F 103 7.81 0.37 -6.67
CA ASP F 103 8.93 0.30 -7.59
C ASP F 103 8.77 -0.90 -8.53
N LEU F 104 9.62 -0.93 -9.55
CA LEU F 104 9.56 -1.96 -10.58
C LEU F 104 10.98 -2.44 -10.87
N PHE F 105 11.24 -3.73 -10.65
CA PHE F 105 12.55 -4.31 -10.93
C PHE F 105 12.41 -5.36 -12.01
N GLU F 106 13.38 -5.41 -12.91
CA GLU F 106 13.45 -6.43 -13.95
C GLU F 106 14.60 -7.39 -13.66
N TYR F 107 14.32 -8.69 -13.81
CA TYR F 107 15.33 -9.73 -13.71
C TYR F 107 15.45 -10.40 -15.08
N LYS F 108 16.53 -10.09 -15.80
CA LYS F 108 16.78 -10.70 -17.10
C LYS F 108 17.26 -12.14 -16.88
N PHE F 109 16.54 -13.10 -17.45
CA PHE F 109 16.86 -14.50 -17.18
C PHE F 109 18.18 -14.92 -17.80
N ALA F 110 18.52 -14.38 -18.98
CA ALA F 110 19.72 -14.82 -19.67
C ALA F 110 21.00 -14.39 -18.94
N THR F 111 20.98 -13.23 -18.28
CA THR F 111 22.16 -12.71 -17.62
C THR F 111 22.04 -12.62 -16.11
N GLY F 112 20.84 -12.79 -15.56
CA GLY F 112 20.64 -12.67 -14.13
C GLY F 112 20.76 -11.27 -13.57
N GLN F 113 20.63 -10.24 -14.39
CA GLN F 113 20.89 -8.88 -13.95
C GLN F 113 19.62 -8.25 -13.36
N TRP F 114 19.78 -7.62 -12.20
CA TRP F 114 18.71 -6.86 -11.56
C TRP F 114 18.85 -5.39 -11.94
N THR F 115 17.88 -4.88 -12.69
CA THR F 115 17.79 -3.45 -13.00
C THR F 115 16.45 -2.92 -12.52
N GLU F 116 16.47 -1.74 -11.90
CA GLU F 116 15.24 -1.08 -11.49
C GLU F 116 14.75 -0.18 -12.62
N TRP F 117 13.50 -0.36 -13.02
CA TRP F 117 12.86 0.51 -14.01
C TRP F 117 12.36 1.76 -13.28
N LYS F 118 13.20 2.79 -13.25
CA LYS F 118 12.84 4.06 -12.63
C LYS F 118 11.86 4.78 -13.56
N ILE F 119 10.59 4.78 -13.19
CA ILE F 119 9.52 5.26 -14.05
C ILE F 119 9.16 6.68 -13.63
N GLU F 120 9.36 7.63 -14.56
CA GLU F 120 9.00 9.02 -14.32
C GLU F 120 7.49 9.22 -14.46
N GLY F 121 7.01 10.31 -13.91
CA GLY F 121 5.61 10.65 -13.99
C GLY F 121 4.81 10.17 -12.79
N ARG F 122 3.50 10.29 -12.91
CA ARG F 122 2.63 9.89 -11.81
C ARG F 122 2.64 8.38 -11.66
N LEU F 123 2.92 7.91 -10.42
CA LEU F 123 3.01 6.50 -10.09
C LEU F 123 1.75 6.01 -9.41
N PRO F 124 1.43 4.72 -9.52
CA PRO F 124 0.37 4.14 -8.69
C PRO F 124 0.78 4.14 -7.22
N VAL F 125 -0.23 4.20 -6.34
CA VAL F 125 0.04 4.27 -4.91
C VAL F 125 0.77 3.01 -4.47
N ALA F 126 1.70 3.17 -3.53
CA ALA F 126 2.44 2.03 -3.00
C ALA F 126 1.48 1.07 -2.32
N ARG F 127 1.66 -0.22 -2.59
CA ARG F 127 0.65 -1.20 -2.20
C ARG F 127 1.29 -2.56 -1.96
N SER F 128 0.52 -3.43 -1.32
CA SER F 128 0.90 -4.82 -1.08
C SER F 128 -0.32 -5.69 -1.32
N ALA F 129 -0.07 -6.99 -1.50
CA ALA F 129 -1.11 -7.99 -1.70
C ALA F 129 -1.98 -7.71 -2.92
N HIS F 130 -1.48 -6.88 -3.84
CA HIS F 130 -2.18 -6.58 -5.08
C HIS F 130 -2.21 -7.80 -6.00
N GLY F 131 -3.00 -7.68 -7.07
CA GLY F 131 -2.98 -8.65 -8.14
C GLY F 131 -2.18 -8.11 -9.31
N ALA F 132 -1.57 -9.03 -10.07
CA ALA F 132 -0.78 -8.60 -11.21
C ALA F 132 -0.70 -9.71 -12.24
N THR F 133 -0.68 -9.32 -13.50
CA THR F 133 -0.49 -10.25 -14.61
C THR F 133 0.07 -9.47 -15.80
N VAL F 134 0.51 -10.21 -16.80
CA VAL F 134 1.02 -9.64 -18.05
C VAL F 134 0.05 -9.96 -19.17
N TYR F 135 -0.35 -8.94 -19.92
CA TYR F 135 -1.24 -9.12 -21.06
C TYR F 135 -1.00 -7.98 -22.03
N SER F 136 -0.94 -8.33 -23.33
CA SER F 136 -0.77 -7.36 -24.40
C SER F 136 0.48 -6.50 -24.19
N ASP F 137 1.60 -7.16 -23.92
CA ASP F 137 2.90 -6.51 -23.76
C ASP F 137 2.88 -5.45 -22.67
N LYS F 138 2.06 -5.66 -21.63
CA LYS F 138 1.94 -4.71 -20.55
C LYS F 138 1.77 -5.43 -19.23
N LEU F 139 2.28 -4.81 -18.16
CA LEU F 139 2.06 -5.30 -16.81
C LEU F 139 0.80 -4.66 -16.26
N TRP F 140 -0.10 -5.50 -15.73
CA TRP F 140 -1.37 -5.06 -15.18
C TRP F 140 -1.34 -5.28 -13.68
N ILE F 141 -1.60 -4.22 -12.91
CA ILE F 141 -1.67 -4.31 -11.46
C ILE F 141 -3.06 -3.87 -11.01
N PHE F 142 -3.59 -4.55 -9.99
CA PHE F 142 -4.97 -4.37 -9.57
C PHE F 142 -5.08 -4.49 -8.06
N ALA F 143 -5.82 -3.56 -7.45
CA ALA F 143 -6.19 -3.62 -6.04
C ALA F 143 -4.99 -3.68 -5.11
N GLY F 144 -5.19 -4.21 -3.91
CA GLY F 144 -4.17 -4.34 -2.90
C GLY F 144 -4.51 -3.53 -1.67
N TYR F 145 -3.53 -3.42 -0.78
CA TYR F 145 -3.65 -2.62 0.43
C TYR F 145 -2.56 -1.56 0.43
N ASP F 146 -2.92 -0.31 0.70
CA ASP F 146 -2.01 0.81 0.55
C ASP F 146 -1.47 1.36 1.87
N GLY F 147 -1.95 0.88 3.01
CA GLY F 147 -1.53 1.41 4.29
C GLY F 147 -2.68 1.81 5.19
N ASN F 148 -3.73 2.41 4.62
CA ASN F 148 -4.90 2.79 5.39
C ASN F 148 -6.17 2.04 4.99
N ALA F 149 -6.29 1.62 3.73
CA ALA F 149 -7.49 0.95 3.26
C ALA F 149 -7.13 0.07 2.06
N ARG F 150 -8.05 -0.83 1.74
CA ARG F 150 -7.89 -1.66 0.55
C ARG F 150 -8.14 -0.83 -0.71
N LEU F 151 -7.68 -1.36 -1.83
CA LEU F 151 -7.75 -0.68 -3.11
C LEU F 151 -8.58 -1.52 -4.09
N ASN F 152 -9.11 -0.83 -5.10
CA ASN F 152 -9.74 -1.51 -6.24
C ASN F 152 -9.41 -0.81 -7.55
N ASP F 153 -8.39 0.04 -7.58
CA ASP F 153 -7.96 0.68 -8.81
C ASP F 153 -7.11 -0.28 -9.63
N MET F 154 -6.75 0.15 -10.84
CA MET F 154 -6.00 -0.70 -11.75
C MET F 154 -5.12 0.17 -12.64
N TRP F 155 -3.87 -0.27 -12.81
CA TRP F 155 -2.89 0.46 -13.60
C TRP F 155 -2.20 -0.50 -14.56
N THR F 156 -1.72 0.04 -15.69
CA THR F 156 -0.93 -0.72 -16.64
C THR F 156 0.38 0.01 -16.89
N ILE F 157 1.38 -0.74 -17.34
CA ILE F 157 2.66 -0.15 -17.73
C ILE F 157 3.24 -1.00 -18.85
N GLY F 158 3.63 -0.33 -19.94
CA GLY F 158 4.23 -1.02 -21.07
C GLY F 158 5.59 -1.59 -20.69
N LEU F 159 5.85 -2.83 -21.08
CA LEU F 159 7.09 -3.52 -20.74
C LEU F 159 8.03 -3.65 -21.94
N GLN F 160 7.93 -2.75 -22.91
CA GLN F 160 8.75 -2.92 -24.15
C GLN F 160 10.05 -2.12 -24.07
N ASP F 161 10.01 -0.92 -23.50
CA ASP F 161 11.18 -0.05 -23.39
C ASP F 161 11.11 0.69 -22.07
N ARG F 162 12.06 0.43 -21.18
CA ARG F 162 12.04 1.05 -19.86
C ARG F 162 11.95 2.57 -19.93
N GLU F 163 12.49 3.18 -20.98
CA GLU F 163 12.34 4.63 -21.13
C GLU F 163 11.02 4.98 -21.82
N LEU F 164 10.69 4.30 -22.92
CA LEU F 164 9.42 4.55 -23.61
C LEU F 164 8.28 3.78 -22.93
N THR F 165 8.04 4.14 -21.68
CA THR F 165 6.91 3.60 -20.93
C THR F 165 6.64 4.48 -19.73
N CYS F 166 5.38 4.47 -19.29
CA CYS F 166 4.97 5.21 -18.11
C CYS F 166 3.70 4.54 -17.58
N TRP F 167 3.28 4.96 -16.39
CA TRP F 167 2.11 4.35 -15.80
C TRP F 167 0.84 5.03 -16.32
N GLU F 168 -0.22 4.22 -16.43
CA GLU F 168 -1.52 4.71 -16.85
C GLU F 168 -2.59 4.04 -16.00
N GLU F 169 -3.45 4.85 -15.37
CA GLU F 169 -4.53 4.30 -14.58
C GLU F 169 -5.68 3.89 -15.51
N VAL F 170 -6.22 2.69 -15.28
CA VAL F 170 -7.26 2.16 -16.14
C VAL F 170 -8.60 2.71 -15.68
N ALA F 171 -9.33 3.34 -16.60
CA ALA F 171 -10.70 3.76 -16.34
C ALA F 171 -11.56 2.51 -16.40
N GLN F 172 -11.71 1.85 -15.26
CA GLN F 172 -12.43 0.58 -15.21
C GLN F 172 -13.92 0.81 -15.35
N SER F 173 -14.59 -0.20 -15.91
CA SER F 173 -16.04 -0.17 -16.07
C SER F 173 -16.61 -1.52 -15.64
N GLY F 174 -17.93 -1.58 -15.56
CA GLY F 174 -18.60 -2.79 -15.12
C GLY F 174 -18.65 -2.91 -13.61
N GLU F 175 -18.89 -4.15 -13.15
CA GLU F 175 -19.01 -4.44 -11.73
C GLU F 175 -17.60 -4.66 -11.17
N ILE F 176 -16.93 -3.55 -10.87
CA ILE F 176 -15.59 -3.59 -10.28
C ILE F 176 -15.65 -4.38 -8.96
N PRO F 177 -14.73 -5.32 -8.73
CA PRO F 177 -14.77 -6.08 -7.49
C PRO F 177 -14.63 -5.15 -6.29
N PRO F 178 -15.28 -5.47 -5.17
CA PRO F 178 -15.09 -4.69 -3.96
C PRO F 178 -13.62 -4.66 -3.55
N SER F 179 -13.20 -3.55 -2.94
CA SER F 179 -11.82 -3.36 -2.51
C SER F 179 -11.29 -4.59 -1.81
N CYS F 180 -10.21 -5.16 -2.36
CA CYS F 180 -9.71 -6.46 -1.91
C CYS F 180 -8.19 -6.44 -1.86
N CYS F 181 -7.66 -7.39 -1.09
CA CYS F 181 -6.22 -7.67 -1.08
C CYS F 181 -6.05 -9.14 -0.72
N ASN F 182 -4.86 -9.67 -0.99
CA ASN F 182 -4.52 -11.07 -0.72
C ASN F 182 -5.46 -11.99 -1.49
N PHE F 183 -5.40 -11.88 -2.82
CA PHE F 183 -6.22 -12.67 -3.73
C PHE F 183 -5.39 -13.05 -4.94
N PRO F 184 -5.66 -14.20 -5.54
CA PRO F 184 -4.92 -14.62 -6.73
C PRO F 184 -5.57 -14.16 -8.02
N VAL F 185 -4.74 -14.13 -9.07
CA VAL F 185 -5.15 -13.68 -10.39
C VAL F 185 -4.62 -14.67 -11.41
N ALA F 186 -5.48 -15.07 -12.35
CA ALA F 186 -5.07 -15.95 -13.44
C ALA F 186 -5.69 -15.42 -14.72
N VAL F 187 -4.93 -15.50 -15.81
CA VAL F 187 -5.42 -15.09 -17.12
C VAL F 187 -5.78 -16.34 -17.92
N CYS F 188 -7.00 -16.35 -18.44
CA CYS F 188 -7.47 -17.44 -19.29
C CYS F 188 -8.38 -16.83 -20.35
N ARG F 189 -8.42 -17.47 -21.52
CA ARG F 189 -9.00 -16.89 -22.73
C ARG F 189 -8.32 -15.53 -22.92
N ASP F 190 -9.05 -14.44 -23.09
CA ASP F 190 -8.49 -13.10 -23.13
C ASP F 190 -9.05 -12.24 -22.01
N LYS F 191 -9.23 -12.85 -20.84
CA LYS F 191 -9.80 -12.19 -19.68
C LYS F 191 -8.94 -12.44 -18.45
N MET F 192 -8.99 -11.49 -17.51
CA MET F 192 -8.32 -11.60 -16.23
C MET F 192 -9.35 -11.99 -15.17
N PHE F 193 -8.99 -12.94 -14.31
CA PHE F 193 -9.91 -13.52 -13.35
C PHE F 193 -9.45 -13.27 -11.91
N VAL F 194 -10.42 -12.97 -11.05
CA VAL F 194 -10.19 -12.72 -9.64
C VAL F 194 -11.23 -13.49 -8.84
N PHE F 195 -10.76 -14.27 -7.85
CA PHE F 195 -11.65 -15.07 -7.02
C PHE F 195 -11.45 -14.70 -5.56
N SER F 196 -12.53 -14.29 -4.90
CA SER F 196 -12.55 -14.03 -3.47
C SER F 196 -11.42 -13.10 -3.05
N GLY F 197 -10.85 -13.35 -1.88
CA GLY F 197 -9.84 -12.49 -1.30
C GLY F 197 -10.35 -11.81 -0.04
N GLN F 198 -9.47 -11.01 0.54
CA GLN F 198 -9.80 -10.24 1.74
C GLN F 198 -10.41 -8.91 1.31
N SER F 199 -11.72 -8.79 1.46
CA SER F 199 -12.43 -7.56 1.08
C SER F 199 -13.27 -7.01 2.22
N GLY F 200 -12.92 -7.34 3.46
CA GLY F 200 -13.62 -6.75 4.60
C GLY F 200 -15.04 -7.22 4.69
N ALA F 201 -15.97 -6.27 4.85
CA ALA F 201 -17.39 -6.61 4.95
C ALA F 201 -17.93 -7.20 3.66
N LYS F 202 -17.27 -6.95 2.53
CA LYS F 202 -17.70 -7.48 1.25
C LYS F 202 -16.98 -8.78 0.89
N ILE F 203 -16.53 -9.56 1.89
CA ILE F 203 -15.84 -10.81 1.59
C ILE F 203 -16.86 -11.83 1.12
N THR F 204 -16.64 -12.39 -0.06
CA THR F 204 -17.58 -13.33 -0.65
C THR F 204 -16.79 -14.36 -1.44
N ASN F 205 -17.52 -15.29 -2.06
CA ASN F 205 -16.94 -16.28 -2.96
C ASN F 205 -17.32 -15.97 -4.41
N ASN F 206 -17.50 -14.70 -4.73
CA ASN F 206 -17.78 -14.30 -6.10
C ASN F 206 -16.54 -14.45 -6.96
N LEU F 207 -16.76 -14.78 -8.22
CA LEU F 207 -15.68 -14.85 -9.20
C LEU F 207 -15.88 -13.69 -10.16
N PHE F 208 -14.86 -12.85 -10.29
CA PHE F 208 -14.92 -11.68 -11.14
C PHE F 208 -14.07 -11.87 -12.38
N GLN F 209 -14.53 -11.28 -13.49
CA GLN F 209 -13.92 -11.46 -14.79
C GLN F 209 -13.70 -10.10 -15.44
N PHE F 210 -12.47 -9.85 -15.91
CA PHE F 210 -12.08 -8.56 -16.48
C PHE F 210 -11.68 -8.75 -17.93
N GLU F 211 -12.51 -8.26 -18.84
CA GLU F 211 -12.19 -8.30 -20.25
C GLU F 211 -11.26 -7.16 -20.61
N PHE F 212 -10.06 -7.50 -21.10
CA PHE F 212 -9.05 -6.48 -21.39
C PHE F 212 -9.49 -5.54 -22.49
N LYS F 213 -10.27 -6.03 -23.46
CA LYS F 213 -10.58 -5.24 -24.64
C LYS F 213 -11.34 -3.97 -24.26
N ASP F 214 -12.50 -4.12 -23.62
CA ASP F 214 -13.34 -3.00 -23.22
C ASP F 214 -13.09 -2.57 -21.78
N LYS F 215 -12.14 -3.20 -21.09
CA LYS F 215 -11.78 -2.84 -19.71
C LYS F 215 -13.00 -2.83 -18.80
N THR F 216 -13.75 -3.93 -18.83
CA THR F 216 -14.99 -4.05 -18.07
C THR F 216 -14.98 -5.29 -17.20
N TRP F 217 -15.46 -5.15 -15.97
CA TRP F 217 -15.57 -6.23 -15.01
C TRP F 217 -16.98 -6.83 -15.05
N THR F 218 -17.06 -8.13 -14.77
CA THR F 218 -18.33 -8.84 -14.74
C THR F 218 -18.25 -9.92 -13.66
N ARG F 219 -19.18 -9.88 -12.71
CA ARG F 219 -19.25 -10.93 -11.69
C ARG F 219 -19.90 -12.15 -12.31
N ILE F 220 -19.18 -13.28 -12.32
CA ILE F 220 -19.69 -14.52 -12.91
C ILE F 220 -20.88 -15.01 -12.12
N PRO F 221 -22.07 -15.11 -12.73
CA PRO F 221 -23.24 -15.60 -12.00
C PRO F 221 -23.06 -17.06 -11.59
N THR F 222 -23.26 -17.34 -10.30
CA THR F 222 -23.16 -18.68 -9.75
C THR F 222 -24.49 -19.27 -9.37
N GLU F 223 -25.37 -18.47 -8.75
CA GLU F 223 -26.66 -18.95 -8.29
C GLU F 223 -27.61 -19.34 -9.41
N HIS F 224 -27.16 -19.25 -10.67
CA HIS F 224 -27.96 -19.75 -11.78
C HIS F 224 -28.30 -21.21 -11.57
N LEU F 225 -27.27 -22.05 -11.39
CA LEU F 225 -27.40 -23.46 -11.06
C LEU F 225 -28.49 -24.13 -11.91
N LEU F 226 -28.32 -23.99 -13.23
CA LEU F 226 -29.37 -24.38 -14.16
C LEU F 226 -29.86 -25.80 -13.92
N ARG F 227 -28.98 -26.70 -13.50
CA ARG F 227 -29.35 -28.07 -13.15
C ARG F 227 -28.62 -28.50 -11.88
N GLY F 228 -28.63 -27.63 -10.88
CA GLY F 228 -28.03 -27.93 -9.59
C GLY F 228 -26.53 -28.19 -9.65
N SER F 229 -25.76 -27.19 -10.07
CA SER F 229 -24.32 -27.34 -10.22
C SER F 229 -23.62 -27.27 -8.86
N PRO F 230 -22.47 -27.94 -8.74
CA PRO F 230 -21.72 -27.87 -7.50
C PRO F 230 -21.39 -26.43 -7.13
N PRO F 231 -21.37 -26.12 -5.83
CA PRO F 231 -21.17 -24.74 -5.40
C PRO F 231 -19.74 -24.29 -5.58
N PRO F 232 -19.50 -22.98 -5.60
CA PRO F 232 -18.13 -22.46 -5.67
C PRO F 232 -17.39 -22.73 -4.37
N PRO F 233 -16.06 -22.68 -4.38
CA PRO F 233 -15.30 -22.92 -3.14
C PRO F 233 -15.58 -21.83 -2.11
N GLN F 234 -15.32 -22.18 -0.85
CA GLN F 234 -15.56 -21.26 0.26
C GLN F 234 -14.79 -19.96 0.07
N ARG F 235 -15.39 -18.86 0.51
CA ARG F 235 -14.69 -17.58 0.50
C ARG F 235 -13.41 -17.70 1.30
N ARG F 236 -12.34 -17.12 0.75
CA ARG F 236 -11.01 -17.34 1.30
C ARG F 236 -10.10 -16.18 0.89
N TYR F 237 -8.93 -16.14 1.51
CA TYR F 237 -7.89 -15.18 1.17
C TYR F 237 -6.53 -15.86 1.28
N GLY F 238 -5.56 -15.32 0.56
CA GLY F 238 -4.24 -15.93 0.54
C GLY F 238 -4.14 -17.19 -0.28
N HIS F 239 -5.11 -17.45 -1.14
CA HIS F 239 -5.12 -18.63 -1.98
C HIS F 239 -4.44 -18.34 -3.33
N THR F 240 -4.20 -19.39 -4.08
CA THR F 240 -3.60 -19.29 -5.40
C THR F 240 -4.61 -19.72 -6.46
N MET F 241 -4.43 -19.19 -7.67
CA MET F 241 -5.28 -19.55 -8.79
C MET F 241 -4.45 -19.49 -10.06
N VAL F 242 -4.45 -20.60 -10.80
CA VAL F 242 -3.73 -20.70 -12.07
C VAL F 242 -4.71 -21.12 -13.14
N ALA F 243 -4.36 -20.80 -14.38
CA ALA F 243 -5.15 -21.15 -15.55
C ALA F 243 -4.45 -22.24 -16.34
N PHE F 244 -5.22 -23.22 -16.79
CA PHE F 244 -4.68 -24.28 -17.63
C PHE F 244 -5.80 -24.92 -18.42
N ASP F 245 -5.68 -24.91 -19.75
CA ASP F 245 -6.60 -25.59 -20.65
C ASP F 245 -8.06 -25.21 -20.34
N ARG F 246 -8.33 -23.90 -20.49
CA ARG F 246 -9.68 -23.36 -20.32
C ARG F 246 -10.27 -23.71 -18.96
N HIS F 247 -9.43 -23.78 -17.93
CA HIS F 247 -9.90 -24.06 -16.58
C HIS F 247 -9.07 -23.27 -15.58
N LEU F 248 -9.68 -22.92 -14.45
CA LEU F 248 -9.01 -22.25 -13.36
C LEU F 248 -8.97 -23.17 -12.16
N TYR F 249 -7.79 -23.32 -11.55
CA TYR F 249 -7.60 -24.18 -10.40
C TYR F 249 -7.23 -23.34 -9.19
N VAL F 250 -8.08 -23.40 -8.16
CA VAL F 250 -7.89 -22.65 -6.92
C VAL F 250 -7.49 -23.64 -5.83
N PHE F 251 -6.47 -23.29 -5.07
CA PHE F 251 -5.97 -24.15 -4.01
C PHE F 251 -5.59 -23.32 -2.79
N GLY F 252 -5.88 -23.87 -1.61
CA GLY F 252 -5.38 -23.32 -0.37
C GLY F 252 -6.07 -22.04 0.07
N GLY F 253 -5.35 -21.27 0.87
CA GLY F 253 -5.87 -20.06 1.47
C GLY F 253 -6.57 -20.32 2.78
N ALA F 254 -6.77 -19.24 3.54
CA ALA F 254 -7.48 -19.32 4.81
C ALA F 254 -8.95 -19.01 4.58
N ALA F 255 -9.82 -20.00 4.83
CA ALA F 255 -11.25 -19.89 4.57
C ALA F 255 -12.00 -20.14 5.87
N ASP F 256 -12.50 -19.07 6.50
CA ASP F 256 -13.30 -19.16 7.72
C ASP F 256 -12.54 -19.91 8.82
N ASN F 257 -11.31 -19.45 9.08
CA ASN F 257 -10.44 -19.99 10.13
C ASN F 257 -10.05 -21.44 9.88
N THR F 258 -10.08 -21.89 8.63
CA THR F 258 -9.61 -23.23 8.26
C THR F 258 -8.68 -23.12 7.08
N LEU F 259 -8.02 -24.24 6.76
CA LEU F 259 -7.08 -24.32 5.64
C LEU F 259 -7.49 -25.50 4.78
N PRO F 260 -8.55 -25.37 3.98
CA PRO F 260 -8.98 -26.49 3.14
C PRO F 260 -7.93 -26.81 2.09
N ASN F 261 -7.76 -28.11 1.83
CA ASN F 261 -6.75 -28.57 0.88
C ASN F 261 -7.34 -29.20 -0.37
N GLU F 262 -8.64 -29.06 -0.59
CA GLU F 262 -9.21 -29.56 -1.83
C GLU F 262 -8.82 -28.64 -2.99
N LEU F 263 -8.76 -29.23 -4.17
CA LEU F 263 -8.41 -28.50 -5.39
C LEU F 263 -9.71 -28.25 -6.17
N HIS F 264 -10.08 -26.98 -6.29
CA HIS F 264 -11.30 -26.59 -6.98
C HIS F 264 -10.95 -26.19 -8.41
N CYS F 265 -11.86 -26.51 -9.32
CA CYS F 265 -11.66 -26.27 -10.75
C CYS F 265 -12.88 -25.59 -11.32
N TYR F 266 -12.67 -24.50 -12.06
CA TYR F 266 -13.75 -23.71 -12.65
C TYR F 266 -13.62 -23.78 -14.16
N ASP F 267 -14.61 -24.41 -14.81
CA ASP F 267 -14.68 -24.42 -16.27
C ASP F 267 -15.11 -23.04 -16.74
N VAL F 268 -14.21 -22.34 -17.43
CA VAL F 268 -14.49 -20.96 -17.81
C VAL F 268 -15.62 -20.91 -18.83
N ASP F 269 -15.64 -21.87 -19.75
CA ASP F 269 -16.62 -21.85 -20.84
C ASP F 269 -18.03 -22.15 -20.34
N PHE F 270 -18.17 -23.16 -19.47
CA PHE F 270 -19.48 -23.56 -18.98
C PHE F 270 -19.83 -22.93 -17.64
N GLN F 271 -18.90 -22.18 -17.04
CA GLN F 271 -19.14 -21.45 -15.79
C GLN F 271 -19.63 -22.41 -14.70
N THR F 272 -18.87 -23.49 -14.49
CA THR F 272 -19.21 -24.53 -13.53
C THR F 272 -18.02 -24.78 -12.62
N TRP F 273 -18.32 -25.09 -11.36
CA TRP F 273 -17.30 -25.44 -10.38
C TRP F 273 -17.28 -26.95 -10.18
N GLU F 274 -16.14 -27.45 -9.75
CA GLU F 274 -15.97 -28.87 -9.51
C GLU F 274 -14.83 -29.04 -8.52
N VAL F 275 -14.84 -30.17 -7.81
CA VAL F 275 -13.77 -30.54 -6.89
C VAL F 275 -13.01 -31.68 -7.55
N VAL F 276 -11.73 -31.43 -7.86
CA VAL F 276 -10.93 -32.41 -8.57
C VAL F 276 -10.58 -33.55 -7.61
N GLN F 277 -11.03 -34.75 -7.94
CA GLN F 277 -10.73 -35.92 -7.12
C GLN F 277 -9.28 -36.32 -7.29
N PRO F 278 -8.43 -36.21 -6.27
CA PRO F 278 -7.04 -36.61 -6.42
C PRO F 278 -6.91 -38.13 -6.52
N SER F 279 -5.94 -38.56 -7.32
CA SER F 279 -5.74 -39.99 -7.56
C SER F 279 -5.39 -40.72 -6.26
N SER F 280 -5.53 -42.04 -6.29
CA SER F 280 -5.24 -42.86 -5.11
C SER F 280 -3.77 -42.80 -4.72
N ASP F 281 -2.86 -42.65 -5.69
CA ASP F 281 -1.43 -42.57 -5.42
C ASP F 281 -0.96 -41.13 -5.18
N SER F 282 -1.83 -40.26 -4.69
CA SER F 282 -1.50 -38.86 -4.49
C SER F 282 -0.96 -38.61 -3.08
N GLU F 283 -0.02 -37.67 -3.00
CA GLU F 283 0.55 -37.20 -1.74
C GLU F 283 -0.11 -35.87 -1.46
N LEU F 284 -1.23 -35.92 -0.75
CA LEU F 284 -2.08 -34.75 -0.55
C LEU F 284 -1.33 -33.65 0.17
N PRO F 285 -1.22 -32.46 -0.42
CA PRO F 285 -0.57 -31.35 0.29
C PRO F 285 -1.43 -30.85 1.43
N SER F 286 -0.76 -30.48 2.52
CA SER F 286 -1.47 -29.97 3.69
C SER F 286 -2.06 -28.59 3.40
N GLY F 287 -3.10 -28.25 4.16
CA GLY F 287 -3.69 -26.93 4.09
C GLY F 287 -2.68 -25.84 4.33
N ARG F 288 -2.68 -24.82 3.48
CA ARG F 288 -1.70 -23.75 3.59
C ARG F 288 -2.30 -22.46 3.03
N LEU F 289 -1.67 -21.35 3.38
CA LEU F 289 -2.03 -20.05 2.83
C LEU F 289 -0.75 -19.27 2.57
N PHE F 290 -0.89 -18.21 1.78
CA PHE F 290 0.24 -17.37 1.38
C PHE F 290 1.32 -18.17 0.66
N HIS F 291 0.94 -19.29 0.04
CA HIS F 291 1.85 -20.04 -0.81
C HIS F 291 1.91 -19.38 -2.18
N ALA F 292 2.40 -20.10 -3.20
CA ALA F 292 2.48 -19.55 -4.54
C ALA F 292 2.44 -20.70 -5.54
N ALA F 293 1.90 -20.43 -6.72
CA ALA F 293 1.62 -21.45 -7.71
C ALA F 293 2.08 -21.01 -9.09
N ALA F 294 2.51 -22.00 -9.88
CA ALA F 294 2.82 -21.77 -11.28
C ALA F 294 2.54 -23.07 -12.04
N VAL F 295 2.50 -22.95 -13.36
CA VAL F 295 2.19 -24.07 -14.25
C VAL F 295 3.30 -24.22 -15.27
N ILE F 296 3.76 -25.45 -15.46
CA ILE F 296 4.75 -25.78 -16.49
C ILE F 296 4.27 -27.02 -17.21
N SER F 297 4.17 -26.93 -18.54
CA SER F 297 3.58 -27.98 -19.37
C SER F 297 2.19 -28.29 -18.81
N ASP F 298 1.85 -29.55 -18.51
CA ASP F 298 0.53 -29.86 -17.99
C ASP F 298 0.58 -30.21 -16.50
N ALA F 299 1.21 -29.36 -15.70
CA ALA F 299 1.31 -29.61 -14.26
C ALA F 299 1.38 -28.29 -13.51
N MET F 300 0.72 -28.24 -12.37
CA MET F 300 0.76 -27.10 -11.47
C MET F 300 1.73 -27.39 -10.34
N TYR F 301 2.39 -26.35 -9.84
CA TYR F 301 3.38 -26.50 -8.80
C TYR F 301 3.10 -25.54 -7.66
N ILE F 302 3.02 -26.08 -6.44
CA ILE F 302 2.75 -25.33 -5.23
C ILE F 302 4.04 -25.33 -4.41
N PHE F 303 4.48 -24.15 -3.97
CA PHE F 303 5.67 -24.04 -3.15
C PHE F 303 5.43 -23.15 -1.94
N GLY F 304 5.98 -23.57 -0.80
CA GLY F 304 6.03 -22.74 0.37
C GLY F 304 4.67 -22.53 1.01
N GLY F 305 4.56 -21.43 1.73
CA GLY F 305 3.34 -21.04 2.40
C GLY F 305 3.46 -21.22 3.91
N THR F 306 2.33 -21.00 4.58
CA THR F 306 2.23 -21.16 6.03
C THR F 306 1.17 -22.22 6.33
N VAL F 307 1.60 -23.29 7.00
CA VAL F 307 0.69 -24.35 7.41
C VAL F 307 0.18 -24.01 8.81
N ASP F 308 -0.51 -24.97 9.43
CA ASP F 308 -1.09 -24.73 10.75
C ASP F 308 0.00 -24.37 11.76
N ASN F 309 -0.39 -23.57 12.76
CA ASN F 309 0.49 -23.10 13.83
C ASN F 309 1.56 -22.13 13.33
N ASN F 310 1.23 -21.35 12.29
CA ASN F 310 2.09 -20.30 11.77
C ASN F 310 3.50 -20.82 11.47
N ILE F 311 3.55 -21.96 10.78
CA ILE F 311 4.81 -22.61 10.43
C ILE F 311 5.08 -22.38 8.94
N ARG F 312 6.23 -21.79 8.65
CA ARG F 312 6.64 -21.59 7.26
C ARG F 312 7.03 -22.92 6.64
N SER F 313 6.83 -23.04 5.33
CA SER F 313 7.02 -24.29 4.61
C SER F 313 8.00 -24.10 3.47
N GLY F 314 8.75 -25.16 3.18
CA GLY F 314 9.64 -25.20 2.04
C GLY F 314 9.27 -26.32 1.10
N GLU F 315 8.07 -26.89 1.33
CA GLU F 315 7.60 -28.01 0.53
C GLU F 315 7.25 -27.57 -0.89
N MET F 316 7.44 -28.50 -1.83
CA MET F 316 7.10 -28.28 -3.23
C MET F 316 6.22 -29.43 -3.70
N TYR F 317 4.99 -29.11 -4.09
CA TYR F 317 4.03 -30.11 -4.56
C TYR F 317 3.70 -29.88 -6.02
N ARG F 318 3.39 -30.99 -6.71
CA ARG F 318 3.01 -30.95 -8.11
C ARG F 318 1.71 -31.73 -8.30
N PHE F 319 0.73 -31.09 -8.93
CA PHE F 319 -0.50 -31.76 -9.34
C PHE F 319 -0.48 -31.90 -10.85
N GLN F 320 -0.49 -33.14 -11.33
CA GLN F 320 -0.48 -33.41 -12.76
C GLN F 320 -1.86 -33.10 -13.34
N PHE F 321 -1.92 -32.07 -14.17
CA PHE F 321 -3.17 -31.64 -14.77
C PHE F 321 -3.72 -32.64 -15.77
N SER F 322 -2.83 -33.48 -16.33
CA SER F 322 -3.09 -34.47 -17.38
C SER F 322 -2.87 -33.88 -18.77
N LEU G 12 27.02 -36.26 7.37
CA LEU G 12 27.29 -36.01 5.97
C LEU G 12 28.72 -35.51 5.77
N PRO G 13 29.40 -36.02 4.75
CA PRO G 13 30.79 -35.61 4.50
C PRO G 13 30.84 -34.27 3.77
N THR G 14 31.84 -33.47 4.13
CA THR G 14 32.06 -32.16 3.50
C THR G 14 33.40 -32.17 2.77
N TYR G 15 33.37 -31.72 1.51
CA TYR G 15 34.56 -31.66 0.67
C TYR G 15 34.84 -30.21 0.32
N LYS G 16 35.95 -29.68 0.83
CA LYS G 16 36.36 -28.31 0.55
C LYS G 16 37.24 -28.33 -0.70
N LEU G 17 36.72 -27.78 -1.80
CA LEU G 17 37.40 -27.77 -3.08
C LEU G 17 37.78 -26.34 -3.46
N VAL G 18 38.96 -26.19 -4.06
CA VAL G 18 39.48 -24.89 -4.46
C VAL G 18 39.76 -24.93 -5.96
N VAL G 19 39.22 -23.97 -6.69
CA VAL G 19 39.40 -23.87 -8.13
C VAL G 19 40.47 -22.81 -8.39
N VAL G 20 41.62 -23.24 -8.89
CA VAL G 20 42.75 -22.34 -9.13
C VAL G 20 43.11 -22.38 -10.61
N GLY G 21 43.80 -21.34 -11.05
CA GLY G 21 44.17 -21.22 -12.44
C GLY G 21 44.43 -19.77 -12.80
N ASP G 22 45.00 -19.58 -13.99
CA ASP G 22 45.31 -18.25 -14.47
C ASP G 22 44.03 -17.43 -14.64
N GLY G 23 44.21 -16.12 -14.78
CA GLY G 23 43.08 -15.25 -15.02
C GLY G 23 42.53 -15.46 -16.41
N GLY G 24 41.20 -15.60 -16.51
CA GLY G 24 40.53 -15.76 -17.78
C GLY G 24 40.36 -17.18 -18.27
N VAL G 25 40.92 -18.16 -17.56
CA VAL G 25 40.78 -19.55 -18.01
C VAL G 25 39.32 -20.01 -17.90
N GLY G 26 38.55 -19.43 -16.98
CA GLY G 26 37.16 -19.78 -16.86
C GLY G 26 36.76 -20.37 -15.52
N LYS G 27 37.46 -19.96 -14.45
CA LYS G 27 37.14 -20.49 -13.13
C LYS G 27 35.73 -20.10 -12.70
N SER G 28 35.36 -18.83 -12.88
CA SER G 28 34.03 -18.38 -12.47
C SER G 28 32.94 -19.03 -13.32
N ALA G 29 33.13 -19.07 -14.64
CA ALA G 29 32.14 -19.68 -15.52
C ALA G 29 31.85 -21.12 -15.12
N LEU G 30 32.91 -21.91 -14.89
CA LEU G 30 32.72 -23.32 -14.52
C LEU G 30 32.01 -23.44 -13.18
N THR G 31 32.48 -22.70 -12.17
CA THR G 31 31.87 -22.77 -10.84
C THR G 31 30.39 -22.38 -10.91
N ILE G 32 30.08 -21.27 -11.59
CA ILE G 32 28.70 -20.81 -11.67
C ILE G 32 27.84 -21.81 -12.45
N GLN G 33 28.39 -22.38 -13.52
CA GLN G 33 27.67 -23.44 -14.24
C GLN G 33 27.36 -24.62 -13.33
N PHE G 34 28.34 -25.03 -12.52
CA PHE G 34 28.17 -26.20 -11.68
C PHE G 34 27.12 -25.96 -10.59
N PHE G 35 27.14 -24.78 -9.98
CA PHE G 35 26.25 -24.49 -8.85
C PHE G 35 24.94 -23.86 -9.29
N GLN G 36 24.97 -22.96 -10.27
CA GLN G 36 23.81 -22.16 -10.63
C GLN G 36 23.21 -22.53 -11.97
N LYS G 37 23.78 -23.52 -12.67
CA LYS G 37 23.20 -24.09 -13.89
C LYS G 37 22.94 -23.01 -14.95
N ILE G 38 23.92 -22.13 -15.14
CA ILE G 38 23.83 -21.07 -16.14
C ILE G 38 25.25 -20.68 -16.54
N PHE G 39 25.42 -20.38 -17.83
CA PHE G 39 26.69 -19.86 -18.33
C PHE G 39 26.66 -18.33 -18.20
N VAL G 40 27.59 -17.79 -17.43
CA VAL G 40 27.69 -16.36 -17.20
C VAL G 40 28.93 -15.84 -17.92
N PRO G 41 28.78 -15.12 -19.03
CA PRO G 41 29.96 -14.56 -19.71
C PRO G 41 30.41 -13.29 -19.02
N ASP G 42 31.73 -13.14 -18.93
CA ASP G 42 32.35 -11.92 -18.39
C ASP G 42 31.92 -11.67 -16.94
N TYR G 43 32.02 -12.72 -16.12
CA TYR G 43 31.83 -12.53 -14.68
C TYR G 43 32.96 -11.69 -14.12
N ASP G 44 32.63 -10.90 -13.09
CA ASP G 44 33.56 -9.95 -12.48
C ASP G 44 34.88 -10.64 -12.20
N PRO G 45 35.94 -10.28 -12.91
CA PRO G 45 37.22 -11.01 -12.76
C PRO G 45 37.80 -10.95 -11.37
N THR G 46 37.42 -9.96 -10.56
CA THR G 46 38.03 -9.79 -9.25
C THR G 46 37.22 -10.41 -8.12
N ILE G 47 35.95 -10.72 -8.35
CA ILE G 47 35.12 -11.28 -7.29
C ILE G 47 35.62 -12.68 -6.96
N GLU G 48 35.87 -12.91 -5.67
CA GLU G 48 36.35 -14.20 -5.18
C GLU G 48 35.50 -14.58 -3.97
N ASP G 49 34.63 -15.57 -4.16
CA ASP G 49 33.69 -15.98 -3.12
C ASP G 49 33.51 -17.49 -3.20
N SER G 50 32.76 -18.04 -2.24
CA SER G 50 32.59 -19.47 -2.12
C SER G 50 31.16 -19.89 -2.46
N TYR G 51 31.00 -21.15 -2.83
CA TYR G 51 29.72 -21.74 -3.23
C TYR G 51 29.49 -23.02 -2.45
N LEU G 52 28.21 -23.37 -2.25
CA LEU G 52 27.86 -24.53 -1.44
C LEU G 52 26.69 -25.28 -2.06
N LYS G 53 26.83 -26.61 -2.18
CA LYS G 53 25.70 -27.47 -2.54
C LYS G 53 25.80 -28.78 -1.79
N HIS G 54 24.67 -29.48 -1.73
CA HIS G 54 24.59 -30.86 -1.29
C HIS G 54 24.26 -31.69 -2.53
N THR G 55 25.20 -32.55 -2.93
CA THR G 55 25.01 -33.36 -4.13
C THR G 55 25.31 -34.82 -3.82
N GLU G 56 24.73 -35.70 -4.63
CA GLU G 56 24.91 -37.14 -4.48
C GLU G 56 25.85 -37.62 -5.58
N ILE G 57 27.06 -38.03 -5.19
CA ILE G 57 28.06 -38.53 -6.11
C ILE G 57 28.26 -40.02 -5.83
N ASP G 58 28.09 -40.84 -6.87
CA ASP G 58 28.21 -42.29 -6.75
C ASP G 58 27.32 -42.83 -5.63
N ASN G 59 26.06 -42.41 -5.65
CA ASN G 59 25.05 -42.84 -4.68
C ASN G 59 25.49 -42.54 -3.25
N GLN G 60 26.31 -41.51 -3.08
CA GLN G 60 26.77 -41.06 -1.77
C GLN G 60 26.59 -39.56 -1.68
N TRP G 61 25.69 -39.12 -0.80
CA TRP G 61 25.47 -37.70 -0.58
C TRP G 61 26.73 -37.06 0.01
N ALA G 62 26.96 -35.81 -0.38
CA ALA G 62 28.15 -35.10 0.02
C ALA G 62 27.89 -33.60 0.00
N ILE G 63 28.58 -32.87 0.88
CA ILE G 63 28.54 -31.41 0.91
C ILE G 63 29.75 -30.89 0.15
N LEU G 64 29.52 -29.95 -0.76
CA LEU G 64 30.58 -29.39 -1.60
C LEU G 64 30.80 -27.93 -1.22
N ASP G 65 32.02 -27.62 -0.77
CA ASP G 65 32.41 -26.27 -0.37
C ASP G 65 33.49 -25.83 -1.37
N VAL G 66 33.08 -25.09 -2.39
CA VAL G 66 33.95 -24.72 -3.51
C VAL G 66 34.28 -23.24 -3.42
N LEU G 67 35.55 -22.91 -3.68
CA LEU G 67 36.02 -21.53 -3.71
C LEU G 67 36.49 -21.17 -5.11
N ASP G 68 35.84 -20.17 -5.71
CA ASP G 68 36.29 -19.60 -6.98
C ASP G 68 37.35 -18.55 -6.67
N THR G 69 38.62 -18.90 -6.88
CA THR G 69 39.72 -17.99 -6.57
C THR G 69 39.86 -16.91 -7.66
N ALA G 70 40.45 -15.79 -7.27
CA ALA G 70 40.69 -14.69 -8.19
C ALA G 70 41.86 -13.86 -7.68
N GLY G 71 42.57 -13.23 -8.61
CA GLY G 71 43.72 -12.40 -8.26
C GLY G 71 44.97 -13.19 -7.98
N GLN G 72 46.13 -12.62 -8.30
CA GLN G 72 47.41 -13.27 -8.09
C GLN G 72 48.23 -12.65 -6.97
N GLU G 73 47.76 -11.54 -6.38
CA GLU G 73 48.45 -10.92 -5.26
C GLU G 73 48.31 -11.78 -4.01
N GLU G 74 48.76 -11.24 -2.87
CA GLU G 74 48.76 -12.00 -1.63
C GLU G 74 47.34 -12.41 -1.23
N PHE G 75 47.25 -13.57 -0.58
CA PHE G 75 45.97 -14.19 -0.29
C PHE G 75 45.24 -13.48 0.84
N SER G 76 43.94 -13.26 0.65
CA SER G 76 43.10 -12.84 1.76
C SER G 76 43.03 -13.95 2.80
N ALA G 77 42.58 -13.58 4.01
CA ALA G 77 42.44 -14.56 5.09
C ALA G 77 41.52 -15.71 4.67
N MET G 78 40.50 -15.42 3.88
CA MET G 78 39.59 -16.47 3.42
C MET G 78 40.27 -17.39 2.42
N ARG G 79 40.90 -16.81 1.38
CA ARG G 79 41.55 -17.62 0.36
C ARG G 79 42.63 -18.51 0.96
N GLU G 80 43.48 -17.93 1.82
CA GLU G 80 44.57 -18.70 2.41
C GLU G 80 44.06 -19.94 3.14
N GLN G 81 43.14 -19.74 4.08
CA GLN G 81 42.65 -20.85 4.89
C GLN G 81 41.93 -21.90 4.05
N TYR G 82 41.33 -21.50 2.93
CA TYR G 82 40.79 -22.48 1.98
C TYR G 82 41.91 -23.26 1.32
N MET G 83 43.00 -22.58 0.95
CA MET G 83 44.11 -23.26 0.29
C MET G 83 44.84 -24.20 1.24
N ARG G 84 44.76 -23.93 2.54
CA ARG G 84 45.44 -24.73 3.55
C ARG G 84 44.57 -25.89 4.05
N THR G 85 43.25 -25.73 4.06
CA THR G 85 42.33 -26.74 4.54
C THR G 85 41.56 -27.43 3.42
N GLY G 86 41.78 -27.03 2.17
CA GLY G 86 41.03 -27.63 1.08
C GLY G 86 41.34 -29.11 0.91
N ASP G 87 40.29 -29.89 0.64
CA ASP G 87 40.46 -31.33 0.43
C ASP G 87 40.89 -31.67 -0.99
N GLY G 88 40.67 -30.79 -1.95
CA GLY G 88 41.05 -31.05 -3.33
C GLY G 88 41.11 -29.76 -4.12
N PHE G 89 41.78 -29.83 -5.28
CA PHE G 89 42.03 -28.66 -6.10
C PHE G 89 41.73 -28.94 -7.57
N LEU G 90 41.16 -27.95 -8.25
CA LEU G 90 40.96 -27.97 -9.70
C LEU G 90 41.91 -26.96 -10.32
N ILE G 91 42.98 -27.45 -10.93
CA ILE G 91 43.94 -26.61 -11.63
C ILE G 91 43.40 -26.42 -13.05
N VAL G 92 43.04 -25.18 -13.40
CA VAL G 92 42.33 -24.89 -14.63
C VAL G 92 43.20 -24.03 -15.53
N TYR G 93 43.30 -24.42 -16.81
CA TYR G 93 43.91 -23.59 -17.84
C TYR G 93 42.97 -23.52 -19.03
N SER G 94 43.21 -22.54 -19.91
CA SER G 94 42.45 -22.37 -21.13
C SER G 94 43.24 -22.89 -22.32
N VAL G 95 42.60 -23.69 -23.18
CA VAL G 95 43.26 -24.27 -24.33
C VAL G 95 43.44 -23.23 -25.44
N THR G 96 42.96 -22.01 -25.20
CA THR G 96 43.16 -20.91 -26.12
C THR G 96 44.18 -19.91 -25.61
N ASP G 97 44.68 -20.10 -24.40
CA ASP G 97 45.66 -19.21 -23.77
C ASP G 97 46.90 -20.06 -23.49
N LYS G 98 47.88 -19.97 -24.39
CA LYS G 98 49.11 -20.75 -24.23
C LYS G 98 49.84 -20.39 -22.94
N ALA G 99 49.71 -19.15 -22.48
CA ALA G 99 50.32 -18.75 -21.23
C ALA G 99 49.73 -19.49 -20.04
N SER G 100 48.40 -19.67 -20.03
CA SER G 100 47.75 -20.35 -18.93
C SER G 100 48.24 -21.79 -18.78
N PHE G 101 48.52 -22.46 -19.90
CA PHE G 101 49.00 -23.84 -19.83
C PHE G 101 50.40 -23.92 -19.23
N GLU G 102 51.30 -23.04 -19.65
CA GLU G 102 52.65 -23.04 -19.11
C GLU G 102 52.67 -22.74 -17.61
N HIS G 103 51.59 -22.18 -17.06
CA HIS G 103 51.51 -21.85 -15.65
C HIS G 103 50.94 -23.00 -14.81
N VAL G 104 50.54 -24.11 -15.43
CA VAL G 104 50.05 -25.25 -14.67
C VAL G 104 51.11 -25.72 -13.68
N ASP G 105 52.37 -25.77 -14.12
CA ASP G 105 53.46 -26.14 -13.21
C ASP G 105 53.54 -25.17 -12.05
N ARG G 106 53.37 -23.88 -12.32
CA ARG G 106 53.41 -22.88 -11.24
C ARG G 106 52.33 -23.14 -10.21
N PHE G 107 51.10 -23.44 -10.65
CA PHE G 107 50.03 -23.73 -9.70
C PHE G 107 50.25 -25.07 -9.01
N HIS G 108 50.73 -26.07 -9.75
CA HIS G 108 51.02 -27.37 -9.15
C HIS G 108 52.01 -27.24 -7.99
N GLN G 109 53.16 -26.61 -8.25
CA GLN G 109 54.17 -26.45 -7.20
C GLN G 109 53.63 -25.68 -6.01
N LEU G 110 52.78 -24.68 -6.27
CA LEU G 110 52.23 -23.86 -5.19
C LEU G 110 51.38 -24.70 -4.22
N ILE G 111 50.56 -25.61 -4.75
CA ILE G 111 49.66 -26.39 -3.91
C ILE G 111 50.46 -27.31 -2.97
N LEU G 112 51.42 -28.06 -3.52
CA LEU G 112 52.22 -28.94 -2.67
C LEU G 112 53.01 -28.16 -1.63
N ARG G 113 53.57 -27.02 -2.01
CA ARG G 113 54.29 -26.20 -1.04
C ARG G 113 53.38 -25.79 0.11
N VAL G 114 52.15 -25.37 -0.18
CA VAL G 114 51.21 -25.03 0.87
C VAL G 114 50.88 -26.26 1.71
N LYS G 115 50.48 -27.35 1.04
CA LYS G 115 50.06 -28.55 1.76
C LYS G 115 51.23 -29.29 2.41
N ASP G 116 52.46 -29.01 1.99
CA ASP G 116 53.67 -29.70 2.46
C ASP G 116 53.58 -31.22 2.30
N ARG G 117 53.21 -31.65 1.09
CA ARG G 117 53.10 -33.06 0.73
C ARG G 117 53.65 -33.26 -0.66
N GLU G 118 54.02 -34.51 -0.96
CA GLU G 118 54.51 -34.87 -2.28
C GLU G 118 53.41 -35.01 -3.31
N SER G 119 52.16 -35.21 -2.87
CA SER G 119 51.02 -35.31 -3.77
C SER G 119 49.76 -34.97 -3.00
N PHE G 120 48.80 -34.39 -3.70
CA PHE G 120 47.52 -34.02 -3.10
C PHE G 120 46.42 -34.17 -4.13
N PRO G 121 45.20 -34.51 -3.70
CA PRO G 121 44.08 -34.62 -4.65
C PRO G 121 43.89 -33.38 -5.50
N MET G 122 44.16 -33.51 -6.79
CA MET G 122 44.04 -32.40 -7.74
C MET G 122 43.72 -32.97 -9.11
N ILE G 123 43.06 -32.18 -9.94
CA ILE G 123 42.69 -32.57 -11.29
C ILE G 123 43.00 -31.45 -12.25
N LEU G 124 43.73 -31.77 -13.33
CA LEU G 124 44.00 -30.81 -14.39
C LEU G 124 42.74 -30.66 -15.25
N VAL G 125 42.36 -29.41 -15.51
CA VAL G 125 41.12 -29.10 -16.23
C VAL G 125 41.46 -28.24 -17.43
N ALA G 126 41.21 -28.77 -18.63
CA ALA G 126 41.39 -28.02 -19.87
C ALA G 126 40.02 -27.49 -20.29
N ASN G 127 39.86 -26.17 -20.22
CA ASN G 127 38.59 -25.52 -20.45
C ASN G 127 38.61 -24.75 -21.76
N LYS G 128 37.43 -24.26 -22.14
CA LYS G 128 37.24 -23.44 -23.34
C LYS G 128 37.53 -24.24 -24.61
N VAL G 129 37.33 -25.57 -24.55
CA VAL G 129 37.54 -26.44 -25.70
C VAL G 129 36.56 -26.15 -26.83
N ASP G 130 35.40 -25.56 -26.53
CA ASP G 130 34.45 -25.21 -27.59
C ASP G 130 35.09 -24.27 -28.61
N LEU G 131 35.99 -23.40 -28.16
CA LEU G 131 36.68 -22.46 -29.04
C LEU G 131 37.72 -23.21 -29.88
N MET G 132 37.24 -24.07 -30.78
CA MET G 132 38.14 -24.91 -31.56
C MET G 132 39.00 -24.09 -32.50
N HIS G 133 38.43 -23.04 -33.11
CA HIS G 133 39.19 -22.20 -34.03
C HIS G 133 40.34 -21.50 -33.33
N LEU G 134 40.20 -21.22 -32.03
CA LEU G 134 41.20 -20.47 -31.29
C LEU G 134 42.01 -21.35 -30.34
N ARG G 135 41.92 -22.67 -30.47
CA ARG G 135 42.64 -23.56 -29.57
C ARG G 135 44.14 -23.56 -29.89
N LYS G 136 44.94 -23.47 -28.83
CA LYS G 136 46.40 -23.44 -28.93
C LYS G 136 47.06 -24.67 -28.32
N ILE G 137 46.52 -25.19 -27.23
CA ILE G 137 47.05 -26.37 -26.54
C ILE G 137 46.24 -27.58 -26.96
N THR G 138 46.91 -28.60 -27.46
CA THR G 138 46.23 -29.78 -27.97
C THR G 138 45.85 -30.73 -26.83
N ARG G 139 45.05 -31.73 -27.18
CA ARG G 139 44.65 -32.75 -26.20
C ARG G 139 45.87 -33.52 -25.70
N GLU G 140 46.82 -33.81 -26.59
CA GLU G 140 48.00 -34.57 -26.20
C GLU G 140 48.93 -33.73 -25.33
N GLN G 141 49.03 -32.43 -25.61
CA GLN G 141 49.84 -31.55 -24.77
C GLN G 141 49.36 -31.56 -23.33
N GLY G 142 48.05 -31.39 -23.12
CA GLY G 142 47.51 -31.42 -21.77
C GLY G 142 47.57 -32.80 -21.15
N LYS G 143 47.29 -33.84 -21.95
CA LYS G 143 47.30 -35.21 -21.42
C LYS G 143 48.69 -35.59 -20.93
N GLU G 144 49.74 -35.12 -21.61
CA GLU G 144 51.10 -35.37 -21.14
C GLU G 144 51.35 -34.68 -19.80
N MET G 145 50.90 -33.44 -19.66
CA MET G 145 51.04 -32.70 -18.41
C MET G 145 50.40 -33.46 -17.25
N ALA G 146 49.22 -34.05 -17.48
CA ALA G 146 48.51 -34.74 -16.41
C ALA G 146 49.29 -35.98 -15.94
N THR G 147 49.70 -36.83 -16.88
CA THR G 147 50.48 -38.00 -16.49
C THR G 147 51.83 -37.60 -15.90
N LYS G 148 52.37 -36.46 -16.32
CA LYS G 148 53.63 -35.97 -15.77
C LYS G 148 53.48 -35.63 -14.29
N HIS G 149 52.37 -35.01 -13.91
CA HIS G 149 52.08 -34.74 -12.51
C HIS G 149 51.31 -35.86 -11.84
N ASN G 150 51.05 -36.96 -12.55
CA ASN G 150 50.33 -38.12 -12.01
C ASN G 150 48.96 -37.71 -11.46
N ILE G 151 48.21 -36.96 -12.26
CA ILE G 151 46.87 -36.52 -11.88
C ILE G 151 45.94 -36.65 -13.07
N PRO G 152 44.65 -36.81 -12.81
CA PRO G 152 43.68 -37.00 -13.91
C PRO G 152 43.58 -35.78 -14.80
N TYR G 153 43.01 -36.00 -15.99
CA TYR G 153 42.86 -34.96 -17.01
C TYR G 153 41.44 -34.97 -17.54
N ILE G 154 40.81 -33.79 -17.57
CA ILE G 154 39.45 -33.63 -18.09
C ILE G 154 39.40 -32.38 -18.96
N GLU G 155 38.74 -32.49 -20.12
CA GLU G 155 38.45 -31.34 -20.96
C GLU G 155 37.03 -30.87 -20.67
N THR G 156 36.88 -29.56 -20.47
CA THR G 156 35.59 -28.98 -20.08
C THR G 156 35.27 -27.77 -20.94
N SER G 157 33.99 -27.43 -20.96
CA SER G 157 33.51 -26.19 -21.57
C SER G 157 32.30 -25.73 -20.78
N ALA G 158 32.35 -24.51 -20.25
CA ALA G 158 31.25 -23.97 -19.47
C ALA G 158 30.19 -23.29 -20.30
N LYS G 159 30.44 -23.08 -21.60
CA LYS G 159 29.46 -22.46 -22.48
C LYS G 159 28.40 -23.48 -22.85
N ASP G 160 27.14 -23.04 -22.85
CA ASP G 160 26.02 -23.94 -23.12
C ASP G 160 26.12 -24.49 -24.55
N PRO G 161 25.99 -25.82 -24.73
CA PRO G 161 25.78 -26.83 -23.69
C PRO G 161 27.07 -27.20 -22.98
N PRO G 162 27.04 -27.26 -21.65
CA PRO G 162 28.27 -27.51 -20.89
C PRO G 162 28.80 -28.92 -21.09
N LEU G 163 30.12 -29.05 -20.97
CA LEU G 163 30.80 -30.31 -21.19
C LEU G 163 31.64 -30.66 -19.98
N ASN G 164 31.33 -31.80 -19.35
CA ASN G 164 32.09 -32.36 -18.23
C ASN G 164 32.23 -31.39 -17.05
N VAL G 165 31.37 -30.37 -16.97
CA VAL G 165 31.46 -29.43 -15.86
C VAL G 165 31.15 -30.12 -14.54
N ASP G 166 30.03 -30.85 -14.49
CA ASP G 166 29.69 -31.60 -13.28
C ASP G 166 30.71 -32.70 -13.01
N LYS G 167 31.18 -33.37 -14.05
CA LYS G 167 32.11 -34.49 -13.88
C LYS G 167 33.42 -34.01 -13.27
N ALA G 168 33.92 -32.85 -13.70
CA ALA G 168 35.18 -32.31 -13.18
C ALA G 168 35.15 -32.22 -11.66
N PHE G 169 34.12 -31.57 -11.12
CA PHE G 169 34.00 -31.46 -9.67
C PHE G 169 33.75 -32.83 -9.03
N HIS G 170 32.85 -33.61 -9.62
CA HIS G 170 32.54 -34.94 -9.08
C HIS G 170 33.77 -35.84 -9.09
N ASP G 171 34.57 -35.79 -10.17
CA ASP G 171 35.76 -36.62 -10.24
C ASP G 171 36.77 -36.22 -9.16
N LEU G 172 36.91 -34.92 -8.91
CA LEU G 172 37.78 -34.47 -7.83
C LEU G 172 37.35 -35.06 -6.50
N VAL G 173 36.03 -35.07 -6.24
CA VAL G 173 35.52 -35.74 -5.05
C VAL G 173 35.92 -37.21 -5.05
N ARG G 174 35.80 -37.88 -6.19
CA ARG G 174 36.19 -39.28 -6.28
C ARG G 174 37.67 -39.49 -5.95
N VAL G 175 38.52 -38.58 -6.42
CA VAL G 175 39.94 -38.68 -6.09
C VAL G 175 40.14 -38.58 -4.58
N ILE G 176 39.44 -37.64 -3.94
CA ILE G 176 39.56 -37.47 -2.50
C ILE G 176 39.09 -38.72 -1.75
N ARG G 177 37.99 -39.33 -2.22
CA ARG G 177 37.45 -40.49 -1.52
C ARG G 177 38.37 -41.70 -1.63
N GLN G 178 39.17 -41.78 -2.68
CA GLN G 178 40.08 -42.91 -2.89
C GLN G 178 41.49 -42.51 -2.47
N GLN G 179 41.63 -42.24 -1.18
CA GLN G 179 42.88 -41.70 -0.64
C GLN G 179 43.28 -42.43 0.63
N ILE G 180 44.58 -42.61 0.80
CA ILE G 180 45.13 -43.28 1.98
C ILE G 180 45.02 -42.36 3.19
N PRO G 181 44.49 -42.82 4.32
CA PRO G 181 44.48 -42.05 5.57
C PRO G 181 45.89 -41.74 6.05
N GLY H 1 60.31 17.25 5.76
CA GLY H 1 60.27 18.70 5.90
C GLY H 1 59.18 19.34 5.08
N THR H 2 59.37 19.32 3.76
CA THR H 2 58.36 19.85 2.85
C THR H 2 57.02 19.17 3.07
N VAL H 3 55.94 19.97 3.08
CA VAL H 3 54.63 19.39 3.32
C VAL H 3 54.19 18.60 2.11
N HIS H 4 53.37 17.58 2.35
CA HIS H 4 52.90 16.65 1.32
C HIS H 4 54.09 16.06 0.54
N ARG H 5 55.06 15.55 1.29
CA ARG H 5 56.28 15.00 0.70
C ARG H 5 56.51 13.60 1.24
N TRP H 6 56.63 12.64 0.33
CA TRP H 6 57.05 11.29 0.71
C TRP H 6 58.54 11.27 1.01
N ARG H 7 58.93 10.47 2.01
CA ARG H 7 60.31 10.37 2.42
C ARG H 7 60.67 8.91 2.69
N ARG H 8 61.74 8.44 2.06
CA ARG H 8 62.20 7.07 2.25
C ARG H 8 63.01 7.00 3.54
N LEU H 9 62.36 6.59 4.62
CA LEU H 9 63.05 6.49 5.89
C LEU H 9 63.90 5.22 5.92
N PRO H 10 64.87 5.14 6.83
CA PRO H 10 65.77 3.97 6.87
C PRO H 10 64.99 2.68 7.08
N PRO H 11 65.21 1.68 6.23
CA PRO H 11 64.50 0.41 6.39
C PRO H 11 65.05 -0.41 7.55
N CYS H 12 64.23 -1.37 7.99
CA CYS H 12 64.62 -2.28 9.07
C CYS H 12 65.68 -3.28 8.60
N ASP H 13 66.87 -3.20 9.18
CA ASP H 13 67.94 -4.14 8.85
C ASP H 13 67.56 -5.57 9.25
N GLU H 14 68.16 -6.54 8.55
CA GLU H 14 67.79 -7.95 8.75
C GLU H 14 68.10 -8.42 10.17
N PHE H 15 69.11 -7.83 10.83
CA PHE H 15 69.42 -8.23 12.20
C PHE H 15 68.48 -7.62 13.23
N VAL H 16 67.66 -6.65 12.83
CA VAL H 16 66.60 -6.13 13.71
C VAL H 16 65.34 -6.97 13.56
N GLY H 17 64.92 -7.19 12.32
CA GLY H 17 63.75 -8.00 12.03
C GLY H 17 63.66 -8.31 10.55
N ALA H 18 63.03 -9.43 10.19
CA ALA H 18 62.94 -9.83 8.79
C ALA H 18 61.83 -9.05 8.11
N ARG H 19 62.02 -8.79 6.82
CA ARG H 19 60.99 -8.13 6.02
C ARG H 19 59.70 -8.93 6.10
N ARG H 20 58.57 -8.22 6.22
CA ARG H 20 57.33 -8.89 6.59
C ARG H 20 56.12 -8.15 6.03
N SER H 21 54.99 -8.86 6.04
CA SER H 21 53.68 -8.32 5.75
C SER H 21 52.70 -8.89 6.77
N LYS H 22 51.45 -8.43 6.70
CA LYS H 22 50.36 -8.88 7.57
C LYS H 22 50.64 -8.62 9.05
N HIS H 23 51.55 -7.70 9.34
CA HIS H 23 51.92 -7.33 10.71
C HIS H 23 50.98 -6.25 11.24
N THR H 24 51.27 -5.78 12.46
CA THR H 24 50.52 -4.70 13.08
C THR H 24 51.47 -3.58 13.51
N VAL H 25 51.04 -2.34 13.29
CA VAL H 25 51.81 -1.15 13.65
C VAL H 25 50.98 -0.29 14.60
N VAL H 26 51.61 0.16 15.67
CA VAL H 26 50.99 1.03 16.66
C VAL H 26 51.95 2.17 16.97
N ALA H 27 51.41 3.38 17.07
CA ALA H 27 52.21 4.55 17.39
C ALA H 27 52.15 4.83 18.88
N TYR H 28 53.31 5.08 19.48
CA TYR H 28 53.39 5.42 20.90
C TYR H 28 54.61 6.29 21.09
N LYS H 29 54.44 7.40 21.82
CA LYS H 29 55.50 8.40 22.02
C LYS H 29 55.92 8.89 20.65
N ASP H 30 57.21 8.86 20.31
CA ASP H 30 57.71 9.21 18.98
C ASP H 30 58.26 7.98 18.27
N ALA H 31 57.64 6.83 18.49
CA ALA H 31 58.13 5.58 17.95
C ALA H 31 56.99 4.75 17.40
N ILE H 32 57.30 3.93 16.40
CA ILE H 32 56.36 3.02 15.76
C ILE H 32 56.74 1.60 16.17
N TYR H 33 55.75 0.85 16.62
CA TYR H 33 55.99 -0.49 17.14
C TYR H 33 55.37 -1.53 16.20
N VAL H 34 56.22 -2.41 15.66
CA VAL H 34 55.82 -3.45 14.73
C VAL H 34 55.79 -4.79 15.46
N PHE H 35 54.67 -5.51 15.33
CA PHE H 35 54.53 -6.82 15.96
C PHE H 35 53.99 -7.81 14.94
N GLY H 36 54.44 -9.07 15.05
CA GLY H 36 53.95 -10.14 14.20
C GLY H 36 54.35 -9.94 12.74
N GLY H 37 53.79 -10.81 11.89
CA GLY H 37 53.93 -10.69 10.47
C GLY H 37 54.34 -11.99 9.82
N ASP H 38 54.66 -11.90 8.52
CA ASP H 38 55.04 -13.04 7.70
C ASP H 38 56.30 -12.71 6.92
N ASN H 39 57.38 -13.43 7.20
CA ASN H 39 58.64 -13.19 6.51
C ASN H 39 58.80 -14.01 5.24
N GLY H 40 57.78 -14.77 4.87
CA GLY H 40 57.84 -15.65 3.72
C GLY H 40 58.04 -17.12 4.06
N LYS H 41 58.44 -17.43 5.29
CA LYS H 41 58.70 -18.81 5.66
C LYS H 41 57.98 -19.25 6.93
N THR H 42 57.85 -18.38 7.92
CA THR H 42 57.19 -18.78 9.16
C THR H 42 56.44 -17.57 9.71
N MET H 43 55.61 -17.83 10.71
CA MET H 43 54.98 -16.74 11.43
C MET H 43 55.98 -16.07 12.37
N LEU H 44 55.64 -14.86 12.81
CA LEU H 44 56.57 -14.07 13.62
C LEU H 44 55.87 -13.56 14.87
N ASN H 45 56.68 -13.31 15.91
CA ASN H 45 56.18 -12.66 17.12
C ASN H 45 57.24 -11.75 17.74
N ASP H 46 58.14 -11.21 16.92
CA ASP H 46 59.09 -10.22 17.39
C ASP H 46 58.43 -8.84 17.45
N LEU H 47 59.08 -7.92 18.16
CA LEU H 47 58.58 -6.56 18.35
C LEU H 47 59.66 -5.57 17.95
N LEU H 48 59.40 -4.76 16.92
CA LEU H 48 60.35 -3.77 16.44
C LEU H 48 59.92 -2.38 16.87
N ARG H 49 60.88 -1.45 16.89
CA ARG H 49 60.63 -0.07 17.30
C ARG H 49 61.38 0.86 16.35
N PHE H 50 60.64 1.75 15.69
CA PHE H 50 61.22 2.76 14.80
C PHE H 50 61.14 4.12 15.49
N ASP H 51 62.29 4.64 15.92
CA ASP H 51 62.33 5.98 16.50
C ASP H 51 62.16 7.02 15.39
N VAL H 52 61.02 7.71 15.38
CA VAL H 52 60.71 8.61 14.28
C VAL H 52 61.63 9.83 14.27
N LYS H 53 62.05 10.31 15.44
CA LYS H 53 62.78 11.57 15.50
C LYS H 53 64.16 11.46 14.85
N ASP H 54 64.87 10.35 15.10
CA ASP H 54 66.21 10.18 14.56
C ASP H 54 66.33 8.99 13.60
N CYS H 55 65.20 8.34 13.27
CA CYS H 55 65.16 7.29 12.25
C CYS H 55 66.08 6.12 12.59
N SER H 56 65.91 5.58 13.80
CA SER H 56 66.72 4.47 14.29
C SER H 56 65.85 3.27 14.59
N TRP H 57 66.22 2.12 14.04
CA TRP H 57 65.54 0.85 14.30
C TRP H 57 66.19 0.13 15.48
N CYS H 58 65.40 -0.70 16.14
CA CYS H 58 65.88 -1.56 17.22
C CYS H 58 64.80 -2.58 17.58
N ARG H 59 65.24 -3.70 18.15
CA ARG H 59 64.33 -4.67 18.74
C ARG H 59 63.84 -4.13 20.08
N ALA H 60 62.51 -4.04 20.24
CA ALA H 60 61.93 -3.57 21.48
C ALA H 60 62.22 -4.55 22.62
N PHE H 61 62.35 -3.99 23.83
CA PHE H 61 62.58 -4.81 25.01
C PHE H 61 61.32 -5.61 25.32
N THR H 62 61.46 -6.93 25.44
CA THR H 62 60.32 -7.78 25.78
C THR H 62 60.69 -8.70 26.94
N THR H 63 59.82 -8.75 27.94
CA THR H 63 59.86 -9.75 28.99
C THR H 63 58.49 -10.39 29.11
N GLY H 64 58.45 -11.60 29.65
CA GLY H 64 57.24 -12.37 29.69
C GLY H 64 56.92 -13.04 28.35
N THR H 65 56.10 -14.08 28.42
CA THR H 65 55.80 -14.88 27.24
C THR H 65 54.95 -14.08 26.25
N PRO H 66 55.43 -13.84 25.03
CA PRO H 66 54.66 -13.07 24.06
C PRO H 66 53.59 -13.93 23.41
N PRO H 67 52.70 -13.36 22.60
CA PRO H 67 51.74 -14.18 21.87
C PRO H 67 52.43 -15.12 20.90
N ALA H 68 51.75 -16.21 20.56
CA ALA H 68 52.28 -17.15 19.59
C ALA H 68 52.51 -16.44 18.26
N PRO H 69 53.54 -16.80 17.52
CA PRO H 69 53.78 -16.16 16.21
C PRO H 69 52.53 -16.22 15.35
N ARG H 70 52.12 -15.06 14.84
CA ARG H 70 50.84 -14.94 14.17
C ARG H 70 50.89 -13.76 13.21
N TYR H 71 49.92 -13.73 12.30
CA TYR H 71 49.68 -12.56 11.45
C TYR H 71 48.18 -12.39 11.28
N HIS H 72 47.79 -11.32 10.59
CA HIS H 72 46.38 -10.93 10.45
C HIS H 72 45.70 -10.73 11.79
N HIS H 73 46.49 -10.39 12.81
CA HIS H 73 46.02 -10.04 14.13
C HIS H 73 45.70 -8.55 14.19
N SER H 74 45.21 -8.09 15.34
CA SER H 74 44.91 -6.68 15.56
C SER H 74 45.74 -6.16 16.73
N ALA H 75 46.03 -4.87 16.68
CA ALA H 75 46.76 -4.21 17.76
C ALA H 75 46.20 -2.80 17.98
N VAL H 76 45.96 -2.46 19.23
CA VAL H 76 45.50 -1.13 19.61
C VAL H 76 46.31 -0.67 20.81
N VAL H 77 46.36 0.65 21.01
CA VAL H 77 47.05 1.24 22.14
C VAL H 77 46.01 1.91 23.03
N TYR H 78 45.96 1.50 24.30
CA TYR H 78 45.11 2.14 25.29
C TYR H 78 45.97 2.50 26.49
N GLY H 79 46.07 3.78 26.79
CA GLY H 79 46.93 4.22 27.88
C GLY H 79 48.38 3.90 27.57
N SER H 80 49.05 3.25 28.52
CA SER H 80 50.46 2.93 28.41
C SER H 80 50.71 1.48 27.98
N SER H 81 49.76 0.89 27.25
CA SER H 81 49.87 -0.51 26.86
C SER H 81 49.41 -0.70 25.43
N MET H 82 49.89 -1.79 24.83
CA MET H 82 49.45 -2.22 23.50
C MET H 82 48.69 -3.54 23.68
N PHE H 83 47.58 -3.66 22.98
CA PHE H 83 46.65 -4.79 23.12
C PHE H 83 46.55 -5.55 21.81
N VAL H 84 46.93 -6.83 21.84
CA VAL H 84 46.87 -7.70 20.67
C VAL H 84 45.68 -8.63 20.80
N PHE H 85 44.91 -8.77 19.72
CA PHE H 85 43.76 -9.67 19.69
C PHE H 85 43.73 -10.42 18.37
N GLY H 86 43.32 -11.69 18.43
CA GLY H 86 43.05 -12.47 17.25
C GLY H 86 44.30 -12.80 16.44
N GLY H 87 44.06 -13.22 15.21
CA GLY H 87 45.12 -13.55 14.27
C GLY H 87 45.13 -15.03 13.91
N TYR H 88 46.14 -15.41 13.15
CA TYR H 88 46.26 -16.75 12.60
C TYR H 88 47.55 -17.37 13.13
N THR H 89 47.44 -18.49 13.84
CA THR H 89 48.56 -19.12 14.51
C THR H 89 48.78 -20.52 13.94
N GLY H 90 50.05 -20.96 13.98
CA GLY H 90 50.39 -22.30 13.58
C GLY H 90 51.73 -22.40 12.89
N ASP H 91 51.90 -23.42 12.06
CA ASP H 91 53.16 -23.67 11.38
C ASP H 91 52.90 -23.67 9.87
N ILE H 92 53.35 -22.60 9.21
CA ILE H 92 53.06 -22.44 7.79
C ILE H 92 53.76 -23.51 6.98
N TYR H 93 55.02 -23.80 7.30
CA TYR H 93 55.81 -24.73 6.50
C TYR H 93 55.22 -26.13 6.51
N SER H 94 54.84 -26.62 7.69
CA SER H 94 54.31 -27.97 7.81
C SER H 94 52.79 -28.04 7.72
N ASN H 95 52.13 -26.88 7.64
CA ASN H 95 50.69 -26.80 7.46
C ASN H 95 49.96 -27.59 8.56
N SER H 96 50.28 -27.29 9.80
CA SER H 96 49.75 -28.02 10.94
C SER H 96 49.42 -27.05 12.06
N ASN H 97 48.45 -27.44 12.89
CA ASN H 97 48.04 -26.67 14.07
C ASN H 97 47.69 -25.22 13.69
N LEU H 98 47.05 -25.07 12.54
CA LEU H 98 46.63 -23.76 12.08
C LEU H 98 45.24 -23.48 12.66
N LYS H 99 45.11 -22.31 13.31
CA LYS H 99 43.85 -21.95 13.94
C LYS H 99 43.77 -20.44 14.05
N ASN H 100 42.55 -19.92 13.92
CA ASN H 100 42.30 -18.54 14.27
C ASN H 100 42.24 -18.42 15.80
N LYS H 101 42.41 -17.20 16.28
CA LYS H 101 42.50 -16.94 17.72
C LYS H 101 41.50 -15.89 18.16
N ASN H 102 41.16 -15.96 19.44
CA ASN H 102 40.36 -14.93 20.10
C ASN H 102 40.93 -14.58 21.47
N ASP H 103 42.24 -14.75 21.64
CA ASP H 103 42.90 -14.41 22.89
C ASP H 103 43.27 -12.93 22.91
N LEU H 104 43.68 -12.45 24.09
CA LEU H 104 43.99 -11.04 24.28
C LEU H 104 45.27 -10.92 25.10
N PHE H 105 46.28 -10.27 24.52
CA PHE H 105 47.57 -10.04 25.18
C PHE H 105 47.78 -8.55 25.37
N GLU H 106 48.32 -8.17 26.53
CA GLU H 106 48.67 -6.80 26.83
C GLU H 106 50.19 -6.66 26.85
N TYR H 107 50.70 -5.62 26.21
CA TYR H 107 52.12 -5.29 26.24
C TYR H 107 52.28 -3.93 26.91
N LYS H 108 52.74 -3.93 28.16
CA LYS H 108 52.97 -2.70 28.91
C LYS H 108 54.25 -2.04 28.41
N PHE H 109 54.15 -0.78 27.96
CA PHE H 109 55.30 -0.11 27.36
C PHE H 109 56.38 0.21 28.38
N ALA H 110 55.98 0.54 29.61
CA ALA H 110 56.97 0.97 30.61
C ALA H 110 57.86 -0.18 31.05
N THR H 111 57.33 -1.40 31.11
CA THR H 111 58.09 -2.55 31.60
C THR H 111 58.39 -3.59 30.53
N GLY H 112 57.76 -3.50 29.36
CA GLY H 112 57.96 -4.52 28.35
C GLY H 112 57.32 -5.85 28.67
N GLN H 113 56.31 -5.87 29.54
CA GLN H 113 55.73 -7.11 30.04
C GLN H 113 54.64 -7.60 29.11
N TRP H 114 54.72 -8.89 28.75
CA TRP H 114 53.68 -9.58 27.99
C TRP H 114 52.81 -10.33 28.99
N THR H 115 51.57 -9.90 29.14
CA THR H 115 50.59 -10.58 29.98
C THR H 115 49.39 -11.01 29.15
N GLU H 116 48.93 -12.24 29.38
CA GLU H 116 47.72 -12.75 28.76
C GLU H 116 46.52 -12.41 29.62
N TRP H 117 45.55 -11.72 29.03
CA TRP H 117 44.27 -11.43 29.68
C TRP H 117 43.37 -12.65 29.48
N LYS H 118 43.44 -13.59 30.42
CA LYS H 118 42.59 -14.78 30.35
C LYS H 118 41.16 -14.39 30.70
N ILE H 119 40.27 -14.43 29.72
CA ILE H 119 38.92 -13.89 29.84
C ILE H 119 37.93 -15.02 30.08
N GLU H 120 37.02 -14.80 31.03
CA GLU H 120 35.94 -15.72 31.37
C GLU H 120 34.68 -15.35 30.59
N GLY H 121 33.76 -16.30 30.48
CA GLY H 121 32.49 -16.05 29.83
C GLY H 121 32.49 -16.37 28.36
N ARG H 122 31.42 -15.95 27.69
CA ARG H 122 31.27 -16.18 26.26
C ARG H 122 32.27 -15.34 25.47
N LEU H 123 33.03 -16.00 24.59
CA LEU H 123 34.01 -15.31 23.77
C LEU H 123 33.45 -15.11 22.36
N PRO H 124 33.91 -14.08 21.65
CA PRO H 124 33.62 -14.00 20.22
C PRO H 124 34.37 -15.11 19.49
N VAL H 125 33.80 -15.56 18.37
CA VAL H 125 34.41 -16.66 17.64
C VAL H 125 35.81 -16.27 17.18
N ALA H 126 36.72 -17.25 17.19
CA ALA H 126 38.09 -16.99 16.78
C ALA H 126 38.12 -16.54 15.32
N ARG H 127 38.91 -15.50 15.04
CA ARG H 127 38.81 -14.84 13.75
C ARG H 127 40.17 -14.25 13.37
N SER H 128 40.29 -13.89 12.10
CA SER H 128 41.46 -13.22 11.57
C SER H 128 41.01 -12.15 10.59
N ALA H 129 41.93 -11.21 10.30
CA ALA H 129 41.71 -10.12 9.36
C ALA H 129 40.55 -9.22 9.78
N HIS H 130 40.17 -9.28 11.06
CA HIS H 130 39.13 -8.43 11.59
C HIS H 130 39.60 -6.97 11.64
N GLY H 131 38.65 -6.08 11.91
CA GLY H 131 38.96 -4.70 12.21
C GLY H 131 38.91 -4.48 13.70
N ALA H 132 39.70 -3.52 14.19
CA ALA H 132 39.74 -3.25 15.61
C ALA H 132 40.16 -1.81 15.85
N THR H 133 39.59 -1.22 16.90
CA THR H 133 39.96 0.12 17.36
C THR H 133 39.59 0.24 18.83
N VAL H 134 40.08 1.32 19.44
CA VAL H 134 39.78 1.64 20.83
C VAL H 134 38.92 2.90 20.87
N TYR H 135 37.81 2.84 21.60
CA TYR H 135 36.92 3.98 21.78
C TYR H 135 36.19 3.82 23.10
N SER H 136 36.09 4.93 23.84
CA SER H 136 35.37 4.97 25.11
C SER H 136 35.90 3.92 26.08
N ASP H 137 37.22 3.89 26.23
CA ASP H 137 37.90 3.00 27.17
C ASP H 137 37.57 1.53 26.90
N LYS H 138 37.32 1.17 25.64
CA LYS H 138 36.97 -0.18 25.27
C LYS H 138 37.60 -0.54 23.93
N LEU H 139 37.93 -1.82 23.77
CA LEU H 139 38.41 -2.34 22.50
C LEU H 139 37.22 -2.84 21.68
N TRP H 140 37.13 -2.39 20.44
CA TRP H 140 36.07 -2.77 19.52
C TRP H 140 36.66 -3.61 18.40
N ILE H 141 36.13 -4.82 18.22
CA ILE H 141 36.53 -5.69 17.12
C ILE H 141 35.31 -5.98 16.26
N PHE H 142 35.52 -6.07 14.95
CA PHE H 142 34.43 -6.15 13.99
C PHE H 142 34.83 -7.04 12.83
N ALA H 143 33.92 -7.94 12.44
CA ALA H 143 34.05 -8.77 11.25
C ALA H 143 35.28 -9.69 11.29
N GLY H 144 35.74 -10.11 10.12
CA GLY H 144 36.88 -10.99 9.98
C GLY H 144 36.47 -12.30 9.35
N TYR H 145 37.40 -13.26 9.37
CA TYR H 145 37.17 -14.60 8.87
C TYR H 145 37.38 -15.59 10.01
N ASP H 146 36.43 -16.51 10.19
CA ASP H 146 36.44 -17.39 11.35
C ASP H 146 36.85 -18.82 11.04
N GLY H 147 37.01 -19.18 9.77
CA GLY H 147 37.31 -20.56 9.42
C GLY H 147 36.34 -21.11 8.41
N ASN H 148 35.07 -20.74 8.52
CA ASN H 148 34.04 -21.19 7.61
C ASN H 148 33.44 -20.09 6.74
N ALA H 149 33.34 -18.87 7.25
CA ALA H 149 32.72 -17.79 6.49
C ALA H 149 33.23 -16.45 7.00
N ARG H 150 33.02 -15.41 6.21
CA ARG H 150 33.35 -14.07 6.69
C ARG H 150 32.31 -13.64 7.73
N LEU H 151 32.68 -12.63 8.51
CA LEU H 151 31.86 -12.17 9.62
C LEU H 151 31.46 -10.72 9.44
N ASN H 152 30.39 -10.33 10.12
CA ASN H 152 30.02 -8.93 10.25
C ASN H 152 29.49 -8.61 11.65
N ASP H 153 29.73 -9.47 12.62
CA ASP H 153 29.34 -9.19 14.00
C ASP H 153 30.35 -8.25 14.65
N MET H 154 30.04 -7.83 15.88
CA MET H 154 30.88 -6.86 16.57
C MET H 154 30.80 -7.08 18.08
N TRP H 155 31.95 -7.04 18.73
CA TRP H 155 32.06 -7.28 20.16
C TRP H 155 32.92 -6.18 20.79
N THR H 156 32.70 -5.94 22.08
CA THR H 156 33.50 -5.01 22.85
C THR H 156 34.10 -5.70 24.06
N ILE H 157 35.20 -5.14 24.56
CA ILE H 157 35.83 -5.62 25.78
C ILE H 157 36.46 -4.43 26.49
N GLY H 158 36.13 -4.26 27.76
CA GLY H 158 36.72 -3.18 28.55
C GLY H 158 38.19 -3.43 28.82
N LEU H 159 39.02 -2.41 28.61
CA LEU H 159 40.46 -2.50 28.84
C LEU H 159 40.86 -1.77 30.10
N GLN H 160 39.91 -1.57 31.02
CA GLN H 160 40.08 -0.81 32.25
C GLN H 160 40.44 -1.72 33.42
N ASP H 161 39.87 -2.92 33.49
CA ASP H 161 40.12 -3.82 34.61
C ASP H 161 40.35 -5.22 34.06
N ARG H 162 41.61 -5.66 34.11
CA ARG H 162 41.98 -6.97 33.60
C ARG H 162 41.21 -8.10 34.28
N GLU H 163 41.04 -8.00 35.61
CA GLU H 163 40.52 -9.12 36.37
C GLU H 163 39.01 -9.27 36.25
N LEU H 164 38.29 -8.17 36.06
CA LEU H 164 36.83 -8.13 36.17
C LEU H 164 36.24 -7.54 34.89
N THR H 165 36.33 -8.30 33.79
CA THR H 165 35.78 -7.87 32.52
C THR H 165 35.52 -9.09 31.66
N CYS H 166 34.58 -8.93 30.71
CA CYS H 166 34.20 -10.00 29.80
C CYS H 166 33.66 -9.40 28.52
N TRP H 167 33.47 -10.27 27.52
CA TRP H 167 33.01 -9.86 26.21
C TRP H 167 31.50 -9.69 26.14
N GLU H 168 31.06 -8.74 25.31
CA GLU H 168 29.65 -8.46 25.07
C GLU H 168 29.45 -8.22 23.58
N GLU H 169 28.51 -8.93 22.97
CA GLU H 169 28.22 -8.74 21.56
C GLU H 169 27.33 -7.52 21.35
N VAL H 170 27.68 -6.73 20.34
CA VAL H 170 26.99 -5.47 20.05
C VAL H 170 25.79 -5.76 19.16
N ALA H 171 24.61 -5.32 19.62
CA ALA H 171 23.40 -5.37 18.81
C ALA H 171 23.46 -4.26 17.78
N GLN H 172 24.04 -4.57 16.63
CA GLN H 172 24.24 -3.57 15.58
C GLN H 172 22.93 -3.24 14.89
N SER H 173 22.84 -2.00 14.39
CA SER H 173 21.69 -1.53 13.66
C SER H 173 22.17 -0.76 12.43
N GLY H 174 21.24 -0.43 11.54
CA GLY H 174 21.58 0.27 10.33
C GLY H 174 22.08 -0.66 9.23
N GLU H 175 22.76 -0.06 8.26
CA GLU H 175 23.28 -0.78 7.11
C GLU H 175 24.64 -1.39 7.47
N ILE H 176 24.58 -2.53 8.16
CA ILE H 176 25.80 -3.26 8.51
C ILE H 176 26.56 -3.60 7.24
N PRO H 177 27.87 -3.35 7.17
CA PRO H 177 28.61 -3.68 5.96
C PRO H 177 28.51 -5.17 5.67
N PRO H 178 28.49 -5.55 4.39
CA PRO H 178 28.49 -6.98 4.06
C PRO H 178 29.70 -7.67 4.67
N SER H 179 29.51 -8.94 5.01
CA SER H 179 30.55 -9.74 5.66
C SER H 179 31.89 -9.54 4.96
N CYS H 180 32.87 -9.06 5.73
CA CYS H 180 34.13 -8.59 5.15
C CYS H 180 35.29 -9.06 6.02
N CYS H 181 36.47 -9.07 5.41
CA CYS H 181 37.72 -9.28 6.11
C CYS H 181 38.82 -8.57 5.34
N ASN H 182 39.96 -8.37 6.01
CA ASN H 182 41.10 -7.69 5.42
C ASN H 182 40.73 -6.26 5.01
N PHE H 183 40.38 -5.46 6.02
CA PHE H 183 39.99 -4.07 5.84
C PHE H 183 40.55 -3.25 6.98
N PRO H 184 40.87 -1.98 6.74
CA PRO H 184 41.35 -1.10 7.80
C PRO H 184 40.21 -0.36 8.50
N VAL H 185 40.51 0.12 9.71
CA VAL H 185 39.54 0.81 10.55
C VAL H 185 40.19 2.07 11.11
N ALA H 186 39.47 3.18 11.03
CA ALA H 186 39.92 4.44 11.60
C ALA H 186 38.74 5.11 12.30
N VAL H 187 39.03 5.75 13.43
CA VAL H 187 38.04 6.51 14.18
C VAL H 187 38.26 8.00 13.90
N CYS H 188 37.20 8.68 13.48
CA CYS H 188 37.25 10.11 13.28
C CYS H 188 35.90 10.68 13.69
N ARG H 189 35.91 11.94 14.14
CA ARG H 189 34.78 12.51 14.88
C ARG H 189 34.50 11.56 16.04
N ASP H 190 33.27 11.10 16.23
CA ASP H 190 32.95 10.07 17.22
C ASP H 190 32.34 8.86 16.52
N LYS H 191 32.89 8.54 15.35
CA LYS H 191 32.39 7.46 14.51
C LYS H 191 33.53 6.55 14.08
N MET H 192 33.20 5.30 13.83
CA MET H 192 34.14 4.34 13.27
C MET H 192 33.89 4.21 11.78
N PHE H 193 34.96 4.20 10.99
CA PHE H 193 34.86 4.22 9.54
C PHE H 193 35.48 2.97 8.96
N VAL H 194 34.83 2.42 7.94
CA VAL H 194 35.28 1.22 7.26
C VAL H 194 35.15 1.47 5.75
N PHE H 195 36.23 1.22 5.02
CA PHE H 195 36.28 1.42 3.58
C PHE H 195 36.64 0.12 2.89
N SER H 196 35.77 -0.32 1.97
CA SER H 196 36.02 -1.47 1.10
C SER H 196 36.42 -2.70 1.90
N GLY H 197 37.33 -3.49 1.36
CA GLY H 197 37.73 -4.76 1.95
C GLY H 197 37.33 -5.92 1.08
N GLN H 198 37.65 -7.12 1.56
CA GLN H 198 37.31 -8.36 0.88
C GLN H 198 35.92 -8.79 1.32
N SER H 199 34.93 -8.63 0.43
CA SER H 199 33.55 -8.96 0.77
C SER H 199 32.93 -9.93 -0.23
N GLY H 200 33.74 -10.70 -0.95
CA GLY H 200 33.20 -11.71 -1.84
C GLY H 200 32.45 -11.07 -2.99
N ALA H 201 31.24 -11.56 -3.27
CA ALA H 201 30.45 -11.00 -4.35
C ALA H 201 30.01 -9.58 -4.07
N LYS H 202 29.95 -9.17 -2.81
CA LYS H 202 29.56 -7.82 -2.41
C LYS H 202 30.74 -6.89 -2.22
N ILE H 203 31.86 -7.15 -2.88
CA ILE H 203 33.03 -6.29 -2.75
C ILE H 203 32.77 -4.99 -3.51
N THR H 204 32.90 -3.87 -2.81
CA THR H 204 32.62 -2.55 -3.38
C THR H 204 33.62 -1.56 -2.78
N ASN H 205 33.49 -0.31 -3.17
CA ASN H 205 34.27 0.77 -2.59
C ASN H 205 33.40 1.68 -1.73
N ASN H 206 32.35 1.12 -1.13
CA ASN H 206 31.52 1.89 -0.23
C ASN H 206 32.26 2.17 1.07
N LEU H 207 31.97 3.32 1.66
CA LEU H 207 32.53 3.70 2.94
C LEU H 207 31.40 3.66 3.97
N PHE H 208 31.62 2.90 5.04
CA PHE H 208 30.63 2.71 6.09
C PHE H 208 31.05 3.48 7.33
N GLN H 209 30.06 3.97 8.06
CA GLN H 209 30.28 4.81 9.23
C GLN H 209 29.47 4.25 10.38
N PHE H 210 30.14 4.03 11.51
CA PHE H 210 29.53 3.39 12.68
C PHE H 210 29.53 4.38 13.83
N GLU H 211 28.35 4.88 14.18
CA GLU H 211 28.22 5.78 15.32
C GLU H 211 28.16 4.95 16.61
N PHE H 212 29.13 5.16 17.50
CA PHE H 212 29.25 4.33 18.69
C PHE H 212 28.05 4.46 19.62
N LYS H 213 27.43 5.65 19.67
CA LYS H 213 26.40 5.90 20.67
C LYS H 213 25.19 4.98 20.48
N ASP H 214 24.60 5.00 19.29
CA ASP H 214 23.39 4.25 19.00
C ASP H 214 23.65 2.93 18.29
N LYS H 215 24.91 2.56 18.08
CA LYS H 215 25.28 1.29 17.45
C LYS H 215 24.61 1.14 16.08
N THR H 216 24.77 2.15 15.23
CA THR H 216 24.13 2.17 13.93
C THR H 216 25.15 2.41 12.82
N TRP H 217 25.02 1.66 11.73
CA TRP H 217 25.86 1.75 10.55
C TRP H 217 25.20 2.63 9.48
N THR H 218 26.05 3.31 8.71
CA THR H 218 25.60 4.18 7.62
C THR H 218 26.60 4.16 6.46
N ARG H 219 26.10 3.85 5.27
CA ARG H 219 26.91 3.95 4.06
C ARG H 219 27.00 5.42 3.68
N ILE H 220 28.21 5.87 3.35
CA ILE H 220 28.39 7.27 2.94
C ILE H 220 27.95 7.42 1.50
N PRO H 221 26.99 8.30 1.20
CA PRO H 221 26.53 8.44 -0.19
C PRO H 221 27.62 9.01 -1.09
N THR H 222 27.69 8.47 -2.30
CA THR H 222 28.63 8.94 -3.31
C THR H 222 28.03 10.02 -4.20
N GLU H 223 26.99 10.72 -3.72
CA GLU H 223 26.30 11.72 -4.52
C GLU H 223 27.19 12.90 -4.89
N HIS H 224 28.36 13.04 -4.26
CA HIS H 224 29.26 14.13 -4.61
C HIS H 224 29.73 14.01 -6.05
N LEU H 225 29.87 12.78 -6.56
CA LEU H 225 30.22 12.58 -7.96
C LEU H 225 29.17 13.19 -8.87
N LEU H 226 27.90 13.10 -8.47
CA LEU H 226 26.83 13.74 -9.22
C LEU H 226 26.89 15.26 -9.15
N ARG H 227 27.58 15.80 -8.15
CA ARG H 227 27.80 17.24 -8.01
C ARG H 227 29.20 17.66 -8.43
N GLY H 228 29.87 16.85 -9.26
CA GLY H 228 31.21 17.17 -9.72
C GLY H 228 32.26 17.09 -8.63
N SER H 229 32.60 15.87 -8.21
CA SER H 229 33.59 15.65 -7.16
C SER H 229 34.37 14.39 -7.49
N PRO H 230 35.63 14.30 -7.05
CA PRO H 230 36.42 13.09 -7.30
C PRO H 230 35.74 11.84 -6.76
N PRO H 231 35.89 10.72 -7.45
CA PRO H 231 35.21 9.49 -7.05
C PRO H 231 35.89 8.85 -5.86
N PRO H 232 35.23 7.93 -5.17
CA PRO H 232 35.89 7.20 -4.07
C PRO H 232 36.99 6.31 -4.61
N PRO H 233 37.93 5.90 -3.76
CA PRO H 233 39.04 5.05 -4.23
C PRO H 233 38.56 3.70 -4.72
N GLN H 234 39.41 3.09 -5.56
CA GLN H 234 39.10 1.77 -6.11
C GLN H 234 38.88 0.77 -5.00
N ARG H 235 37.93 -0.15 -5.22
CA ARG H 235 37.73 -1.25 -4.29
C ARG H 235 39.03 -2.03 -4.13
N ARG H 236 39.34 -2.38 -2.88
CA ARG H 236 40.64 -2.96 -2.57
C ARG H 236 40.53 -3.72 -1.26
N TYR H 237 41.58 -4.50 -0.96
CA TYR H 237 41.69 -5.20 0.30
C TYR H 237 43.14 -5.21 0.73
N GLY H 238 43.35 -5.35 2.05
CA GLY H 238 44.69 -5.31 2.58
C GLY H 238 45.29 -3.93 2.65
N HIS H 239 44.47 -2.89 2.55
CA HIS H 239 44.91 -1.51 2.60
C HIS H 239 44.87 -0.98 4.03
N THR H 240 45.47 0.20 4.22
CA THR H 240 45.49 0.88 5.50
C THR H 240 44.68 2.17 5.44
N MET H 241 44.19 2.59 6.60
CA MET H 241 43.44 3.84 6.71
C MET H 241 43.71 4.45 8.08
N VAL H 242 44.13 5.72 8.08
CA VAL H 242 44.39 6.46 9.30
C VAL H 242 43.59 7.75 9.27
N ALA H 243 43.33 8.29 10.46
CA ALA H 243 42.58 9.53 10.63
C ALA H 243 43.51 10.63 11.10
N PHE H 244 43.34 11.82 10.52
CA PHE H 244 44.09 13.00 10.94
C PHE H 244 43.33 14.24 10.52
N ASP H 245 43.04 15.12 11.48
CA ASP H 245 42.40 16.41 11.24
C ASP H 245 41.13 16.26 10.41
N ARG H 246 40.17 15.53 10.96
CA ARG H 246 38.85 15.35 10.37
C ARG H 246 38.93 14.83 8.94
N HIS H 247 39.93 13.99 8.66
CA HIS H 247 40.14 13.41 7.34
C HIS H 247 40.60 11.97 7.50
N LEU H 248 40.27 11.15 6.51
CA LEU H 248 40.70 9.75 6.46
C LEU H 248 41.65 9.58 5.28
N TYR H 249 42.78 8.93 5.53
CA TYR H 249 43.80 8.72 4.50
C TYR H 249 43.91 7.23 4.21
N VAL H 250 43.62 6.84 2.97
CA VAL H 250 43.66 5.45 2.53
C VAL H 250 44.85 5.25 1.61
N PHE H 251 45.62 4.18 1.85
CA PHE H 251 46.81 3.88 1.07
C PHE H 251 46.95 2.39 0.82
N GLY H 252 47.40 2.04 -0.38
CA GLY H 252 47.83 0.67 -0.66
C GLY H 252 46.68 -0.30 -0.86
N GLY H 253 47.01 -1.58 -0.63
CA GLY H 253 46.07 -2.65 -0.83
C GLY H 253 46.06 -3.17 -2.26
N ALA H 254 45.46 -4.34 -2.41
CA ALA H 254 45.31 -4.96 -3.73
C ALA H 254 43.96 -4.55 -4.31
N ALA H 255 43.99 -3.83 -5.43
CA ALA H 255 42.79 -3.29 -6.06
C ALA H 255 42.74 -3.84 -7.48
N ASP H 256 41.86 -4.82 -7.69
CA ASP H 256 41.67 -5.44 -9.00
C ASP H 256 42.99 -5.99 -9.54
N ASN H 257 43.67 -6.78 -8.70
CA ASN H 257 44.92 -7.45 -9.03
C ASN H 257 46.04 -6.47 -9.34
N THR H 258 45.94 -5.24 -8.81
CA THR H 258 46.98 -4.24 -8.93
C THR H 258 47.29 -3.67 -7.56
N LEU H 259 48.36 -2.89 -7.48
CA LEU H 259 48.81 -2.28 -6.22
C LEU H 259 48.96 -0.78 -6.42
N PRO H 260 47.86 -0.04 -6.48
CA PRO H 260 47.94 1.42 -6.66
C PRO H 260 48.62 2.07 -5.47
N ASN H 261 49.41 3.11 -5.75
CA ASN H 261 50.15 3.82 -4.71
C ASN H 261 49.64 5.24 -4.47
N GLU H 262 48.46 5.57 -4.98
CA GLU H 262 47.91 6.90 -4.72
C GLU H 262 47.44 6.99 -3.27
N LEU H 263 47.47 8.20 -2.73
CA LEU H 263 47.02 8.47 -1.37
C LEU H 263 45.66 9.17 -1.45
N HIS H 264 44.63 8.49 -0.98
CA HIS H 264 43.27 9.01 -1.01
C HIS H 264 42.91 9.63 0.34
N CYS H 265 42.12 10.70 0.29
CA CYS H 265 41.74 11.44 1.49
C CYS H 265 40.24 11.69 1.47
N TYR H 266 39.58 11.40 2.59
CA TYR H 266 38.14 11.54 2.74
C TYR H 266 37.87 12.59 3.81
N ASP H 267 37.27 13.71 3.40
CA ASP H 267 36.85 14.74 4.33
C ASP H 267 35.63 14.24 5.10
N VAL H 268 35.82 14.02 6.41
CA VAL H 268 34.74 13.44 7.22
C VAL H 268 33.58 14.43 7.33
N ASP H 269 33.87 15.72 7.48
CA ASP H 269 32.81 16.69 7.71
C ASP H 269 31.97 16.90 6.45
N PHE H 270 32.61 17.04 5.30
CA PHE H 270 31.90 17.31 4.05
C PHE H 270 31.64 16.05 3.23
N GLN H 271 32.13 14.89 3.66
CA GLN H 271 31.88 13.61 2.99
C GLN H 271 32.29 13.66 1.52
N THR H 272 33.54 14.07 1.30
CA THR H 272 34.11 14.25 -0.04
C THR H 272 35.43 13.49 -0.13
N TRP H 273 35.71 12.93 -1.30
CA TRP H 273 36.97 12.23 -1.55
C TRP H 273 37.92 13.10 -2.38
N GLU H 274 39.21 12.81 -2.24
CA GLU H 274 40.25 13.51 -2.99
C GLU H 274 41.50 12.64 -3.01
N VAL H 275 42.34 12.86 -4.03
CA VAL H 275 43.63 12.20 -4.16
C VAL H 275 44.73 13.20 -3.85
N VAL H 276 45.53 12.90 -2.83
CA VAL H 276 46.57 13.83 -2.41
C VAL H 276 47.69 13.86 -3.44
N GLN H 277 48.22 15.05 -3.69
CA GLN H 277 49.23 15.25 -4.72
C GLN H 277 50.60 15.32 -4.09
N PRO H 278 51.54 14.45 -4.45
CA PRO H 278 52.86 14.50 -3.79
C PRO H 278 53.75 15.55 -4.40
N SER H 279 54.52 16.20 -3.53
CA SER H 279 55.43 17.26 -3.93
C SER H 279 56.54 16.72 -4.84
N SER H 280 57.25 17.65 -5.47
CA SER H 280 58.38 17.25 -6.31
C SER H 280 59.45 16.59 -5.46
N ASP H 281 59.52 16.95 -4.18
CA ASP H 281 60.47 16.39 -3.22
C ASP H 281 59.91 15.14 -2.54
N SER H 282 59.01 14.43 -3.21
CA SER H 282 58.44 13.22 -2.65
C SER H 282 59.21 12.00 -3.13
N GLU H 283 59.38 11.03 -2.23
CA GLU H 283 59.97 9.74 -2.54
C GLU H 283 58.85 8.68 -2.59
N LEU H 284 58.31 8.50 -3.79
CA LEU H 284 57.11 7.71 -4.00
C LEU H 284 57.29 6.26 -3.57
N PRO H 285 56.49 5.77 -2.62
CA PRO H 285 56.55 4.36 -2.25
C PRO H 285 55.91 3.48 -3.31
N SER H 286 56.49 2.30 -3.51
CA SER H 286 55.93 1.35 -4.47
C SER H 286 54.63 0.76 -3.94
N GLY H 287 53.80 0.31 -4.87
CA GLY H 287 52.56 -0.37 -4.51
C GLY H 287 52.74 -1.57 -3.61
N ARG H 288 51.93 -1.66 -2.56
CA ARG H 288 52.07 -2.73 -1.58
C ARG H 288 50.72 -3.04 -0.95
N LEU H 289 50.63 -4.21 -0.32
CA LEU H 289 49.44 -4.60 0.44
C LEU H 289 49.88 -5.33 1.70
N PHE H 290 48.93 -5.46 2.64
CA PHE H 290 49.17 -6.09 3.95
C PHE H 290 50.26 -5.36 4.73
N HIS H 291 50.45 -4.08 4.44
CA HIS H 291 51.32 -3.22 5.23
C HIS H 291 50.58 -2.76 6.49
N ALA H 292 51.09 -1.70 7.14
CA ALA H 292 50.46 -1.17 8.34
C ALA H 292 50.83 0.29 8.48
N ALA H 293 49.92 1.06 9.08
CA ALA H 293 50.05 2.51 9.13
C ALA H 293 49.77 3.06 10.51
N ALA H 294 50.45 4.15 10.83
CA ALA H 294 50.17 4.93 12.04
C ALA H 294 50.51 6.38 11.74
N VAL H 295 50.07 7.28 12.62
CA VAL H 295 50.25 8.71 12.44
C VAL H 295 50.92 9.25 13.69
N ILE H 296 51.95 10.07 13.51
CA ILE H 296 52.65 10.72 14.61
C ILE H 296 52.81 12.19 14.27
N SER H 297 52.34 13.05 15.16
CA SER H 297 52.28 14.50 14.94
C SER H 297 51.53 14.72 13.63
N ASP H 298 52.06 15.48 12.67
CA ASP H 298 51.35 15.70 11.42
C ASP H 298 51.98 14.94 10.26
N ALA H 299 52.23 13.64 10.45
CA ALA H 299 52.83 12.83 9.40
C ALA H 299 52.39 11.38 9.54
N MET H 300 52.16 10.73 8.40
CA MET H 300 51.83 9.31 8.36
C MET H 300 53.06 8.50 8.01
N TYR H 301 53.14 7.29 8.56
CA TYR H 301 54.28 6.41 8.35
C TYR H 301 53.79 5.03 7.92
N ILE H 302 54.32 4.55 6.80
CA ILE H 302 53.98 3.24 6.23
C ILE H 302 55.19 2.33 6.38
N PHE H 303 54.96 1.12 6.90
CA PHE H 303 56.03 0.15 7.06
C PHE H 303 55.63 -1.21 6.51
N GLY H 304 56.58 -1.87 5.86
CA GLY H 304 56.44 -3.26 5.48
C GLY H 304 55.42 -3.49 4.37
N GLY H 305 54.91 -4.72 4.36
CA GLY H 305 53.92 -5.13 3.38
C GLY H 305 54.53 -6.08 2.35
N THR H 306 53.72 -6.38 1.34
CA THR H 306 54.13 -7.21 0.21
C THR H 306 54.03 -6.37 -1.04
N VAL H 307 55.15 -6.19 -1.73
CA VAL H 307 55.16 -5.43 -2.97
C VAL H 307 54.93 -6.40 -4.12
N ASP H 308 55.08 -5.92 -5.34
CA ASP H 308 54.80 -6.74 -6.52
C ASP H 308 55.69 -7.97 -6.52
N ASN H 309 55.17 -9.05 -7.12
CA ASN H 309 55.86 -10.34 -7.23
C ASN H 309 56.02 -11.02 -5.88
N ASN H 310 55.07 -10.79 -4.96
CA ASN H 310 55.02 -11.45 -3.67
C ASN H 310 56.36 -11.33 -2.92
N ILE H 311 56.89 -10.12 -2.91
CA ILE H 311 58.17 -9.82 -2.26
C ILE H 311 57.87 -9.06 -0.99
N ARG H 312 58.33 -9.60 0.14
CA ARG H 312 58.16 -8.91 1.42
C ARG H 312 59.09 -7.70 1.47
N SER H 313 58.64 -6.67 2.19
CA SER H 313 59.34 -5.40 2.24
C SER H 313 59.64 -5.01 3.67
N GLY H 314 60.75 -4.30 3.85
CA GLY H 314 61.14 -3.74 5.12
C GLY H 314 61.24 -2.23 5.03
N GLU H 315 60.71 -1.68 3.94
CA GLU H 315 60.79 -0.25 3.70
C GLU H 315 59.91 0.51 4.69
N MET H 316 60.34 1.72 5.03
CA MET H 316 59.60 2.61 5.91
C MET H 316 59.48 3.96 5.21
N TYR H 317 58.25 4.39 4.95
CA TYR H 317 57.98 5.64 4.27
C TYR H 317 57.27 6.62 5.19
N ARG H 318 57.49 7.91 4.95
CA ARG H 318 56.87 8.98 5.72
C ARG H 318 56.20 9.97 4.79
N PHE H 319 54.92 10.24 5.01
CA PHE H 319 54.19 11.28 4.31
C PHE H 319 53.86 12.42 5.28
N GLN H 320 54.35 13.61 4.97
CA GLN H 320 54.08 14.80 5.79
C GLN H 320 52.65 15.26 5.54
N PHE H 321 51.80 15.17 6.57
CA PHE H 321 50.40 15.55 6.39
C PHE H 321 50.24 17.06 6.21
N SER H 322 51.17 17.85 6.76
CA SER H 322 51.10 19.31 6.76
C SER H 322 52.25 19.89 7.59
N LEU I 12 82.18 -3.47 4.68
CA LEU I 12 81.75 -2.73 5.86
C LEU I 12 82.52 -3.18 7.09
N PRO I 13 82.93 -2.23 7.93
CA PRO I 13 83.72 -2.59 9.11
C PRO I 13 82.84 -3.11 10.24
N THR I 14 83.34 -4.12 10.95
CA THR I 14 82.66 -4.72 12.08
C THR I 14 83.49 -4.50 13.33
N TYR I 15 82.85 -4.02 14.41
CA TYR I 15 83.52 -3.74 15.67
C TYR I 15 82.96 -4.65 16.75
N LYS I 16 83.79 -5.55 17.26
CA LYS I 16 83.41 -6.46 18.34
C LYS I 16 83.75 -5.80 19.67
N LEU I 17 82.72 -5.42 20.42
CA LEU I 17 82.89 -4.74 21.70
C LEU I 17 82.46 -5.64 22.84
N VAL I 18 83.20 -5.60 23.94
CA VAL I 18 82.92 -6.41 25.12
C VAL I 18 82.74 -5.46 26.30
N VAL I 19 81.63 -5.60 27.01
CA VAL I 19 81.32 -4.76 28.16
C VAL I 19 81.65 -5.56 29.42
N VAL I 20 82.66 -5.10 30.15
CA VAL I 20 83.14 -5.78 31.34
C VAL I 20 83.00 -4.87 32.54
N GLY I 21 82.96 -5.48 33.71
CA GLY I 21 82.80 -4.75 34.95
C GLY I 21 82.26 -5.66 36.03
N ASP I 22 82.33 -5.16 37.26
CA ASP I 22 81.88 -5.93 38.42
C ASP I 22 80.37 -6.19 38.34
N GLY I 23 79.91 -7.12 39.17
CA GLY I 23 78.49 -7.39 39.25
C GLY I 23 77.76 -6.24 39.92
N GLY I 24 76.67 -5.79 39.29
CA GLY I 24 75.85 -4.74 39.84
C GLY I 24 76.24 -3.33 39.43
N VAL I 25 77.36 -3.16 38.73
CA VAL I 25 77.78 -1.82 38.32
C VAL I 25 76.84 -1.25 37.27
N GLY I 26 76.17 -2.10 36.49
CA GLY I 26 75.22 -1.62 35.51
C GLY I 26 75.56 -1.99 34.08
N LYS I 27 76.17 -3.16 33.88
CA LYS I 27 76.55 -3.59 32.53
C LYS I 27 75.31 -3.78 31.65
N SER I 28 74.29 -4.47 32.17
CA SER I 28 73.08 -4.72 31.39
C SER I 28 72.31 -3.44 31.08
N ALA I 29 72.17 -2.56 32.07
CA ALA I 29 71.44 -1.31 31.87
C ALA I 29 72.01 -0.49 30.71
N LEU I 30 73.34 -0.32 30.69
CA LEU I 30 73.96 0.47 29.62
C LEU I 30 73.75 -0.17 28.26
N THR I 31 74.02 -1.48 28.15
CA THR I 31 73.87 -2.16 26.87
C THR I 31 72.44 -2.04 26.34
N ILE I 32 71.45 -2.31 27.20
CA ILE I 32 70.06 -2.25 26.76
C ILE I 32 69.66 -0.83 26.40
N GLN I 33 70.12 0.15 27.18
CA GLN I 33 69.87 1.56 26.84
C GLN I 33 70.48 1.91 25.50
N PHE I 34 71.70 1.46 25.24
CA PHE I 34 72.39 1.82 24.00
C PHE I 34 71.71 1.23 22.78
N PHE I 35 71.28 -0.03 22.86
CA PHE I 35 70.71 -0.72 21.71
C PHE I 35 69.20 -0.60 21.61
N GLN I 36 68.49 -0.65 22.73
CA GLN I 36 67.04 -0.77 22.71
C GLN I 36 66.31 0.48 23.17
N LYS I 37 67.03 1.56 23.50
CA LYS I 37 66.43 2.85 23.81
C LYS I 37 65.42 2.77 24.95
N ILE I 38 65.78 2.04 26.00
CA ILE I 38 64.92 1.90 27.17
C ILE I 38 65.80 1.59 28.37
N PHE I 39 65.45 2.18 29.52
CA PHE I 39 66.11 1.88 30.78
C PHE I 39 65.36 0.71 31.43
N VAL I 40 66.07 -0.38 31.66
CA VAL I 40 65.52 -1.58 32.27
C VAL I 40 66.10 -1.70 33.68
N PRO I 41 65.32 -1.44 34.72
CA PRO I 41 65.86 -1.55 36.08
C PRO I 41 65.90 -3.01 36.52
N ASP I 42 67.00 -3.37 37.17
CA ASP I 42 67.17 -4.70 37.76
C ASP I 42 67.05 -5.79 36.70
N TYR I 43 67.76 -5.61 35.59
CA TYR I 43 67.85 -6.68 34.60
C TYR I 43 68.65 -7.84 35.19
N ASP I 44 68.27 -9.05 34.80
CA ASP I 44 68.84 -10.28 35.34
C ASP I 44 70.37 -10.22 35.35
N PRO I 45 70.99 -10.18 36.53
CA PRO I 45 72.45 -10.04 36.59
C PRO I 45 73.20 -11.19 35.94
N THR I 46 72.56 -12.35 35.77
CA THR I 46 73.23 -13.54 35.26
C THR I 46 73.06 -13.72 33.75
N ILE I 47 72.12 -13.01 33.12
CA ILE I 47 71.91 -13.15 31.69
C ILE I 47 73.13 -12.61 30.95
N GLU I 48 73.64 -13.42 30.02
CA GLU I 48 74.81 -13.07 29.22
C GLU I 48 74.49 -13.32 27.75
N ASP I 49 74.27 -12.25 27.01
CA ASP I 49 73.92 -12.34 25.60
C ASP I 49 74.53 -11.18 24.84
N SER I 50 74.42 -11.23 23.52
CA SER I 50 75.03 -10.24 22.64
C SER I 50 73.96 -9.39 21.96
N TYR I 51 74.37 -8.19 21.55
CA TYR I 51 73.50 -7.23 20.91
C TYR I 51 74.19 -6.74 19.63
N LEU I 52 73.39 -6.35 18.64
CA LEU I 52 73.93 -5.98 17.34
C LEU I 52 73.19 -4.78 16.78
N LYS I 53 73.93 -3.77 16.29
CA LYS I 53 73.35 -2.65 15.57
C LYS I 53 74.25 -2.25 14.42
N HIS I 54 73.67 -1.46 13.50
CA HIS I 54 74.38 -0.86 12.38
C HIS I 54 74.17 0.66 12.47
N THR I 55 75.06 1.33 13.18
CA THR I 55 75.01 2.77 13.37
C THR I 55 76.16 3.44 12.63
N GLU I 56 75.97 4.73 12.33
CA GLU I 56 76.98 5.52 11.64
C GLU I 56 77.64 6.42 12.66
N ILE I 57 78.92 6.18 12.92
CA ILE I 57 79.70 6.92 13.89
C ILE I 57 80.74 7.75 13.15
N ASP I 58 80.74 9.06 13.41
CA ASP I 58 81.65 10.00 12.76
C ASP I 58 81.59 9.88 11.24
N ASN I 59 80.35 9.93 10.72
CA ASN I 59 80.09 9.88 9.28
C ASN I 59 80.68 8.61 8.66
N GLN I 60 80.60 7.50 9.39
CA GLN I 60 81.14 6.24 8.91
C GLN I 60 80.26 5.11 9.44
N TRP I 61 79.53 4.45 8.55
CA TRP I 61 78.69 3.33 8.96
C TRP I 61 79.54 2.21 9.53
N ALA I 62 79.00 1.53 10.54
CA ALA I 62 79.74 0.48 11.23
C ALA I 62 78.77 -0.51 11.84
N ILE I 63 79.21 -1.75 11.95
CA ILE I 63 78.48 -2.80 12.64
C ILE I 63 79.06 -2.92 14.05
N LEU I 64 78.19 -2.89 15.05
CA LEU I 64 78.60 -2.96 16.45
C LEU I 64 78.14 -4.28 17.03
N ASP I 65 79.09 -5.09 17.51
CA ASP I 65 78.82 -6.40 18.09
C ASP I 65 79.19 -6.34 19.57
N VAL I 66 78.21 -6.11 20.43
CA VAL I 66 78.41 -5.90 21.85
C VAL I 66 77.91 -7.12 22.60
N LEU I 67 78.69 -7.57 23.60
CA LEU I 67 78.33 -8.68 24.46
C LEU I 67 78.23 -8.17 25.89
N ASP I 68 77.07 -8.35 26.50
CA ASP I 68 76.88 -8.03 27.92
C ASP I 68 77.41 -9.18 28.76
N THR I 69 78.56 -8.97 29.38
CA THR I 69 79.20 -10.02 30.17
C THR I 69 78.48 -10.21 31.49
N ALA I 70 78.60 -11.41 32.06
CA ALA I 70 77.98 -11.71 33.34
C ALA I 70 78.71 -12.89 33.97
N GLY I 71 78.71 -12.91 35.31
CA GLY I 71 79.34 -13.99 36.03
C GLY I 71 80.84 -13.89 36.17
N GLN I 72 81.36 -14.39 37.30
CA GLN I 72 82.79 -14.38 37.58
C GLN I 72 83.38 -15.78 37.52
N GLU I 73 82.56 -16.81 37.28
CA GLU I 73 83.04 -18.17 37.14
C GLU I 73 83.77 -18.30 35.82
N GLU I 74 84.17 -19.52 35.47
CA GLU I 74 84.91 -19.70 34.23
C GLU I 74 84.02 -19.31 33.05
N PHE I 75 84.65 -18.79 32.01
CA PHE I 75 83.90 -18.20 30.90
C PHE I 75 83.31 -19.29 30.02
N SER I 76 82.05 -19.09 29.63
CA SER I 76 81.44 -19.93 28.61
C SER I 76 82.18 -19.78 27.28
N ALA I 77 81.95 -20.72 26.37
CA ALA I 77 82.56 -20.66 25.05
C ALA I 77 82.24 -19.33 24.37
N MET I 78 81.04 -18.82 24.57
CA MET I 78 80.67 -17.52 24.00
C MET I 78 81.43 -16.40 24.71
N ARG I 79 81.41 -16.40 26.04
CA ARG I 79 82.08 -15.35 26.80
C ARG I 79 83.57 -15.31 26.47
N GLU I 80 84.22 -16.48 26.45
CA GLU I 80 85.65 -16.56 26.20
C GLU I 80 86.03 -15.95 24.85
N GLN I 81 85.40 -16.43 23.77
CA GLN I 81 85.81 -16.01 22.43
C GLN I 81 85.60 -14.52 22.18
N TYR I 82 84.62 -13.92 22.84
CA TYR I 82 84.44 -12.47 22.73
C TYR I 82 85.58 -11.73 23.41
N MET I 83 86.02 -12.22 24.56
CA MET I 83 87.11 -11.59 25.30
C MET I 83 88.44 -11.72 24.58
N ARG I 84 88.57 -12.75 23.72
CA ARG I 84 89.79 -12.96 22.95
C ARG I 84 89.77 -12.26 21.60
N THR I 85 88.61 -12.10 20.98
CA THR I 85 88.51 -11.50 19.66
C THR I 85 87.91 -10.10 19.69
N GLY I 86 87.56 -9.58 20.87
CA GLY I 86 86.96 -8.26 20.93
C GLY I 86 87.94 -7.19 20.47
N ASP I 87 87.41 -6.22 19.71
CA ASP I 87 88.23 -5.12 19.24
C ASP I 87 88.41 -4.04 20.30
N GLY I 88 87.52 -4.00 21.29
CA GLY I 88 87.63 -3.02 22.36
C GLY I 88 86.81 -3.47 23.54
N PHE I 89 87.10 -2.86 24.69
CA PHE I 89 86.49 -3.22 25.95
C PHE I 89 86.05 -1.96 26.67
N LEU I 90 84.91 -2.05 27.35
CA LEU I 90 84.42 -0.99 28.23
C LEU I 90 84.55 -1.51 29.65
N ILE I 91 85.56 -1.00 30.37
CA ILE I 91 85.75 -1.34 31.77
C ILE I 91 84.87 -0.39 32.56
N VAL I 92 83.84 -0.92 33.20
CA VAL I 92 82.78 -0.13 33.80
C VAL I 92 82.81 -0.36 35.31
N TYR I 93 82.77 0.73 36.07
CA TYR I 93 82.58 0.67 37.50
C TYR I 93 81.46 1.62 37.90
N SER I 94 80.91 1.40 39.10
CA SER I 94 79.88 2.24 39.67
C SER I 94 80.51 3.13 40.73
N VAL I 95 80.18 4.42 40.67
CA VAL I 95 80.71 5.42 41.59
C VAL I 95 80.02 5.29 42.94
N THR I 96 79.07 4.36 43.06
CA THR I 96 78.42 4.09 44.33
C THR I 96 78.87 2.80 44.99
N ASP I 97 79.72 2.02 44.33
CA ASP I 97 80.21 0.75 44.87
C ASP I 97 81.73 0.84 44.97
N LYS I 98 82.23 1.12 46.18
CA LYS I 98 83.67 1.26 46.39
C LYS I 98 84.41 -0.03 46.06
N ALA I 99 83.77 -1.19 46.23
CA ALA I 99 84.41 -2.45 45.89
C ALA I 99 84.69 -2.54 44.40
N SER I 100 83.75 -2.08 43.57
CA SER I 100 83.93 -2.11 42.13
C SER I 100 85.12 -1.28 41.67
N PHE I 101 85.39 -0.15 42.34
CA PHE I 101 86.50 0.70 41.93
C PHE I 101 87.85 0.04 42.19
N GLU I 102 88.02 -0.55 43.38
CA GLU I 102 89.27 -1.24 43.67
C GLU I 102 89.48 -2.46 42.77
N HIS I 103 88.41 -2.96 42.16
CA HIS I 103 88.47 -4.13 41.30
C HIS I 103 88.69 -3.77 39.83
N VAL I 104 88.72 -2.48 39.49
CA VAL I 104 88.99 -2.06 38.12
C VAL I 104 90.34 -2.56 37.64
N ASP I 105 91.37 -2.47 38.49
CA ASP I 105 92.70 -2.93 38.12
C ASP I 105 92.72 -4.41 37.76
N ARG I 106 92.01 -5.23 38.54
CA ARG I 106 91.97 -6.67 38.26
C ARG I 106 91.41 -6.97 36.87
N PHE I 107 90.34 -6.29 36.49
CA PHE I 107 89.74 -6.52 35.18
C PHE I 107 90.65 -6.04 34.07
N HIS I 108 91.36 -4.93 34.29
CA HIS I 108 92.33 -4.41 33.34
C HIS I 108 93.36 -5.49 32.98
N GLN I 109 93.94 -6.11 34.01
CA GLN I 109 94.92 -7.18 33.79
C GLN I 109 94.34 -8.34 33.02
N LEU I 110 93.05 -8.65 33.24
CA LEU I 110 92.43 -9.77 32.54
C LEU I 110 92.47 -9.57 31.03
N ILE I 111 92.20 -8.35 30.57
CA ILE I 111 92.21 -8.08 29.14
C ILE I 111 93.62 -8.22 28.58
N LEU I 112 94.60 -7.61 29.26
CA LEU I 112 95.98 -7.68 28.80
C LEU I 112 96.51 -9.11 28.82
N ARG I 113 96.23 -9.85 29.90
CA ARG I 113 96.66 -11.25 29.99
C ARG I 113 96.07 -12.08 28.85
N VAL I 114 94.77 -11.92 28.62
CA VAL I 114 94.12 -12.64 27.53
C VAL I 114 94.68 -12.19 26.18
N LYS I 115 94.70 -10.88 25.94
CA LYS I 115 95.10 -10.35 24.64
C LYS I 115 96.59 -10.49 24.36
N ASP I 116 97.41 -10.76 25.38
CA ASP I 116 98.86 -10.84 25.25
C ASP I 116 99.44 -9.56 24.64
N ARG I 117 99.05 -8.43 25.22
CA ARG I 117 99.50 -7.10 24.83
C ARG I 117 99.75 -6.25 26.06
N GLU I 118 100.60 -5.23 25.87
CA GLU I 118 100.87 -4.24 26.91
C GLU I 118 99.78 -3.18 26.99
N SER I 119 98.99 -3.02 25.93
CA SER I 119 97.90 -2.06 25.90
C SER I 119 96.88 -2.51 24.86
N PHE I 120 95.62 -2.16 25.11
CA PHE I 120 94.52 -2.53 24.23
C PHE I 120 93.48 -1.42 24.23
N PRO I 121 92.76 -1.22 23.12
CA PRO I 121 91.69 -0.23 23.10
C PRO I 121 90.70 -0.43 24.24
N MET I 122 90.68 0.52 25.17
CA MET I 122 89.83 0.42 26.35
C MET I 122 89.44 1.82 26.80
N ILE I 123 88.29 1.92 27.44
CA ILE I 123 87.81 3.18 27.98
C ILE I 123 87.22 2.94 29.37
N LEU I 124 87.68 3.73 30.35
CA LEU I 124 87.11 3.68 31.69
C LEU I 124 85.76 4.40 31.70
N VAL I 125 84.75 3.75 32.29
CA VAL I 125 83.38 4.26 32.29
C VAL I 125 82.92 4.36 33.74
N ALA I 126 82.64 5.57 34.19
CA ALA I 126 82.10 5.81 35.53
C ALA I 126 80.58 5.94 35.41
N ASN I 127 79.86 4.98 35.97
CA ASN I 127 78.42 4.89 35.82
C ASN I 127 77.72 5.20 37.14
N LYS I 128 76.39 5.34 37.05
CA LYS I 128 75.52 5.60 38.21
C LYS I 128 75.84 6.95 38.85
N VAL I 129 76.34 7.90 38.06
CA VAL I 129 76.66 9.24 38.56
C VAL I 129 75.43 9.98 39.06
N ASP I 130 74.24 9.59 38.61
CA ASP I 130 73.02 10.28 39.04
C ASP I 130 72.84 10.24 40.56
N LEU I 131 73.21 9.13 41.20
CA LEU I 131 73.11 9.04 42.65
C LEU I 131 74.24 9.82 43.32
N LEU I 134 74.62 9.27 47.32
CA LEU I 134 75.27 7.99 47.61
C LEU I 134 76.50 7.75 46.75
N ARG I 135 77.01 8.81 46.11
CA ARG I 135 78.21 8.65 45.30
C ARG I 135 79.39 8.38 46.22
N LYS I 136 80.20 7.39 45.86
CA LYS I 136 81.31 6.98 46.71
C LYS I 136 82.67 7.32 46.09
N ILE I 137 82.79 7.15 44.77
CA ILE I 137 84.02 7.45 44.04
C ILE I 137 83.84 8.77 43.31
N THR I 138 84.73 9.72 43.56
CA THR I 138 84.62 11.02 42.92
C THR I 138 85.22 10.97 41.52
N ARG I 139 85.08 12.08 40.80
CA ARG I 139 85.61 12.15 39.43
C ARG I 139 87.12 12.00 39.42
N GLU I 140 87.81 12.82 40.23
CA GLU I 140 89.27 12.73 40.32
C GLU I 140 89.71 11.35 40.81
N GLN I 141 88.94 10.75 41.73
CA GLN I 141 89.24 9.39 42.19
C GLN I 141 89.25 8.42 41.02
N GLY I 142 88.20 8.45 40.21
CA GLY I 142 88.14 7.58 39.04
C GLY I 142 89.14 7.95 37.97
N LYS I 143 89.36 9.27 37.79
CA LYS I 143 90.29 9.75 36.76
C LYS I 143 91.71 9.24 36.98
N GLU I 144 92.12 9.02 38.23
CA GLU I 144 93.45 8.49 38.47
C GLU I 144 93.65 7.12 37.83
N MET I 145 92.66 6.23 37.97
CA MET I 145 92.74 4.93 37.30
C MET I 145 92.89 5.09 35.80
N ALA I 146 92.13 5.99 35.19
CA ALA I 146 92.18 6.19 33.75
C ALA I 146 93.54 6.75 33.33
N THR I 147 94.00 7.82 33.98
CA THR I 147 95.29 8.41 33.65
C THR I 147 96.45 7.47 33.94
N LYS I 148 96.27 6.50 34.84
CA LYS I 148 97.31 5.51 35.09
C LYS I 148 97.41 4.53 33.92
N HIS I 149 96.28 4.11 33.38
CA HIS I 149 96.24 3.07 32.35
C HIS I 149 96.32 3.64 30.94
N ASN I 150 96.48 4.96 30.80
CA ASN I 150 96.57 5.63 29.50
C ASN I 150 95.35 5.30 28.64
N ILE I 151 94.17 5.45 29.25
CA ILE I 151 92.91 5.22 28.55
C ILE I 151 91.91 6.28 28.96
N PRO I 152 90.96 6.59 28.09
CA PRO I 152 90.00 7.67 28.36
C PRO I 152 89.09 7.39 29.54
N TYR I 153 88.44 8.45 30.01
CA TYR I 153 87.53 8.44 31.13
C TYR I 153 86.25 9.16 30.71
N ILE I 154 85.11 8.52 30.93
CA ILE I 154 83.81 9.07 30.59
C ILE I 154 82.86 8.84 31.76
N GLU I 155 82.08 9.87 32.11
CA GLU I 155 81.03 9.75 33.10
C GLU I 155 79.72 9.48 32.40
N THR I 156 79.00 8.45 32.85
CA THR I 156 77.77 8.00 32.20
C THR I 156 76.68 7.75 33.23
N SER I 157 75.44 7.75 32.74
CA SER I 157 74.28 7.32 33.54
C SER I 157 73.28 6.67 32.60
N ALA I 158 72.93 5.41 32.87
CA ALA I 158 71.98 4.69 32.03
C ALA I 158 70.53 4.88 32.45
N LYS I 159 70.29 5.45 33.64
CA LYS I 159 68.93 5.70 34.09
C LYS I 159 68.39 6.95 33.41
N ASP I 160 67.12 6.90 33.01
CA ASP I 160 66.55 8.01 32.27
C ASP I 160 66.58 9.29 33.10
N PRO I 161 67.09 10.40 32.57
CA PRO I 161 67.66 10.59 31.23
C PRO I 161 69.10 10.11 31.11
N PRO I 162 69.42 9.39 30.03
CA PRO I 162 70.76 8.82 29.90
C PRO I 162 71.84 9.87 29.67
N LEU I 163 73.05 9.56 30.12
CA LEU I 163 74.17 10.48 30.06
C LEU I 163 75.35 9.78 29.38
N ASN I 164 75.78 10.28 28.22
CA ASN I 164 76.97 9.80 27.52
C ASN I 164 76.95 8.30 27.23
N VAL I 165 75.77 7.68 27.24
CA VAL I 165 75.68 6.24 26.98
C VAL I 165 76.14 5.94 25.55
N ASP I 166 75.61 6.68 24.58
CA ASP I 166 76.06 6.52 23.20
C ASP I 166 77.53 6.91 23.08
N LYS I 167 77.95 7.95 23.80
CA LYS I 167 79.33 8.42 23.71
C LYS I 167 80.32 7.34 24.13
N ALA I 168 80.01 6.62 25.21
CA ALA I 168 80.92 5.58 25.69
C ALA I 168 81.22 4.56 24.59
N PHE I 169 80.18 4.01 23.98
CA PHE I 169 80.38 3.02 22.92
C PHE I 169 81.04 3.65 21.70
N HIS I 170 80.56 4.81 21.26
CA HIS I 170 81.15 5.46 20.10
C HIS I 170 82.61 5.85 20.36
N ASP I 171 82.90 6.38 21.55
CA ASP I 171 84.28 6.77 21.85
C ASP I 171 85.21 5.56 21.89
N LEU I 172 84.73 4.43 22.44
CA LEU I 172 85.53 3.22 22.40
C LEU I 172 85.83 2.81 20.97
N VAL I 173 84.81 2.89 20.09
CA VAL I 173 85.04 2.65 18.67
C VAL I 173 86.09 3.60 18.14
N ARG I 174 86.02 4.89 18.52
CA ARG I 174 87.03 5.85 18.07
C ARG I 174 88.42 5.44 18.52
N VAL I 175 88.54 4.95 19.77
CA VAL I 175 89.83 4.49 20.27
C VAL I 175 90.33 3.32 19.42
N ILE I 176 89.42 2.40 19.07
CA ILE I 176 89.80 1.24 18.26
C ILE I 176 90.33 1.70 16.91
N ARG I 177 89.70 2.72 16.33
CA ARG I 177 90.09 3.19 15.01
C ARG I 177 91.46 3.86 15.03
N GLN I 178 91.86 4.40 16.19
CA GLN I 178 93.12 5.10 16.32
C GLN I 178 94.22 4.22 16.92
N GLY J 1 80.83 -51.62 49.78
CA GLY J 1 80.34 -50.58 48.90
C GLY J 1 79.03 -49.97 49.33
N THR J 2 79.09 -49.03 50.26
CA THR J 2 77.90 -48.35 50.75
C THR J 2 77.18 -47.65 49.60
N VAL J 3 75.86 -47.82 49.55
CA VAL J 3 75.06 -47.21 48.49
C VAL J 3 74.94 -45.72 48.76
N HIS J 4 74.82 -44.95 47.68
CA HIS J 4 74.71 -43.50 47.75
C HIS J 4 75.85 -42.90 48.59
N ARG J 5 77.08 -43.33 48.27
CA ARG J 5 78.26 -42.92 49.02
C ARG J 5 79.32 -42.38 48.06
N TRP J 6 79.76 -41.16 48.31
CA TRP J 6 80.93 -40.63 47.62
C TRP J 6 82.21 -41.24 48.16
N ARG J 7 83.18 -41.46 47.28
CA ARG J 7 84.49 -41.99 47.65
C ARG J 7 85.55 -41.22 46.88
N ARG J 8 86.51 -40.66 47.61
CA ARG J 8 87.60 -39.90 47.00
C ARG J 8 88.66 -40.88 46.51
N LEU J 9 88.61 -41.21 45.23
CA LEU J 9 89.57 -42.12 44.62
C LEU J 9 90.88 -41.40 44.33
N PRO J 10 91.97 -42.13 44.08
CA PRO J 10 93.28 -41.49 43.86
C PRO J 10 93.23 -40.52 42.68
N PRO J 11 93.69 -39.29 42.89
CA PRO J 11 93.67 -38.29 41.81
C PRO J 11 94.78 -38.56 40.79
N CYS J 12 94.64 -37.90 39.64
CA CYS J 12 95.64 -38.03 38.59
C CYS J 12 96.95 -37.37 39.02
N ASP J 13 98.00 -38.17 39.13
CA ASP J 13 99.31 -37.67 39.54
C ASP J 13 99.84 -36.67 38.53
N GLU J 14 100.66 -35.73 39.03
CA GLU J 14 101.16 -34.66 38.17
C GLU J 14 102.07 -35.20 37.06
N PHE J 15 102.78 -36.30 37.33
CA PHE J 15 103.66 -36.88 36.31
C PHE J 15 102.92 -37.71 35.28
N VAL J 16 101.66 -38.05 35.54
CA VAL J 16 100.83 -38.75 34.56
C VAL J 16 100.16 -37.76 33.61
N GLY J 17 99.52 -36.74 34.16
CA GLY J 17 98.85 -35.73 33.38
C GLY J 17 98.49 -34.53 34.23
N ALA J 18 98.38 -33.37 33.60
CA ALA J 18 98.12 -32.13 34.33
C ALA J 18 96.65 -32.03 34.72
N ARG J 19 96.40 -31.46 35.90
CA ARG J 19 95.04 -31.15 36.32
C ARG J 19 94.41 -30.18 35.32
N ARG J 20 93.14 -30.41 35.00
CA ARG J 20 92.56 -29.80 33.82
C ARG J 20 91.05 -29.61 34.01
N SER J 21 90.49 -28.78 33.14
CA SER J 21 89.04 -28.62 33.04
C SER J 21 88.69 -28.60 31.56
N LYS J 22 87.37 -28.57 31.28
CA LYS J 22 86.84 -28.55 29.91
C LYS J 22 87.27 -29.77 29.10
N HIS J 23 87.64 -30.85 29.78
CA HIS J 23 88.05 -32.09 29.14
C HIS J 23 86.84 -32.96 28.85
N THR J 24 87.09 -34.16 28.31
CA THR J 24 86.06 -35.15 28.04
C THR J 24 86.43 -36.48 28.69
N VAL J 25 85.43 -37.15 29.27
CA VAL J 25 85.61 -38.44 29.93
C VAL J 25 84.70 -39.45 29.26
N VAL J 26 85.25 -40.62 28.92
CA VAL J 26 84.51 -41.71 28.29
C VAL J 26 84.85 -43.02 28.97
N ALA J 27 83.82 -43.86 29.17
CA ALA J 27 83.98 -45.18 29.78
C ALA J 27 84.10 -46.25 28.70
N TYR J 28 85.06 -47.16 28.89
CA TYR J 28 85.26 -48.30 27.99
C TYR J 28 85.85 -49.44 28.79
N LYS J 29 85.27 -50.64 28.63
CA LYS J 29 85.66 -51.82 29.44
C LYS J 29 85.48 -51.40 30.90
N ASP J 30 86.50 -51.55 31.74
CA ASP J 30 86.46 -51.14 33.13
C ASP J 30 87.43 -49.99 33.38
N ALA J 31 87.56 -49.09 32.41
CA ALA J 31 88.50 -48.00 32.48
C ALA J 31 87.83 -46.71 31.99
N ILE J 32 88.28 -45.60 32.53
CA ILE J 32 87.81 -44.27 32.17
C ILE J 32 88.92 -43.55 31.43
N TYR J 33 88.61 -42.98 30.27
CA TYR J 33 89.59 -42.33 29.41
C TYR J 33 89.35 -40.83 29.38
N VAL J 34 90.36 -40.06 29.80
CA VAL J 34 90.30 -38.61 29.83
C VAL J 34 91.11 -38.08 28.65
N PHE J 35 90.50 -37.18 27.87
CA PHE J 35 91.17 -36.58 26.73
C PHE J 35 90.97 -35.07 26.73
N GLY J 36 92.00 -34.36 26.27
CA GLY J 36 91.94 -32.92 26.12
C GLY J 36 91.84 -32.18 27.45
N GLY J 37 91.65 -30.87 27.34
CA GLY J 37 91.39 -30.02 28.47
C GLY J 37 92.28 -28.79 28.46
N ASP J 38 92.24 -28.04 29.56
CA ASP J 38 92.98 -26.80 29.72
C ASP J 38 93.66 -26.84 31.08
N ASN J 39 94.99 -26.79 31.08
CA ASN J 39 95.78 -26.86 32.31
C ASN J 39 95.97 -25.50 32.98
N GLY J 40 95.36 -24.45 32.45
CA GLY J 40 95.53 -23.10 32.96
C GLY J 40 96.46 -22.23 32.15
N LYS J 41 97.28 -22.84 31.30
CA LYS J 41 98.24 -22.10 30.47
C LYS J 41 98.16 -22.47 29.00
N THR J 42 97.90 -23.74 28.67
CA THR J 42 97.86 -24.16 27.28
C THR J 42 96.80 -25.24 27.14
N MET J 43 96.46 -25.54 25.89
CA MET J 43 95.57 -26.64 25.59
C MET J 43 96.28 -27.99 25.70
N LEU J 44 95.50 -29.06 25.80
CA LEU J 44 96.03 -30.40 26.01
C LEU J 44 95.41 -31.36 25.01
N ASN J 45 96.16 -32.44 24.69
CA ASN J 45 95.59 -33.52 23.89
C ASN J 45 96.16 -34.89 24.28
N ASP J 46 96.57 -35.04 25.54
CA ASP J 46 97.00 -36.34 26.03
C ASP J 46 95.79 -37.20 26.39
N LEU J 47 96.03 -38.49 26.56
CA LEU J 47 94.97 -39.45 26.88
C LEU J 47 95.35 -40.23 28.12
N LEU J 48 94.56 -40.09 29.18
CA LEU J 48 94.78 -40.78 30.44
C LEU J 48 93.80 -41.93 30.61
N ARG J 49 94.17 -42.87 31.47
CA ARG J 49 93.37 -44.07 31.73
C ARG J 49 93.31 -44.36 33.22
N PHE J 50 92.09 -44.42 33.76
CA PHE J 50 91.85 -44.82 35.15
C PHE J 50 91.30 -46.23 35.14
N ASP J 51 92.13 -47.20 35.54
CA ASP J 51 91.67 -48.58 35.69
C ASP J 51 90.81 -48.68 36.95
N VAL J 52 89.52 -48.95 36.77
CA VAL J 52 88.59 -48.90 37.88
C VAL J 52 88.88 -49.99 38.92
N LYS J 53 89.36 -51.15 38.48
CA LYS J 53 89.49 -52.28 39.39
C LYS J 53 90.53 -52.03 40.48
N ASP J 54 91.67 -51.44 40.12
CA ASP J 54 92.73 -51.19 41.10
C ASP J 54 93.04 -49.72 41.30
N CYS J 55 92.27 -48.81 40.67
CA CYS J 55 92.39 -47.37 40.91
C CYS J 55 93.81 -46.89 40.57
N SER J 56 94.26 -47.21 39.36
CA SER J 56 95.60 -46.87 38.91
C SER J 56 95.53 -45.97 37.68
N TRP J 57 96.24 -44.85 37.74
CA TRP J 57 96.33 -43.93 36.63
C TRP J 57 97.52 -44.28 35.73
N CYS J 58 97.42 -43.89 34.47
CA CYS J 58 98.50 -44.04 33.51
C CYS J 58 98.14 -43.25 32.26
N ARG J 59 99.17 -42.89 31.50
CA ARG J 59 98.97 -42.32 30.18
C ARG J 59 98.55 -43.43 29.23
N ALA J 60 97.41 -43.26 28.56
CA ALA J 60 96.95 -44.28 27.63
C ALA J 60 97.91 -44.39 26.45
N PHE J 61 98.04 -45.62 25.94
CA PHE J 61 98.90 -45.86 24.79
C PHE J 61 98.28 -45.23 23.54
N THR J 62 99.05 -44.38 22.87
CA THR J 62 98.62 -43.72 21.64
C THR J 62 99.71 -43.85 20.58
N THR J 63 99.29 -44.22 19.37
CA THR J 63 100.15 -44.14 18.20
C THR J 63 99.41 -43.35 17.12
N GLY J 64 100.17 -42.76 16.22
CA GLY J 64 99.61 -41.85 15.26
C GLY J 64 99.38 -40.47 15.84
N THR J 65 99.27 -39.49 14.96
CA THR J 65 99.14 -38.10 15.39
C THR J 65 97.79 -37.86 16.05
N PRO J 66 97.76 -37.42 17.31
CA PRO J 66 96.48 -37.22 18.00
C PRO J 66 95.83 -35.94 17.53
N PRO J 67 94.59 -35.67 17.97
CA PRO J 67 93.96 -34.39 17.61
C PRO J 67 94.74 -33.22 18.20
N ALA J 68 94.59 -32.05 17.57
CA ALA J 68 95.24 -30.85 18.07
C ALA J 68 94.77 -30.57 19.49
N PRO J 69 95.64 -30.07 20.35
CA PRO J 69 95.22 -29.74 21.73
C PRO J 69 94.02 -28.82 21.73
N ARG J 70 92.99 -29.22 22.47
CA ARG J 70 91.70 -28.55 22.40
C ARG J 70 90.95 -28.77 23.70
N TYR J 71 89.91 -27.97 23.89
CA TYR J 71 88.95 -28.18 24.96
C TYR J 71 87.56 -27.83 24.43
N HIS J 72 86.55 -28.02 25.27
CA HIS J 72 85.15 -27.86 24.89
C HIS J 72 84.77 -28.79 23.73
N HIS J 73 85.48 -29.90 23.58
CA HIS J 73 85.16 -30.90 22.59
C HIS J 73 84.17 -31.91 23.18
N SER J 74 83.77 -32.87 22.36
CA SER J 74 82.89 -33.95 22.76
C SER J 74 83.58 -35.28 22.53
N ALA J 75 83.23 -36.28 23.34
CA ALA J 75 83.77 -37.62 23.16
C ALA J 75 82.68 -38.64 23.42
N VAL J 76 82.58 -39.62 22.52
CA VAL J 76 81.62 -40.71 22.64
C VAL J 76 82.35 -42.01 22.30
N VAL J 77 81.77 -43.12 22.76
CA VAL J 77 82.30 -44.44 22.47
C VAL J 77 81.31 -45.16 21.57
N TYR J 78 81.78 -45.60 20.41
CA TYR J 78 81.00 -46.42 19.49
C TYR J 78 81.80 -47.67 19.16
N GLY J 79 81.24 -48.83 19.51
CA GLY J 79 81.98 -50.07 19.32
C GLY J 79 83.22 -50.06 20.17
N SER J 80 84.36 -50.37 19.54
CA SER J 80 85.64 -50.44 20.24
C SER J 80 86.47 -49.18 20.05
N SER J 81 85.84 -48.03 19.79
CA SER J 81 86.56 -46.80 19.51
C SER J 81 85.90 -45.62 20.21
N MET J 82 86.70 -44.57 20.41
CA MET J 82 86.23 -43.30 20.93
C MET J 82 86.29 -42.24 19.84
N PHE J 83 85.26 -41.41 19.77
CA PHE J 83 85.15 -40.41 18.71
C PHE J 83 85.12 -39.02 19.34
N VAL J 84 86.12 -38.20 19.00
CA VAL J 84 86.23 -36.83 19.45
C VAL J 84 85.81 -35.91 18.32
N PHE J 85 84.98 -34.91 18.62
CA PHE J 85 84.52 -33.97 17.62
C PHE J 85 84.57 -32.55 18.17
N GLY J 86 84.92 -31.60 17.30
CA GLY J 86 84.86 -30.17 17.59
C GLY J 86 85.87 -29.72 18.63
N GLY J 87 85.64 -28.52 19.16
CA GLY J 87 86.46 -27.92 20.19
C GLY J 87 87.15 -26.66 19.70
N TYR J 88 88.00 -26.13 20.58
CA TYR J 88 88.67 -24.84 20.38
C TYR J 88 90.18 -25.07 20.37
N THR J 89 90.85 -24.67 19.28
CA THR J 89 92.26 -24.92 19.07
C THR J 89 93.00 -23.59 18.97
N GLY J 90 94.27 -23.60 19.35
CA GLY J 90 95.11 -22.42 19.21
C GLY J 90 96.11 -22.33 20.35
N ASP J 91 96.54 -21.10 20.63
CA ASP J 91 97.57 -20.80 21.63
C ASP J 91 96.97 -19.90 22.70
N ILE J 92 96.72 -20.46 23.88
CA ILE J 92 96.02 -19.74 24.93
C ILE J 92 96.87 -18.58 25.44
N TYR J 93 98.16 -18.80 25.68
CA TYR J 93 99.00 -17.78 26.32
C TYR J 93 99.13 -16.54 25.44
N SER J 94 99.39 -16.72 24.15
CA SER J 94 99.61 -15.62 23.25
C SER J 94 98.35 -15.16 22.50
N ASN J 95 97.22 -15.84 22.71
CA ASN J 95 95.95 -15.44 22.10
C ASN J 95 96.07 -15.36 20.58
N SER J 96 96.55 -16.44 19.98
CA SER J 96 96.81 -16.45 18.54
C SER J 96 96.39 -17.78 17.92
N ASN J 97 96.07 -17.72 16.63
CA ASN J 97 95.72 -18.90 15.84
C ASN J 97 94.56 -19.68 16.46
N LEU J 98 93.61 -18.96 17.04
CA LEU J 98 92.44 -19.56 17.68
C LEU J 98 91.33 -19.75 16.66
N LYS J 99 90.77 -20.96 16.63
CA LYS J 99 89.68 -21.29 15.72
C LYS J 99 88.88 -22.43 16.34
N ASN J 100 87.57 -22.39 16.12
CA ASN J 100 86.72 -23.53 16.44
C ASN J 100 86.91 -24.63 15.40
N LYS J 101 86.50 -25.85 15.76
CA LYS J 101 86.77 -26.99 14.92
C LYS J 101 85.48 -27.75 14.61
N ASN J 102 85.51 -28.47 13.49
CA ASN J 102 84.46 -29.41 13.11
C ASN J 102 85.07 -30.71 12.59
N ASP J 103 86.26 -31.05 13.06
CA ASP J 103 86.94 -32.26 12.65
C ASP J 103 86.47 -33.45 13.48
N LEU J 104 86.86 -34.64 13.04
CA LEU J 104 86.42 -35.88 13.67
C LEU J 104 87.61 -36.83 13.78
N PHE J 105 87.95 -37.21 15.01
CA PHE J 105 89.04 -38.15 15.27
C PHE J 105 88.50 -39.42 15.93
N GLU J 106 89.03 -40.55 15.50
CA GLU J 106 88.71 -41.85 16.07
C GLU J 106 89.93 -42.37 16.83
N TYR J 107 89.70 -42.88 18.03
CA TYR J 107 90.72 -43.54 18.83
C TYR J 107 90.34 -45.00 18.98
N LYS J 108 91.04 -45.87 18.27
CA LYS J 108 90.79 -47.31 18.38
C LYS J 108 91.37 -47.81 19.69
N PHE J 109 90.50 -48.39 20.52
CA PHE J 109 90.90 -48.80 21.86
C PHE J 109 91.85 -50.00 21.81
N ALA J 110 91.63 -50.91 20.86
CA ALA J 110 92.42 -52.14 20.81
C ALA J 110 93.87 -51.88 20.43
N THR J 111 94.12 -50.87 19.59
CA THR J 111 95.46 -50.60 19.11
C THR J 111 96.04 -49.27 19.60
N GLY J 112 95.23 -48.42 20.22
CA GLY J 112 95.72 -47.11 20.62
C GLY J 112 95.95 -46.17 19.46
N GLN J 113 95.30 -46.41 18.33
CA GLN J 113 95.56 -45.69 17.10
C GLN J 113 94.71 -44.42 17.02
N TRP J 114 95.36 -43.31 16.71
CA TRP J 114 94.68 -42.05 16.40
C TRP J 114 94.55 -41.94 14.89
N THR J 115 93.32 -42.02 14.39
CA THR J 115 93.03 -41.78 12.99
C THR J 115 92.02 -40.65 12.88
N GLU J 116 92.27 -39.72 11.96
CA GLU J 116 91.33 -38.66 11.67
C GLU J 116 90.38 -39.12 10.55
N TRP J 117 89.08 -39.01 10.81
CA TRP J 117 88.09 -39.30 9.77
C TRP J 117 87.97 -38.07 8.88
N LYS J 118 88.77 -38.05 7.82
CA LYS J 118 88.72 -36.97 6.84
C LYS J 118 87.46 -37.13 6.01
N ILE J 119 86.53 -36.19 6.15
CA ILE J 119 85.18 -36.32 5.63
C ILE J 119 85.00 -35.35 4.47
N GLU J 120 84.33 -35.81 3.42
CA GLU J 120 83.99 -35.00 2.26
C GLU J 120 82.54 -34.54 2.34
N GLY J 121 82.23 -33.51 1.56
CA GLY J 121 80.86 -33.01 1.54
C GLY J 121 80.62 -31.87 2.51
N ARG J 122 79.34 -31.56 2.68
CA ARG J 122 78.95 -30.47 3.58
C ARG J 122 79.23 -30.85 5.03
N LEU J 123 79.96 -29.96 5.72
CA LEU J 123 80.32 -30.15 7.11
C LEU J 123 79.41 -29.34 8.02
N PRO J 124 79.20 -29.78 9.26
CA PRO J 124 78.56 -28.92 10.24
C PRO J 124 79.48 -27.77 10.61
N VAL J 125 78.88 -26.64 10.98
CA VAL J 125 79.69 -25.46 11.29
C VAL J 125 80.57 -25.77 12.49
N ALA J 126 81.79 -25.24 12.47
CA ALA J 126 82.72 -25.46 13.57
C ALA J 126 82.15 -24.89 14.87
N ARG J 127 82.24 -25.67 15.94
CA ARG J 127 81.52 -25.32 17.16
C ARG J 127 82.27 -25.85 18.37
N SER J 128 81.89 -25.32 19.53
CA SER J 128 82.41 -25.76 20.82
C SER J 128 81.28 -25.79 21.83
N ALA J 129 81.52 -26.51 22.93
CA ALA J 129 80.57 -26.64 24.04
C ALA J 129 79.24 -27.26 23.61
N HIS J 130 79.24 -27.95 22.47
CA HIS J 130 78.06 -28.64 21.98
C HIS J 130 77.75 -29.86 22.84
N GLY J 131 76.58 -30.44 22.60
CA GLY J 131 76.23 -31.73 23.17
C GLY J 131 76.41 -32.83 22.14
N ALA J 132 76.73 -34.03 22.62
CA ALA J 132 76.95 -35.15 21.71
C ALA J 132 76.72 -36.47 22.44
N THR J 133 76.20 -37.45 21.70
CA THR J 133 76.02 -38.81 22.16
C THR J 133 76.03 -39.73 20.94
N VAL J 134 76.08 -41.03 21.20
CA VAL J 134 76.06 -42.05 20.16
C VAL J 134 74.72 -42.77 20.24
N TYR J 135 74.04 -42.87 19.10
CA TYR J 135 72.76 -43.58 19.04
C TYR J 135 72.54 -44.08 17.63
N SER J 136 72.07 -45.32 17.53
CA SER J 136 71.73 -45.95 16.25
C SER J 136 72.89 -45.91 15.25
N ASP J 137 74.06 -46.32 15.73
CA ASP J 137 75.27 -46.41 14.90
C ASP J 137 75.61 -45.08 14.25
N LYS J 138 75.27 -43.97 14.91
CA LYS J 138 75.51 -42.64 14.38
C LYS J 138 75.88 -41.71 15.53
N LEU J 139 76.73 -40.73 15.23
CA LEU J 139 77.06 -39.68 16.17
C LEU J 139 76.09 -38.51 16.02
N TRP J 140 75.50 -38.09 17.13
CA TRP J 140 74.56 -36.97 17.15
C TRP J 140 75.20 -35.81 17.90
N ILE J 141 75.29 -34.65 17.25
CA ILE J 141 75.79 -33.43 17.87
C ILE J 141 74.68 -32.38 17.80
N PHE J 142 74.60 -31.55 18.83
CA PHE J 142 73.48 -30.63 18.98
C PHE J 142 73.96 -29.32 19.60
N ALA J 143 73.54 -28.21 19.01
CA ALA J 143 73.77 -26.86 19.55
C ALA J 143 75.26 -26.54 19.67
N GLY J 144 75.60 -25.60 20.55
CA GLY J 144 76.97 -25.17 20.76
C GLY J 144 77.17 -23.72 20.39
N TYR J 145 78.43 -23.31 20.36
CA TYR J 145 78.85 -21.97 19.95
C TYR J 145 79.77 -22.06 18.74
N ASP J 146 79.47 -21.26 17.71
CA ASP J 146 80.15 -21.34 16.43
C ASP J 146 81.13 -20.20 16.16
N GLY J 147 81.18 -19.19 17.02
CA GLY J 147 82.02 -18.03 16.76
C GLY J 147 81.29 -16.71 16.86
N ASN J 148 80.05 -16.66 16.39
CA ASN J 148 79.23 -15.44 16.48
C ASN J 148 78.02 -15.59 17.37
N ALA J 149 77.43 -16.78 17.47
CA ALA J 149 76.21 -16.96 18.24
C ALA J 149 76.10 -18.41 18.67
N ARG J 150 75.18 -18.65 19.61
CA ARG J 150 74.86 -20.00 20.02
C ARG J 150 74.08 -20.71 18.91
N LEU J 151 74.03 -22.03 19.01
CA LEU J 151 73.41 -22.85 17.99
C LEU J 151 72.25 -23.64 18.57
N ASN J 152 71.34 -24.08 17.69
CA ASN J 152 70.29 -25.00 18.08
C ASN J 152 70.03 -26.05 16.99
N ASP J 153 70.96 -26.20 16.04
CA ASP J 153 70.85 -27.21 15.00
C ASP J 153 71.31 -28.57 15.54
N MET J 154 71.16 -29.60 14.72
CA MET J 154 71.52 -30.96 15.10
C MET J 154 71.95 -31.70 13.85
N TRP J 155 73.04 -32.45 13.93
CA TRP J 155 73.60 -33.16 12.81
C TRP J 155 73.91 -34.60 13.19
N THR J 156 73.91 -35.49 12.20
CA THR J 156 74.29 -36.88 12.37
C THR J 156 75.39 -37.24 11.39
N ILE J 157 76.16 -38.27 11.75
CA ILE J 157 77.17 -38.84 10.86
C ILE J 157 77.27 -40.33 11.17
N GLY J 158 77.16 -41.16 10.14
CA GLY J 158 77.27 -42.60 10.33
C GLY J 158 78.69 -42.98 10.72
N LEU J 159 78.81 -43.81 11.75
CA LEU J 159 80.11 -44.25 12.24
C LEU J 159 80.41 -45.71 11.88
N GLN J 160 79.76 -46.23 10.83
CA GLN J 160 79.92 -47.63 10.49
C GLN J 160 81.01 -47.87 9.45
N ASP J 161 81.12 -46.98 8.46
CA ASP J 161 82.08 -47.15 7.38
C ASP J 161 82.68 -45.77 7.07
N ARG J 162 83.98 -45.61 7.38
CA ARG J 162 84.64 -44.33 7.15
C ARG J 162 84.53 -43.90 5.69
N GLU J 163 84.63 -44.84 4.75
CA GLU J 163 84.66 -44.48 3.34
C GLU J 163 83.32 -43.97 2.84
N LEU J 164 82.23 -44.58 3.30
CA LEU J 164 80.87 -44.24 2.86
C LEU J 164 80.07 -43.61 4.00
N THR J 165 80.44 -42.40 4.36
CA THR J 165 79.69 -41.67 5.38
C THR J 165 79.91 -40.18 5.19
N CYS J 166 78.90 -39.41 5.59
CA CYS J 166 78.92 -37.96 5.49
C CYS J 166 77.98 -37.38 6.54
N TRP J 167 78.03 -36.06 6.68
CA TRP J 167 77.23 -35.37 7.67
C TRP J 167 75.84 -35.08 7.13
N GLU J 168 74.84 -35.11 8.02
CA GLU J 168 73.46 -34.79 7.67
C GLU J 168 72.83 -33.97 8.78
N GLU J 169 72.27 -32.82 8.43
CA GLU J 169 71.58 -32.00 9.42
C GLU J 169 70.17 -32.53 9.66
N VAL J 170 69.80 -32.62 10.93
CA VAL J 170 68.50 -33.18 11.33
C VAL J 170 67.45 -32.07 11.29
N ALA J 171 66.38 -32.31 10.53
CA ALA J 171 65.22 -31.42 10.52
C ALA J 171 64.44 -31.66 11.80
N GLN J 172 64.78 -30.92 12.84
CA GLN J 172 64.17 -31.11 14.14
C GLN J 172 62.74 -30.57 14.15
N SER J 173 61.91 -31.18 14.99
CA SER J 173 60.53 -30.76 15.18
C SER J 173 60.23 -30.72 16.67
N GLY J 174 59.08 -30.17 17.01
CA GLY J 174 58.72 -30.02 18.41
C GLY J 174 59.34 -28.77 19.00
N GLU J 175 59.39 -28.74 20.34
CA GLU J 175 59.92 -27.59 21.07
C GLU J 175 61.44 -27.72 21.16
N ILE J 176 62.10 -27.32 20.08
CA ILE J 176 63.57 -27.31 20.03
C ILE J 176 64.11 -26.46 21.17
N PRO J 177 65.09 -26.93 21.94
CA PRO J 177 65.62 -26.11 23.03
C PRO J 177 66.18 -24.82 22.49
N PRO J 178 66.06 -23.72 23.24
CA PRO J 178 66.69 -22.46 22.82
C PRO J 178 68.17 -22.65 22.64
N SER J 179 68.74 -21.87 21.70
CA SER J 179 70.16 -21.94 21.37
C SER J 179 71.03 -22.02 22.62
N CYS J 180 71.83 -23.08 22.71
CA CYS J 180 72.54 -23.40 23.95
C CYS J 180 73.97 -23.83 23.67
N CYS J 181 74.80 -23.71 24.70
CA CYS J 181 76.13 -24.29 24.75
C CYS J 181 76.46 -24.55 26.21
N ASN J 182 77.48 -25.39 26.43
CA ASN J 182 77.93 -25.75 27.78
C ASN J 182 76.80 -26.41 28.58
N PHE J 183 76.35 -27.55 28.08
CA PHE J 183 75.29 -28.33 28.70
C PHE J 183 75.61 -29.82 28.57
N PRO J 184 75.17 -30.63 29.52
CA PRO J 184 75.40 -32.07 29.42
C PRO J 184 74.25 -32.78 28.71
N VAL J 185 74.57 -33.96 28.18
CA VAL J 185 73.61 -34.77 27.42
C VAL J 185 73.72 -36.22 27.87
N ALA J 186 72.57 -36.85 28.11
CA ALA J 186 72.53 -38.26 28.46
C ALA J 186 71.38 -38.91 27.69
N VAL J 187 71.60 -40.15 27.23
CA VAL J 187 70.58 -40.92 26.56
C VAL J 187 70.01 -41.96 27.53
N CYS J 188 68.69 -41.99 27.65
CA CYS J 188 68.00 -42.97 28.47
C CYS J 188 66.70 -43.33 27.79
N ARG J 189 66.25 -44.58 28.00
CA ARG J 189 65.20 -45.18 27.19
C ARG J 189 65.63 -45.02 25.73
N ASP J 190 64.81 -44.47 24.86
CA ASP J 190 65.22 -44.14 23.50
C ASP J 190 65.07 -42.65 23.23
N LYS J 191 65.39 -41.82 24.22
CA LYS J 191 65.28 -40.38 24.10
C LYS J 191 66.57 -39.73 24.57
N MET J 192 66.87 -38.57 24.00
CA MET J 192 68.02 -37.76 24.39
C MET J 192 67.57 -36.61 25.28
N PHE J 193 68.32 -36.37 26.35
CA PHE J 193 67.93 -35.37 27.35
C PHE J 193 68.98 -34.27 27.45
N VAL J 194 68.50 -33.03 27.56
CA VAL J 194 69.33 -31.84 27.70
C VAL J 194 68.72 -30.98 28.79
N PHE J 195 69.53 -30.59 29.77
CA PHE J 195 69.06 -29.79 30.89
C PHE J 195 69.86 -28.51 30.97
N SER J 196 69.18 -27.36 30.93
CA SER J 196 69.75 -26.03 31.09
C SER J 196 70.93 -25.78 30.16
N GLY J 197 71.94 -25.06 30.64
CA GLY J 197 73.06 -24.65 29.82
C GLY J 197 73.10 -23.14 29.61
N GLN J 198 74.10 -22.71 28.85
CA GLN J 198 74.28 -21.30 28.50
C GLN J 198 73.46 -20.98 27.26
N SER J 199 72.33 -20.28 27.45
CA SER J 199 71.43 -19.91 26.37
C SER J 199 71.13 -18.42 26.36
N GLY J 200 72.00 -17.59 26.93
CA GLY J 200 71.80 -16.15 26.88
C GLY J 200 70.61 -15.72 27.69
N ALA J 201 69.73 -14.91 27.09
CA ALA J 201 68.56 -14.41 27.81
C ALA J 201 67.58 -15.52 28.14
N LYS J 202 67.62 -16.64 27.41
CA LYS J 202 66.74 -17.77 27.64
C LYS J 202 67.36 -18.84 28.54
N ILE J 203 68.29 -18.48 29.42
CA ILE J 203 68.89 -19.48 30.28
C ILE J 203 67.87 -19.88 31.34
N THR J 204 67.56 -21.17 31.41
CA THR J 204 66.54 -21.69 32.32
C THR J 204 66.98 -23.06 32.80
N ASN J 205 66.13 -23.68 33.63
CA ASN J 205 66.32 -25.03 34.13
C ASN J 205 65.33 -26.02 33.50
N ASN J 206 64.93 -25.79 32.25
CA ASN J 206 64.02 -26.70 31.56
C ASN J 206 64.72 -28.01 31.19
N LEU J 207 63.94 -29.09 31.18
CA LEU J 207 64.40 -30.40 30.76
C LEU J 207 63.76 -30.76 29.43
N PHE J 208 64.59 -31.06 28.44
CA PHE J 208 64.14 -31.40 27.10
C PHE J 208 64.37 -32.88 26.79
N GLN J 209 63.47 -33.43 25.98
CA GLN J 209 63.49 -34.85 25.64
C GLN J 209 63.37 -34.98 24.13
N PHE J 210 64.30 -35.71 23.53
CA PHE J 210 64.38 -35.85 22.07
C PHE J 210 64.18 -37.31 21.69
N GLU J 211 63.01 -37.63 21.13
CA GLU J 211 62.74 -38.97 20.64
C GLU J 211 63.39 -39.14 19.27
N PHE J 212 64.35 -40.06 19.17
CA PHE J 212 65.11 -40.21 17.93
C PHE J 212 64.22 -40.68 16.78
N LYS J 213 63.21 -41.50 17.06
CA LYS J 213 62.41 -42.08 15.99
C LYS J 213 61.80 -41.00 15.10
N ASP J 214 61.09 -40.05 15.70
CA ASP J 214 60.43 -38.98 14.96
C ASP J 214 61.21 -37.68 14.98
N LYS J 215 62.38 -37.65 15.62
CA LYS J 215 63.24 -36.47 15.67
C LYS J 215 62.47 -35.24 16.19
N THR J 216 61.81 -35.41 17.33
CA THR J 216 60.96 -34.37 17.89
C THR J 216 61.38 -34.07 19.32
N TRP J 217 61.42 -32.78 19.64
CA TRP J 217 61.75 -32.32 20.97
C TRP J 217 60.49 -32.06 21.78
N THR J 218 60.57 -32.30 23.08
CA THR J 218 59.46 -32.06 24.00
C THR J 218 60.04 -31.62 25.33
N ARG J 219 59.64 -30.44 25.78
CA ARG J 219 60.03 -29.94 27.09
C ARG J 219 59.18 -30.61 28.18
N ILE J 220 59.84 -31.37 29.05
CA ILE J 220 59.16 -32.09 30.13
C ILE J 220 58.42 -31.10 31.02
N PRO J 221 57.16 -31.38 31.41
CA PRO J 221 56.35 -30.46 32.24
C PRO J 221 57.01 -30.13 33.59
N SER J 229 55.78 -31.37 44.25
CA SER J 229 56.94 -32.12 43.80
C SER J 229 58.23 -31.32 44.02
N PRO J 230 59.34 -32.02 44.24
CA PRO J 230 60.63 -31.34 44.40
C PRO J 230 60.95 -30.47 43.21
N PRO J 231 61.56 -29.31 43.43
CA PRO J 231 61.82 -28.37 42.33
C PRO J 231 62.98 -28.85 41.47
N PRO J 232 63.07 -28.36 40.23
CA PRO J 232 64.23 -28.68 39.40
C PRO J 232 65.48 -28.01 39.93
N PRO J 233 66.66 -28.48 39.55
CA PRO J 233 67.90 -27.84 40.01
C PRO J 233 68.02 -26.44 39.47
N GLN J 234 68.82 -25.62 40.16
CA GLN J 234 69.04 -24.25 39.73
C GLN J 234 69.61 -24.23 38.32
N ARG J 235 69.21 -23.25 37.53
CA ARG J 235 69.78 -23.07 36.20
C ARG J 235 71.30 -22.94 36.29
N ARG J 236 71.99 -23.63 35.40
CA ARG J 236 73.45 -23.74 35.52
C ARG J 236 74.03 -24.07 34.15
N TYR J 237 75.37 -23.98 34.08
CA TYR J 237 76.12 -24.39 32.91
C TYR J 237 77.43 -25.01 33.36
N GLY J 238 77.98 -25.85 32.49
CA GLY J 238 79.19 -26.60 32.81
C GLY J 238 78.97 -27.77 33.74
N HIS J 239 77.74 -28.22 33.91
CA HIS J 239 77.41 -29.35 34.76
C HIS J 239 77.43 -30.66 33.97
N THR J 240 77.34 -31.77 34.69
CA THR J 240 77.31 -33.10 34.08
C THR J 240 75.95 -33.76 34.30
N MET J 241 75.61 -34.66 33.37
CA MET J 241 74.39 -35.45 33.47
C MET J 241 74.65 -36.80 32.84
N VAL J 242 74.39 -37.86 33.60
CA VAL J 242 74.57 -39.23 33.13
C VAL J 242 73.28 -40.01 33.35
N ALA J 243 73.11 -41.06 32.55
CA ALA J 243 71.94 -41.92 32.64
C ALA J 243 72.32 -43.28 33.22
N PHE J 244 71.51 -43.77 34.14
CA PHE J 244 71.70 -45.11 34.72
C PHE J 244 70.39 -45.58 35.31
N ASP J 245 69.92 -46.74 34.86
CA ASP J 245 68.73 -47.40 35.41
C ASP J 245 67.54 -46.44 35.47
N ARG J 246 67.12 -45.99 34.29
CA ARG J 246 65.95 -45.14 34.12
C ARG J 246 66.00 -43.88 34.99
N HIS J 247 67.19 -43.32 35.19
CA HIS J 247 67.37 -42.10 35.96
C HIS J 247 68.47 -41.25 35.34
N LEU J 248 68.35 -39.94 35.52
CA LEU J 248 69.35 -38.98 35.10
C LEU J 248 69.93 -38.31 36.33
N TYR J 249 71.27 -38.25 36.41
CA TYR J 249 71.95 -37.67 37.56
C TYR J 249 72.71 -36.43 37.12
N VAL J 250 72.34 -35.28 37.68
CA VAL J 250 72.97 -33.99 37.37
C VAL J 250 73.84 -33.59 38.54
N PHE J 251 75.06 -33.14 38.24
CA PHE J 251 76.00 -32.77 39.28
C PHE J 251 76.78 -31.53 38.86
N GLY J 252 77.03 -30.64 39.83
CA GLY J 252 77.98 -29.58 39.61
C GLY J 252 77.48 -28.45 38.72
N GLY J 253 78.45 -27.78 38.11
CA GLY J 253 78.20 -26.63 37.26
C GLY J 253 78.13 -25.32 38.04
N ALA J 254 78.24 -24.23 37.30
CA ALA J 254 78.14 -22.89 37.86
C ALA J 254 76.71 -22.40 37.73
N ALA J 255 76.06 -22.15 38.88
CA ALA J 255 74.66 -21.76 38.91
C ALA J 255 74.54 -20.41 39.60
N ASP J 256 74.34 -19.36 38.80
CA ASP J 256 74.17 -17.99 39.31
C ASP J 256 75.34 -17.57 40.19
N ASN J 257 76.55 -17.71 39.64
CA ASN J 257 77.79 -17.30 40.31
C ASN J 257 78.06 -18.10 41.59
N THR J 258 77.52 -19.31 41.68
CA THR J 258 77.77 -20.22 42.78
C THR J 258 78.16 -21.58 42.22
N LEU J 259 78.64 -22.46 43.10
CA LEU J 259 79.06 -23.82 42.75
C LEU J 259 78.36 -24.83 43.63
N PRO J 260 77.07 -25.09 43.38
CA PRO J 260 76.36 -26.08 44.20
C PRO J 260 76.95 -27.47 43.98
N ASN J 261 77.03 -28.24 45.06
CA ASN J 261 77.61 -29.57 45.03
C ASN J 261 76.61 -30.68 45.32
N GLU J 262 75.32 -30.39 45.32
CA GLU J 262 74.32 -31.43 45.49
C GLU J 262 74.18 -32.26 44.21
N LEU J 263 73.76 -33.50 44.39
CA LEU J 263 73.54 -34.42 43.27
C LEU J 263 72.03 -34.54 43.02
N HIS J 264 71.59 -34.09 41.85
CA HIS J 264 70.19 -34.09 41.48
C HIS J 264 69.87 -35.34 40.66
N CYS J 265 68.67 -35.89 40.86
CA CYS J 265 68.25 -37.11 40.18
C CYS J 265 66.85 -36.94 39.62
N TYR J 266 66.68 -37.28 38.34
CA TYR J 266 65.42 -37.16 37.63
C TYR J 266 64.95 -38.52 37.15
N ASP J 267 63.82 -38.99 37.67
CA ASP J 267 63.18 -40.21 37.17
C ASP J 267 62.55 -39.92 35.81
N VAL J 268 63.09 -40.56 34.76
CA VAL J 268 62.64 -40.26 33.40
C VAL J 268 61.19 -40.68 33.19
N ASP J 269 60.80 -41.85 33.71
CA ASP J 269 59.46 -42.37 33.45
C ASP J 269 58.40 -41.57 34.20
N PHE J 270 58.66 -41.23 35.45
CA PHE J 270 57.68 -40.58 36.31
C PHE J 270 57.80 -39.06 36.33
N GLN J 271 58.81 -38.51 35.66
CA GLN J 271 59.00 -37.07 35.54
C GLN J 271 59.07 -36.39 36.91
N THR J 272 59.97 -36.90 37.75
CA THR J 272 60.14 -36.40 39.11
C THR J 272 61.60 -36.06 39.37
N TRP J 273 61.84 -35.01 40.13
CA TRP J 273 63.17 -34.60 40.55
C TRP J 273 63.41 -34.96 42.02
N GLU J 274 64.68 -35.12 42.36
CA GLU J 274 65.06 -35.43 43.73
C GLU J 274 66.52 -35.03 43.93
N VAL J 275 66.86 -34.79 45.19
CA VAL J 275 68.24 -34.50 45.61
C VAL J 275 68.74 -35.74 46.33
N VAL J 276 69.82 -36.34 45.81
CA VAL J 276 70.31 -37.60 46.35
C VAL J 276 70.91 -37.39 47.72
N GLN J 277 70.50 -38.21 48.68
CA GLN J 277 71.00 -38.16 50.05
C GLN J 277 72.30 -38.93 50.15
N PRO J 278 73.42 -38.25 50.37
CA PRO J 278 74.69 -38.96 50.52
C PRO J 278 74.88 -39.50 51.93
N SER J 279 75.52 -40.65 52.03
CA SER J 279 75.71 -41.30 53.32
C SER J 279 76.57 -40.41 54.23
N SER J 280 76.53 -40.72 55.52
CA SER J 280 77.33 -39.95 56.48
C SER J 280 78.82 -40.16 56.24
N ASP J 281 79.20 -41.33 55.74
CA ASP J 281 80.59 -41.65 55.42
C ASP J 281 80.96 -41.28 53.99
N SER J 282 80.31 -40.28 53.40
CA SER J 282 80.59 -39.87 52.04
C SER J 282 81.63 -38.75 52.04
N GLU J 283 82.50 -38.75 51.04
CA GLU J 283 83.47 -37.68 50.87
C GLU J 283 82.93 -36.77 49.76
N LEU J 284 82.12 -35.80 50.16
CA LEU J 284 81.42 -34.93 49.23
C LEU J 284 82.42 -34.15 48.40
N PRO J 285 82.39 -34.27 47.07
CA PRO J 285 83.29 -33.46 46.25
C PRO J 285 82.86 -32.01 46.28
N SER J 286 83.85 -31.12 46.27
CA SER J 286 83.56 -29.70 46.28
C SER J 286 82.90 -29.30 44.97
N GLY J 287 82.15 -28.20 45.01
CA GLY J 287 81.52 -27.64 43.83
C GLY J 287 82.49 -27.37 42.71
N ARG J 288 82.14 -27.78 41.50
CA ARG J 288 83.01 -27.62 40.35
C ARG J 288 82.18 -27.50 39.08
N LEU J 289 82.82 -27.00 38.03
CA LEU J 289 82.20 -26.91 36.72
C LEU J 289 83.26 -27.27 35.67
N PHE J 290 82.77 -27.57 34.46
CA PHE J 290 83.60 -28.03 33.36
C PHE J 290 84.35 -29.30 33.70
N HIS J 291 83.82 -30.08 34.64
CA HIS J 291 84.33 -31.41 34.94
C HIS J 291 83.76 -32.40 33.93
N ALA J 292 83.82 -33.69 34.23
CA ALA J 292 83.28 -34.68 33.29
C ALA J 292 82.90 -35.94 34.05
N ALA J 293 81.91 -36.64 33.52
CA ALA J 293 81.32 -37.80 34.19
C ALA J 293 81.15 -38.95 33.23
N ALA J 294 81.29 -40.17 33.76
CA ALA J 294 80.99 -41.38 33.03
C ALA J 294 80.51 -42.44 34.00
N VAL J 295 79.97 -43.52 33.46
CA VAL J 295 79.38 -44.59 34.26
C VAL J 295 80.02 -45.92 33.89
N ILE J 296 80.43 -46.68 34.91
CA ILE J 296 80.93 -48.03 34.75
C ILE J 296 80.26 -48.89 35.81
N SER J 297 79.61 -49.97 35.38
CA SER J 297 78.80 -50.84 36.25
C SER J 297 77.79 -49.96 36.99
N ASP J 298 77.72 -50.05 38.32
CA ASP J 298 76.74 -49.27 39.09
C ASP J 298 77.42 -48.14 39.86
N ALA J 299 78.22 -47.32 39.20
CA ALA J 299 78.91 -46.23 39.87
C ALA J 299 79.15 -45.08 38.91
N MET J 300 79.06 -43.86 39.44
CA MET J 300 79.36 -42.64 38.70
C MET J 300 80.78 -42.20 39.03
N TYR J 301 81.45 -41.62 38.05
CA TYR J 301 82.83 -41.19 38.23
C TYR J 301 82.98 -39.75 37.75
N ILE J 302 83.50 -38.89 38.64
CA ILE J 302 83.72 -37.48 38.35
C ILE J 302 85.22 -37.23 38.31
N PHE J 303 85.69 -36.55 37.26
CA PHE J 303 87.09 -36.19 37.14
C PHE J 303 87.25 -34.73 36.78
N GLY J 304 88.25 -34.09 37.39
CA GLY J 304 88.67 -32.77 36.98
C GLY J 304 87.65 -31.68 37.29
N GLY J 305 87.73 -30.61 36.52
CA GLY J 305 86.84 -29.48 36.65
C GLY J 305 87.55 -28.27 37.23
N THR J 306 86.77 -27.23 37.49
CA THR J 306 87.26 -26.00 38.10
C THR J 306 86.52 -25.80 39.41
N VAL J 307 87.27 -25.77 40.51
CA VAL J 307 86.70 -25.54 41.83
C VAL J 307 86.74 -24.04 42.12
N ASP J 308 86.48 -23.66 43.35
CA ASP J 308 86.41 -22.24 43.71
C ASP J 308 87.71 -21.51 43.39
N ASN J 309 87.54 -20.23 43.04
CA ASN J 309 88.65 -19.32 42.77
C ASN J 309 89.45 -19.73 41.53
N ASN J 310 88.77 -20.32 40.54
CA ASN J 310 89.36 -20.67 39.24
C ASN J 310 90.59 -21.56 39.40
N ILE J 311 90.44 -22.62 40.21
CA ILE J 311 91.51 -23.58 40.49
C ILE J 311 91.20 -24.86 39.73
N ARG J 312 92.14 -25.29 38.89
CA ARG J 312 91.98 -26.57 38.20
C ARG J 312 92.17 -27.73 39.18
N SER J 313 91.46 -28.83 38.92
CA SER J 313 91.43 -29.97 39.82
C SER J 313 91.82 -31.24 39.09
N GLY J 314 92.45 -32.16 39.81
CA GLY J 314 92.77 -33.47 39.28
C GLY J 314 92.15 -34.59 40.10
N GLU J 315 91.24 -34.24 41.00
CA GLU J 315 90.61 -35.23 41.86
C GLU J 315 89.66 -36.13 41.09
N MET J 316 89.52 -37.37 41.56
CA MET J 316 88.62 -38.35 41.00
C MET J 316 87.73 -38.88 42.11
N TYR J 317 86.42 -38.65 41.98
CA TYR J 317 85.44 -39.08 42.97
C TYR J 317 84.51 -40.12 42.35
N ARG J 318 84.02 -41.02 43.20
CA ARG J 318 83.08 -42.04 42.77
C ARG J 318 81.86 -42.00 43.69
N PHE J 319 80.68 -41.87 43.10
CA PHE J 319 79.43 -41.95 43.83
C PHE J 319 78.76 -43.25 43.42
N GLN J 320 78.50 -44.12 44.40
CA GLN J 320 77.90 -45.42 44.14
C GLN J 320 76.42 -45.27 43.81
N PHE J 321 76.06 -45.58 42.56
CA PHE J 321 74.69 -45.49 42.09
C PHE J 321 73.81 -46.57 42.70
N SER J 322 74.24 -47.16 43.80
CA SER J 322 73.55 -48.28 44.44
C SER J 322 73.41 -49.46 43.48
PB GDP K . -96.05 10.38 -26.86
O1B GDP K . -95.47 9.31 -25.97
O2B GDP K . -95.73 11.76 -26.37
O3B GDP K . -95.73 10.19 -28.31
O3A GDP K . -97.64 10.28 -26.71
PA GDP K . -98.86 10.56 -27.70
O1A GDP K . -99.97 11.19 -26.92
O2A GDP K . -98.35 11.28 -28.90
O5' GDP K . -99.26 9.07 -28.10
C5' GDP K . -98.96 8.64 -29.44
C4' GDP K . -100.07 7.76 -29.94
O4' GDP K . -100.55 6.91 -28.86
C3' GDP K . -101.31 8.48 -30.48
O3' GDP K . -101.83 7.82 -31.63
C2' GDP K . -102.29 8.39 -29.32
O2' GDP K . -103.64 8.47 -29.73
C1' GDP K . -101.94 7.02 -28.77
N9 GDP K . -102.33 6.83 -27.37
C8 GDP K . -101.79 7.45 -26.28
N7 GDP K . -102.33 7.06 -25.15
C5 GDP K . -103.28 6.13 -25.52
C6 GDP K . -104.18 5.37 -24.73
O6 GDP K . -104.31 5.38 -23.50
N1 GDP K . -104.96 4.54 -25.53
C2 GDP K . -104.90 4.43 -26.89
N2 GDP K . -105.75 3.57 -27.47
N3 GDP K . -104.06 5.15 -27.64
C4 GDP K . -103.29 5.97 -26.89
MG MG L . -95.59 13.55 -27.42
C FMT M . -105.84 8.93 -5.85
O1 FMT M . -106.81 9.28 -6.53
O2 FMT M . -104.71 8.77 -6.28
PB GDP N . -37.62 36.14 -19.84
O1B GDP N . -36.35 35.86 -20.59
O2B GDP N . -38.69 35.12 -20.09
O3B GDP N . -37.39 36.40 -18.38
O3A GDP N . -38.17 37.51 -20.45
PA GDP N . -39.67 37.97 -20.79
O1A GDP N . -40.18 37.14 -21.91
O2A GDP N . -40.45 38.01 -19.52
O5' GDP N . -39.39 39.45 -21.29
C5' GDP N . -38.74 40.34 -20.36
C4' GDP N . -38.92 41.77 -20.83
O4' GDP N . -38.37 41.90 -22.17
C3' GDP N . -40.36 42.27 -20.92
O3' GDP N . -40.46 43.63 -20.51
C2' GDP N . -40.70 42.12 -22.40
O2' GDP N . -41.70 43.01 -22.83
C1' GDP N . -39.35 42.46 -23.03
N9 GDP N . -39.15 41.87 -24.34
C8 GDP N . -39.08 40.54 -24.66
N7 GDP N . -38.89 40.31 -25.94
C5 GDP N . -38.85 41.58 -26.51
C6 GDP N . -38.66 41.97 -27.85
O6 GDP N . -38.51 41.25 -28.84
N1 GDP N . -38.67 43.36 -27.99
C2 GDP N . -38.83 44.26 -26.96
N2 GDP N . -38.82 45.56 -27.30
N3 GDP N . -39.01 43.90 -25.69
C4 GDP N . -39.00 42.55 -25.54
MG MG O . -40.17 33.15 -18.31
C1 MLA P . -44.29 30.54 17.75
O1A MLA P . -43.26 30.29 17.08
O1B MLA P . -45.43 30.10 17.50
C2 MLA P . -44.16 31.44 18.97
C3 MLA P . -44.68 32.86 18.65
O3A MLA P . -43.82 33.68 18.25
O3B MLA P . -45.89 33.09 18.82
PB GDP Q . -16.59 -11.65 17.72
O1B GDP Q . -15.70 -11.47 18.91
O2B GDP Q . -16.61 -10.44 16.82
O3B GDP Q . -16.33 -12.92 16.97
O3A GDP Q . -18.07 -11.79 18.32
PA GDP Q . -19.44 -11.03 17.99
O1A GDP Q . -19.25 -9.58 18.22
O2A GDP Q . -19.92 -11.49 16.66
O5' GDP Q . -20.37 -11.66 19.12
C5' GDP Q . -20.51 -13.09 19.13
C4' GDP Q . -21.73 -13.47 19.93
O4' GDP Q . -21.67 -12.85 21.24
C3' GDP Q . -23.08 -13.06 19.34
O3' GDP Q . -24.07 -14.03 19.62
C2' GDP Q . -23.38 -11.75 20.07
O2' GDP Q . -24.76 -11.47 20.14
C1' GDP Q . -22.81 -12.06 21.45
N9 GDP Q . -22.39 -10.87 22.20
C8 GDP Q . -21.40 -10.00 21.85
N7 GDP Q . -21.25 -9.03 22.73
C5 GDP Q . -22.20 -9.29 23.70
C6 GDP Q . -22.52 -8.59 24.88
O6 GDP Q . -21.98 -7.56 25.32
N1 GDP Q . -23.55 -9.20 25.58
C2 GDP Q . -24.21 -10.34 25.19
N2 GDP Q . -25.19 -10.77 25.99
N3 GDP Q . -23.93 -11.01 24.07
C4 GDP Q . -22.92 -10.43 23.38
MG MG R . -16.69 -10.91 14.42
C1 MLA S . -16.44 10.70 28.59
O1A MLA S . -15.34 10.60 29.17
O1B MLA S . -17.14 11.73 28.49
C2 MLA S . -17.01 9.44 27.91
C3 MLA S . -16.43 8.18 28.56
O3A MLA S . -15.34 7.77 28.09
O3B MLA S . -17.05 7.66 29.51
PB GDP T . 38.04 -16.58 -14.51
O1B GDP T . 39.04 -17.69 -14.67
O2B GDP T . 37.58 -16.40 -13.10
O3B GDP T . 38.50 -15.30 -15.14
O3A GDP T . 36.73 -17.04 -15.32
PA GDP T . 35.73 -16.27 -16.31
O1A GDP T . 34.43 -17.00 -16.32
O2A GDP T . 35.72 -14.83 -15.97
O5' GDP T . 36.47 -16.49 -17.70
C5' GDP T . 36.84 -15.30 -18.44
C4' GDP T . 36.23 -15.34 -19.82
O4' GDP T . 36.29 -16.70 -20.33
C3' GDP T . 34.76 -14.92 -19.92
O3' GDP T . 34.55 -14.06 -21.04
C2' GDP T . 34.02 -16.24 -20.10
O2' GDP T . 32.83 -16.07 -20.86
C1' GDP T . 35.05 -17.06 -20.88
N9 GDP T . 34.89 -18.49 -20.73
C8 GDP T . 35.05 -19.22 -19.58
N7 GDP T . 34.85 -20.51 -19.75
C5 GDP T . 34.53 -20.62 -21.09
C6 GDP T . 34.21 -21.78 -21.85
O6 GDP T . 34.15 -22.95 -21.47
N1 GDP T . 33.95 -21.44 -23.18
C2 GDP T . 34.00 -20.18 -23.71
N2 GDP T . 33.72 -20.07 -25.01
N3 GDP T . 34.30 -19.10 -23.01
C4 GDP T . 34.55 -19.39 -21.71
MG MG U . 37.46 -14.87 -12.35
C ACT V . 28.95 -37.34 -12.61
O ACT V . 28.79 -37.80 -11.44
OXT ACT V . 30.00 -37.32 -13.31
CH3 ACT V . 27.68 -36.73 -13.29
C1 MLA W . 45.45 17.44 2.65
O1A MLA W . 45.43 18.31 1.75
O1B MLA W . 46.46 17.11 3.32
C2 MLA W . 44.16 16.70 2.97
C3 MLA W . 43.21 17.59 3.78
O3A MLA W . 43.43 17.66 5.00
O3B MLA W . 42.29 18.18 3.17
PB GDP X . 75.01 -5.57 35.98
O1B GDP X . 76.33 -4.88 36.16
O2B GDP X . 74.64 -5.80 34.54
O3B GDP X . 74.89 -6.82 36.82
O3A GDP X . 73.91 -4.55 36.58
PA GDP X . 72.49 -4.05 36.04
O1A GDP X . 72.66 -3.56 34.63
O2A GDP X . 71.48 -5.11 36.31
O5' GDP X . 72.23 -2.81 37.01
C5' GDP X . 72.06 -3.06 38.42
C4' GDP X . 71.23 -1.97 39.04
O4' GDP X . 71.88 -0.69 38.80
C3' GDP X . 69.80 -1.83 38.49
O3' GDP X . 68.87 -1.64 39.55
C2' GDP X . 69.88 -0.59 37.59
O2' GDP X . 68.66 0.11 37.51
C1' GDP X . 70.95 0.23 38.29
N9 GDP X . 71.66 1.15 37.41
C8 GDP X . 72.42 0.79 36.32
N7 GDP X . 72.95 1.82 35.71
C5 GDP X . 72.50 2.93 36.43
C6 GDP X . 72.75 4.31 36.23
O6 GDP X . 73.44 4.83 35.36
N1 GDP X . 72.11 5.08 37.21
C2 GDP X . 71.34 4.59 38.23
N2 GDP X . 70.81 5.50 39.05
N3 GDP X . 71.10 3.29 38.41
C4 GDP X . 71.71 2.52 37.48
MG MG Y . 74.09 -8.37 33.27
#